data_2B3Z
#
_entry.id   2B3Z
#
_cell.length_a   87.322
_cell.length_b   108.450
_cell.length_c   186.977
_cell.angle_alpha   90.00
_cell.angle_beta   90.00
_cell.angle_gamma   90.00
#
_symmetry.space_group_name_H-M   'P 21 21 21'
#
loop_
_entity.id
_entity.type
_entity.pdbx_description
1 polymer 'Riboflavin biosynthesis protein ribD'
2 non-polymer 'ZINC ION'
3 water water
#
_entity_poly.entity_id   1
_entity_poly.type   'polypeptide(L)'
_entity_poly.pdbx_seq_one_letter_code
;MRGSHHHHHHGSMEEYYMKLALDLAKQGEGQTESNPLVGAVVVKDGQIVGMGAHLKYGEAHAEVHAIHMAGAHAEGADIY
VTLEPCSHYGKTPPCAELIINSGIKRVFVAMRDPNPLVAGRGISMMKEAGIEVREGILADQAERLNEKFLHFMRTGLPYV
TLKAAASLDGKIATSTGDSKWITSEAARQDAQQYRKTHQSILVGVGTVKADNPSLTCRLPNVTKQPVRVILDTVLSIPED
AKVICDQIAPTWIFTTARADEEKKKRLSAFGVNIFTLETERIQIPDVLKILAEEGIMSVYVEGGSAVHGSFVKEGCFQEI
IFYFAPKLIGGTHAPSLISGEGFQSMKDVPLLQFTDITQIGRDIKLTAKPTKE
;
_entity_poly.pdbx_strand_id   A,B,C,D
#
loop_
_chem_comp.id
_chem_comp.type
_chem_comp.name
_chem_comp.formula
ZN non-polymer 'ZINC ION' 'Zn 2'
#
# COMPACT_ATOMS: atom_id res chain seq x y z
N MET A 13 17.27 -14.08 12.35
CA MET A 13 17.94 -15.17 11.57
C MET A 13 17.48 -16.55 12.05
N GLU A 14 17.23 -16.68 13.34
CA GLU A 14 16.73 -17.94 13.87
C GLU A 14 15.36 -18.12 13.20
N GLU A 15 14.66 -17.00 13.02
CA GLU A 15 13.33 -16.99 12.41
C GLU A 15 13.41 -17.28 10.91
N TYR A 16 14.50 -16.86 10.30
CA TYR A 16 14.64 -17.10 8.87
C TYR A 16 14.61 -18.59 8.59
N TYR A 17 15.34 -19.33 9.41
CA TYR A 17 15.41 -20.78 9.28
C TYR A 17 14.08 -21.40 9.72
N MET A 18 13.55 -21.01 10.88
CA MET A 18 12.27 -21.55 11.32
C MET A 18 11.19 -21.28 10.25
N LYS A 19 11.23 -20.13 9.60
CA LYS A 19 10.26 -19.83 8.55
C LYS A 19 10.42 -20.78 7.37
N LEU A 20 11.67 -21.08 7.04
CA LEU A 20 11.92 -22.02 5.95
C LEU A 20 11.27 -23.33 6.41
N ALA A 21 11.52 -23.68 7.65
CA ALA A 21 10.95 -24.90 8.22
C ALA A 21 9.43 -24.96 8.03
N LEU A 22 8.75 -23.87 8.41
CA LEU A 22 7.30 -23.78 8.26
C LEU A 22 6.84 -23.91 6.79
N ASP A 23 7.57 -23.31 5.86
CA ASP A 23 7.21 -23.39 4.44
C ASP A 23 7.39 -24.79 3.90
N LEU A 24 8.36 -25.49 4.45
CA LEU A 24 8.62 -26.85 4.04
C LEU A 24 7.48 -27.74 4.55
N ALA A 25 7.06 -27.51 5.78
CA ALA A 25 6.00 -28.32 6.35
C ALA A 25 4.76 -28.22 5.47
N LYS A 26 4.42 -27.01 5.03
CA LYS A 26 3.26 -26.78 4.19
C LYS A 26 3.19 -27.63 2.91
N GLN A 27 4.32 -28.13 2.41
CA GLN A 27 4.29 -28.94 1.18
C GLN A 27 3.65 -30.30 1.39
N GLY A 28 3.45 -30.69 2.64
CA GLY A 28 2.84 -31.98 2.89
C GLY A 28 1.34 -31.88 3.14
N GLU A 29 0.81 -30.67 3.25
CA GLU A 29 -0.61 -30.49 3.53
C GLU A 29 -1.50 -31.45 2.75
N GLY A 30 -2.28 -32.24 3.49
CA GLY A 30 -3.19 -33.19 2.87
C GLY A 30 -2.56 -34.43 2.26
N GLN A 31 -1.53 -34.95 2.92
CA GLN A 31 -0.85 -36.13 2.44
C GLN A 31 -0.45 -36.92 3.69
N THR A 32 -0.76 -36.32 4.83
CA THR A 32 -0.43 -36.90 6.11
C THR A 32 -1.65 -37.43 6.86
N GLU A 33 -2.81 -37.38 6.22
CA GLU A 33 -4.04 -37.86 6.88
C GLU A 33 -4.16 -37.14 8.22
N SER A 34 -4.15 -37.94 9.28
CA SER A 34 -4.26 -37.43 10.64
C SER A 34 -2.92 -37.00 11.27
N ASN A 35 -1.81 -37.19 10.55
CA ASN A 35 -0.50 -36.80 11.08
C ASN A 35 -0.23 -35.30 10.89
N PRO A 36 0.51 -34.69 11.83
CA PRO A 36 0.80 -33.27 11.72
C PRO A 36 1.85 -32.94 10.66
N LEU A 37 1.75 -31.74 10.10
CA LEU A 37 2.72 -31.26 9.12
C LEU A 37 3.93 -30.80 9.96
N VAL A 38 5.13 -31.12 9.49
CA VAL A 38 6.35 -30.75 10.21
C VAL A 38 7.49 -30.41 9.25
N GLY A 39 8.25 -29.37 9.59
CA GLY A 39 9.36 -28.98 8.74
C GLY A 39 10.65 -29.01 9.54
N ALA A 40 11.76 -29.36 8.89
CA ALA A 40 13.07 -29.42 9.57
C ALA A 40 14.19 -28.88 8.68
N VAL A 41 15.08 -28.08 9.26
CA VAL A 41 16.20 -27.54 8.48
C VAL A 41 17.51 -27.67 9.26
N VAL A 42 18.50 -28.28 8.61
CA VAL A 42 19.80 -28.51 9.20
C VAL A 42 20.82 -27.47 8.72
N VAL A 43 21.29 -26.66 9.63
CA VAL A 43 22.26 -25.63 9.29
C VAL A 43 23.60 -25.98 9.92
N LYS A 44 24.68 -25.97 9.13
CA LYS A 44 25.98 -26.31 9.70
C LYS A 44 26.87 -25.10 10.02
N ASP A 45 27.61 -24.58 9.04
CA ASP A 45 28.47 -23.42 9.29
C ASP A 45 27.85 -22.22 8.57
N GLY A 46 26.61 -21.90 8.92
CA GLY A 46 25.93 -20.81 8.26
C GLY A 46 25.34 -21.29 6.96
N GLN A 47 25.48 -22.59 6.66
CA GLN A 47 24.96 -23.18 5.42
C GLN A 47 23.82 -24.23 5.59
N ILE A 48 22.79 -24.11 4.76
CA ILE A 48 21.67 -25.04 4.79
C ILE A 48 22.12 -26.36 4.17
N VAL A 49 22.27 -27.39 5.00
CA VAL A 49 22.73 -28.70 4.52
C VAL A 49 21.66 -29.76 4.43
N GLY A 50 20.48 -29.47 4.97
CA GLY A 50 19.40 -30.42 4.89
C GLY A 50 18.06 -29.76 5.13
N MET A 51 17.04 -30.27 4.43
CA MET A 51 15.68 -29.76 4.54
C MET A 51 14.74 -30.96 4.52
N GLY A 52 13.67 -30.90 5.30
CA GLY A 52 12.73 -32.00 5.33
C GLY A 52 11.32 -31.59 5.74
N ALA A 53 10.37 -32.37 5.28
CA ALA A 53 8.98 -32.14 5.62
C ALA A 53 8.35 -33.52 5.72
N HIS A 54 7.22 -33.61 6.44
CA HIS A 54 6.51 -34.86 6.53
C HIS A 54 5.54 -34.85 5.36
N LEU A 55 5.85 -35.65 4.35
CA LEU A 55 5.07 -35.69 3.11
C LEU A 55 4.04 -36.82 2.93
N LYS A 56 4.24 -37.96 3.58
CA LYS A 56 3.31 -39.08 3.44
C LYS A 56 2.92 -39.72 4.78
N TYR A 57 1.62 -40.03 4.92
CA TYR A 57 1.13 -40.68 6.13
C TYR A 57 1.92 -41.95 6.44
N GLY A 58 2.20 -42.17 7.73
CA GLY A 58 2.93 -43.35 8.16
C GLY A 58 4.30 -43.50 7.54
N GLU A 59 4.79 -42.44 6.93
CA GLU A 59 6.11 -42.52 6.34
C GLU A 59 7.03 -41.53 7.07
N ALA A 60 8.31 -41.54 6.70
CA ALA A 60 9.34 -40.72 7.33
C ALA A 60 8.91 -39.37 7.83
N HIS A 61 9.45 -38.99 8.98
CA HIS A 61 9.18 -37.68 9.55
C HIS A 61 10.15 -36.66 8.96
N ALA A 62 9.80 -35.39 9.07
CA ALA A 62 10.62 -34.30 8.54
C ALA A 62 12.07 -34.39 8.99
N GLU A 63 12.30 -34.66 10.27
CA GLU A 63 13.66 -34.75 10.78
C GLU A 63 14.43 -35.86 10.09
N VAL A 64 13.74 -36.97 9.80
CA VAL A 64 14.42 -38.08 9.14
C VAL A 64 14.92 -37.68 7.76
N HIS A 65 14.09 -36.96 7.01
CA HIS A 65 14.51 -36.52 5.68
C HIS A 65 15.64 -35.50 5.77
N ALA A 66 15.45 -34.49 6.61
CA ALA A 66 16.46 -33.45 6.78
C ALA A 66 17.83 -33.98 7.25
N ILE A 67 17.84 -34.92 8.19
CA ILE A 67 19.10 -35.48 8.70
C ILE A 67 19.82 -36.27 7.62
N HIS A 68 19.08 -37.12 6.91
CA HIS A 68 19.68 -37.92 5.86
C HIS A 68 20.34 -37.05 4.79
N MET A 69 19.61 -36.03 4.34
CA MET A 69 20.13 -35.13 3.33
C MET A 69 21.40 -34.44 3.85
N ALA A 70 21.45 -34.14 5.14
CA ALA A 70 22.61 -33.46 5.72
C ALA A 70 23.87 -34.31 5.71
N GLY A 71 23.69 -35.63 5.72
CA GLY A 71 24.83 -36.53 5.72
C GLY A 71 25.83 -36.16 6.80
N ALA A 72 27.11 -36.28 6.45
CA ALA A 72 28.19 -35.97 7.37
C ALA A 72 28.06 -34.58 8.02
N HIS A 73 27.45 -33.63 7.30
CA HIS A 73 27.28 -32.28 7.81
C HIS A 73 26.47 -32.13 9.08
N ALA A 74 25.63 -33.12 9.39
CA ALA A 74 24.83 -33.08 10.60
C ALA A 74 25.73 -32.85 11.81
N GLU A 75 26.91 -33.47 11.79
CA GLU A 75 27.90 -33.34 12.87
C GLU A 75 28.18 -31.90 13.23
N GLY A 76 27.92 -31.53 14.47
CA GLY A 76 28.18 -30.16 14.89
C GLY A 76 27.12 -29.14 14.50
N ALA A 77 26.19 -29.54 13.64
CA ALA A 77 25.14 -28.63 13.16
C ALA A 77 23.99 -28.25 14.11
N ASP A 78 23.16 -27.33 13.62
CA ASP A 78 21.96 -26.87 14.32
C ASP A 78 20.82 -27.45 13.48
N ILE A 79 19.64 -27.61 14.09
CA ILE A 79 18.47 -28.09 13.34
C ILE A 79 17.23 -27.39 13.87
N TYR A 80 16.39 -26.95 12.94
CA TYR A 80 15.15 -26.26 13.28
C TYR A 80 13.99 -27.18 12.90
N VAL A 81 13.08 -27.37 13.84
CA VAL A 81 11.93 -28.24 13.68
C VAL A 81 10.75 -27.45 14.19
N THR A 82 9.66 -27.52 13.45
CA THR A 82 8.47 -26.76 13.76
C THR A 82 7.61 -27.37 14.86
N LEU A 83 7.87 -28.63 15.18
CA LEU A 83 7.13 -29.34 16.23
C LEU A 83 8.14 -30.23 17.01
N GLU A 84 7.99 -30.33 18.32
CA GLU A 84 8.91 -31.15 19.14
C GLU A 84 9.14 -32.51 18.52
N PRO A 85 10.40 -32.90 18.34
CA PRO A 85 10.71 -34.21 17.75
C PRO A 85 10.18 -35.40 18.59
N CYS A 86 9.46 -36.32 17.95
CA CYS A 86 8.91 -37.48 18.64
C CYS A 86 10.00 -38.12 19.50
N SER A 87 9.58 -38.72 20.60
CA SER A 87 10.42 -39.34 21.60
C SER A 87 10.01 -40.76 22.06
N HIS A 88 9.04 -41.37 21.39
CA HIS A 88 8.63 -42.72 21.77
C HIS A 88 9.39 -43.71 20.89
N TYR A 89 9.56 -44.93 21.41
CA TYR A 89 10.25 -46.01 20.70
C TYR A 89 9.25 -46.98 20.07
N GLY A 90 9.08 -46.84 18.76
CA GLY A 90 8.18 -47.68 17.99
C GLY A 90 9.06 -48.53 17.10
N LYS A 91 8.60 -48.81 15.88
CA LYS A 91 9.39 -49.62 14.96
C LYS A 91 10.81 -49.10 14.76
N THR A 92 10.95 -47.78 14.60
CA THR A 92 12.28 -47.18 14.40
C THR A 92 12.53 -46.25 15.56
N PRO A 93 13.80 -45.89 15.77
CA PRO A 93 14.16 -44.99 16.86
C PRO A 93 13.45 -43.67 16.64
N PRO A 94 13.12 -42.96 17.72
CA PRO A 94 12.45 -41.66 17.70
C PRO A 94 13.38 -40.57 17.14
N CYS A 95 12.79 -39.51 16.56
CA CYS A 95 13.60 -38.43 16.00
C CYS A 95 14.57 -37.78 17.00
N ALA A 96 14.14 -37.55 18.24
CA ALA A 96 15.04 -36.98 19.23
C ALA A 96 16.32 -37.85 19.31
N GLU A 97 16.14 -39.17 19.27
CA GLU A 97 17.29 -40.07 19.31
C GLU A 97 18.10 -39.97 18.01
N LEU A 98 17.40 -39.83 16.88
CA LEU A 98 18.03 -39.70 15.58
C LEU A 98 18.90 -38.46 15.62
N ILE A 99 18.37 -37.40 16.20
CA ILE A 99 19.12 -36.16 16.31
C ILE A 99 20.36 -36.38 17.18
N ILE A 100 20.17 -36.93 18.38
CA ILE A 100 21.29 -37.20 19.28
C ILE A 100 22.40 -37.91 18.52
N ASN A 101 22.07 -39.04 17.92
CA ASN A 101 23.09 -39.82 17.23
C ASN A 101 23.75 -39.16 16.04
N SER A 102 23.09 -38.21 15.40
CA SER A 102 23.69 -37.58 14.24
C SER A 102 24.75 -36.54 14.59
N GLY A 103 24.82 -36.14 15.86
CA GLY A 103 25.81 -35.16 16.29
C GLY A 103 25.37 -33.71 16.35
N ILE A 104 24.09 -33.45 16.06
CA ILE A 104 23.55 -32.09 16.11
C ILE A 104 23.88 -31.53 17.49
N LYS A 105 24.31 -30.28 17.55
CA LYS A 105 24.66 -29.70 18.84
C LYS A 105 23.62 -28.74 19.37
N ARG A 106 22.79 -28.21 18.49
CA ARG A 106 21.76 -27.29 18.93
C ARG A 106 20.46 -27.54 18.19
N VAL A 107 19.36 -27.49 18.93
CA VAL A 107 18.05 -27.72 18.36
C VAL A 107 17.12 -26.54 18.62
N PHE A 108 16.43 -26.08 17.58
CA PHE A 108 15.47 -24.98 17.71
C PHE A 108 14.05 -25.54 17.43
N VAL A 109 13.23 -25.59 18.47
CA VAL A 109 11.88 -26.13 18.36
C VAL A 109 10.81 -25.05 18.52
N ALA A 110 9.96 -24.92 17.52
CA ALA A 110 8.88 -23.94 17.54
C ALA A 110 7.90 -24.14 18.70
N MET A 111 7.44 -25.38 18.90
CA MET A 111 6.46 -25.66 19.95
C MET A 111 6.53 -27.12 20.45
N ARG A 112 6.01 -27.34 21.66
CA ARG A 112 6.00 -28.67 22.27
C ARG A 112 4.88 -29.54 21.75
N ASP A 113 5.00 -30.85 21.93
CA ASP A 113 3.98 -31.81 21.51
C ASP A 113 2.66 -31.41 22.20
N PRO A 114 1.52 -31.59 21.52
CA PRO A 114 0.28 -31.20 22.18
C PRO A 114 -0.14 -32.21 23.25
N ASN A 115 0.29 -33.46 23.09
CA ASN A 115 -0.06 -34.46 24.07
C ASN A 115 0.60 -34.16 25.40
N PRO A 116 -0.17 -34.18 26.50
CA PRO A 116 0.37 -33.89 27.83
C PRO A 116 1.32 -34.99 28.32
N LEU A 117 1.08 -36.21 27.85
CA LEU A 117 1.92 -37.34 28.23
C LEU A 117 3.29 -37.25 27.56
N VAL A 118 3.37 -36.55 26.43
CA VAL A 118 4.62 -36.44 25.66
C VAL A 118 5.40 -35.12 25.76
N ALA A 119 4.68 -34.00 25.84
CA ALA A 119 5.28 -32.67 25.90
C ALA A 119 6.55 -32.52 26.75
N GLY A 120 7.62 -32.04 26.12
CA GLY A 120 8.86 -31.84 26.83
C GLY A 120 9.74 -33.07 26.85
N ARG A 121 9.14 -34.24 26.59
CA ARG A 121 9.86 -35.51 26.61
C ARG A 121 11.02 -35.49 25.59
N GLY A 122 10.72 -35.14 24.34
CA GLY A 122 11.78 -35.07 23.34
C GLY A 122 12.80 -34.01 23.73
N ILE A 123 12.32 -32.84 24.14
CA ILE A 123 13.23 -31.77 24.56
C ILE A 123 14.26 -32.30 25.58
N SER A 124 13.77 -32.75 26.73
CA SER A 124 14.62 -33.24 27.79
C SER A 124 15.56 -34.35 27.34
N MET A 125 15.06 -35.22 26.48
CA MET A 125 15.81 -36.33 25.95
C MET A 125 17.08 -35.83 25.26
N MET A 126 16.93 -34.79 24.44
CA MET A 126 18.04 -34.20 23.69
C MET A 126 18.97 -33.39 24.63
N LYS A 127 18.39 -32.61 25.53
CA LYS A 127 19.23 -31.84 26.43
C LYS A 127 20.13 -32.84 27.15
N GLU A 128 19.54 -33.96 27.53
CA GLU A 128 20.25 -35.00 28.24
C GLU A 128 21.37 -35.64 27.43
N ALA A 129 21.64 -35.11 26.25
CA ALA A 129 22.71 -35.69 25.45
C ALA A 129 23.78 -34.64 25.17
N GLY A 130 23.59 -33.45 25.75
CA GLY A 130 24.54 -32.36 25.55
C GLY A 130 23.96 -31.24 24.71
N ILE A 131 23.17 -31.62 23.72
CA ILE A 131 22.51 -30.69 22.80
C ILE A 131 21.80 -29.55 23.52
N GLU A 132 21.98 -28.35 22.97
CA GLU A 132 21.34 -27.15 23.50
C GLU A 132 19.99 -27.04 22.79
N VAL A 133 18.93 -26.76 23.54
CA VAL A 133 17.57 -26.66 22.97
C VAL A 133 16.86 -25.33 23.27
N ARG A 134 16.58 -24.56 22.22
CA ARG A 134 15.87 -23.28 22.36
C ARG A 134 14.44 -23.46 21.84
N GLU A 135 13.45 -22.97 22.59
CA GLU A 135 12.05 -23.14 22.20
C GLU A 135 11.27 -21.84 21.98
N GLY A 136 10.13 -21.94 21.28
CA GLY A 136 9.29 -20.76 21.06
C GLY A 136 9.37 -19.98 19.76
N ILE A 137 10.47 -20.13 19.03
CA ILE A 137 10.65 -19.42 17.77
C ILE A 137 9.51 -19.65 16.79
N LEU A 138 8.75 -18.60 16.51
CA LEU A 138 7.62 -18.63 15.59
C LEU A 138 6.48 -19.54 16.02
N ALA A 139 6.29 -19.66 17.33
CA ALA A 139 5.24 -20.50 17.90
C ALA A 139 3.83 -20.31 17.31
N ASP A 140 3.41 -19.05 17.20
CA ASP A 140 2.09 -18.72 16.63
C ASP A 140 1.87 -19.39 15.27
N GLN A 141 2.86 -19.23 14.40
CA GLN A 141 2.79 -19.80 13.06
C GLN A 141 2.84 -21.32 13.14
N ALA A 142 3.69 -21.84 14.03
CA ALA A 142 3.78 -23.28 14.17
C ALA A 142 2.40 -23.76 14.60
N GLU A 143 1.72 -22.88 15.33
CA GLU A 143 0.39 -23.18 15.85
C GLU A 143 -0.67 -23.19 14.76
N ARG A 144 -0.70 -22.13 13.96
CA ARG A 144 -1.66 -22.01 12.87
C ARG A 144 -1.45 -23.14 11.90
N LEU A 145 -0.20 -23.54 11.75
CA LEU A 145 0.11 -24.63 10.83
C LEU A 145 -0.77 -25.88 11.02
N ASN A 146 -0.84 -26.40 12.25
CA ASN A 146 -1.63 -27.60 12.53
C ASN A 146 -2.80 -27.34 13.46
N GLU A 147 -3.39 -26.16 13.32
CA GLU A 147 -4.51 -25.73 14.16
C GLU A 147 -5.61 -26.79 14.41
N LYS A 148 -6.02 -27.50 13.37
CA LYS A 148 -7.05 -28.51 13.55
C LYS A 148 -6.50 -29.68 14.33
N PHE A 149 -5.36 -30.20 13.88
CA PHE A 149 -4.70 -31.30 14.54
C PHE A 149 -4.39 -30.93 15.99
N LEU A 150 -3.88 -29.72 16.20
CA LEU A 150 -3.55 -29.27 17.53
C LEU A 150 -4.74 -29.31 18.47
N HIS A 151 -5.88 -28.78 18.02
CA HIS A 151 -7.11 -28.76 18.82
C HIS A 151 -7.57 -30.19 19.08
N PHE A 152 -7.49 -31.03 18.06
CA PHE A 152 -7.92 -32.42 18.19
C PHE A 152 -7.15 -33.18 19.26
N MET A 153 -5.83 -32.99 19.27
CA MET A 153 -4.99 -33.67 20.23
C MET A 153 -5.16 -33.13 21.63
N ARG A 154 -5.41 -31.83 21.77
CA ARG A 154 -5.58 -31.22 23.09
C ARG A 154 -6.92 -31.45 23.78
N THR A 155 -7.96 -31.76 23.00
CA THR A 155 -9.30 -31.96 23.59
C THR A 155 -9.88 -33.33 23.29
N GLY A 156 -9.36 -34.00 22.27
CA GLY A 156 -9.90 -35.30 21.92
C GLY A 156 -11.17 -35.18 21.11
N LEU A 157 -11.49 -33.97 20.64
CA LEU A 157 -12.68 -33.75 19.80
C LEU A 157 -12.27 -33.12 18.48
N PRO A 158 -12.99 -33.43 17.40
CA PRO A 158 -12.61 -32.83 16.13
C PRO A 158 -12.78 -31.30 16.13
N TYR A 159 -11.99 -30.64 15.28
CA TYR A 159 -12.09 -29.18 15.13
C TYR A 159 -13.34 -28.97 14.26
N VAL A 160 -14.30 -28.21 14.76
CA VAL A 160 -15.52 -27.96 14.01
C VAL A 160 -15.67 -26.57 13.42
N THR A 161 -16.02 -26.51 12.15
CA THR A 161 -16.25 -25.21 11.51
C THR A 161 -17.69 -25.24 11.07
N LEU A 162 -18.44 -24.21 11.42
CA LEU A 162 -19.82 -24.19 10.98
C LEU A 162 -19.85 -23.17 9.82
N LYS A 163 -20.56 -23.49 8.74
CA LYS A 163 -20.64 -22.55 7.62
C LYS A 163 -22.04 -22.50 7.05
N ALA A 164 -22.46 -21.30 6.65
CA ALA A 164 -23.77 -21.08 6.09
C ALA A 164 -23.79 -19.84 5.19
N ALA A 165 -24.79 -19.77 4.33
CA ALA A 165 -24.94 -18.66 3.41
C ALA A 165 -26.33 -18.12 3.62
N ALA A 166 -26.42 -16.80 3.70
CA ALA A 166 -27.70 -16.17 3.92
C ALA A 166 -27.85 -14.86 3.21
N SER A 167 -29.05 -14.31 3.30
CA SER A 167 -29.33 -13.02 2.73
C SER A 167 -28.81 -12.06 3.79
N LEU A 168 -28.73 -10.78 3.46
CA LEU A 168 -28.23 -9.78 4.39
C LEU A 168 -29.06 -9.66 5.66
N ASP A 169 -30.33 -10.08 5.60
CA ASP A 169 -31.22 -10.01 6.77
C ASP A 169 -31.26 -11.32 7.55
N GLY A 170 -30.31 -12.21 7.23
CA GLY A 170 -30.18 -13.48 7.94
C GLY A 170 -31.03 -14.67 7.49
N LYS A 171 -31.55 -14.64 6.27
CA LYS A 171 -32.36 -15.77 5.84
C LYS A 171 -31.56 -16.70 4.93
N ILE A 172 -31.81 -18.00 5.07
CA ILE A 172 -31.13 -19.00 4.26
C ILE A 172 -32.06 -19.49 3.15
N ALA A 173 -33.28 -18.95 3.13
CA ALA A 173 -34.27 -19.28 2.11
C ALA A 173 -35.50 -18.41 2.33
N THR A 174 -36.39 -18.35 1.34
CA THR A 174 -37.63 -17.58 1.48
C THR A 174 -38.57 -18.43 2.35
N SER A 175 -39.79 -17.94 2.54
CA SER A 175 -40.82 -18.63 3.31
C SER A 175 -41.29 -19.89 2.58
N THR A 176 -41.02 -19.98 1.29
CA THR A 176 -41.39 -21.19 0.58
C THR A 176 -40.22 -22.19 0.45
N GLY A 177 -39.10 -21.92 1.12
CA GLY A 177 -37.99 -22.86 1.04
C GLY A 177 -37.04 -22.65 -0.13
N ASP A 178 -37.32 -21.64 -0.95
CA ASP A 178 -36.50 -21.28 -2.10
C ASP A 178 -35.17 -20.63 -1.65
N SER A 179 -34.06 -21.21 -2.08
CA SER A 179 -32.75 -20.68 -1.72
C SER A 179 -31.93 -20.53 -2.99
N LYS A 180 -32.59 -20.56 -4.14
CA LYS A 180 -31.85 -20.38 -5.40
C LYS A 180 -31.28 -18.97 -5.39
N TRP A 181 -30.03 -18.85 -5.83
CA TRP A 181 -29.34 -17.55 -5.92
C TRP A 181 -29.12 -16.78 -4.61
N ILE A 182 -28.95 -17.46 -3.48
CA ILE A 182 -28.69 -16.72 -2.25
C ILE A 182 -27.18 -16.45 -2.17
N THR A 183 -26.35 -17.35 -2.70
CA THR A 183 -24.91 -17.13 -2.72
C THR A 183 -24.42 -17.10 -4.16
N SER A 184 -23.43 -16.27 -4.43
CA SER A 184 -22.83 -16.12 -5.73
C SER A 184 -21.85 -17.26 -5.95
N GLU A 185 -21.55 -17.55 -7.22
CA GLU A 185 -20.63 -18.62 -7.57
C GLU A 185 -19.27 -18.42 -6.90
N ALA A 186 -18.89 -17.15 -6.74
CA ALA A 186 -17.63 -16.80 -6.12
C ALA A 186 -17.63 -17.25 -4.67
N ALA A 187 -18.72 -16.98 -3.97
CA ALA A 187 -18.81 -17.37 -2.57
C ALA A 187 -18.81 -18.89 -2.47
N ARG A 188 -19.57 -19.57 -3.34
CA ARG A 188 -19.58 -21.03 -3.30
C ARG A 188 -18.18 -21.61 -3.57
N GLN A 189 -17.42 -20.99 -4.48
CA GLN A 189 -16.09 -21.48 -4.81
C GLN A 189 -15.15 -21.26 -3.64
N ASP A 190 -15.32 -20.13 -2.95
CA ASP A 190 -14.48 -19.84 -1.79
C ASP A 190 -14.81 -20.80 -0.65
N ALA A 191 -16.09 -21.14 -0.48
CA ALA A 191 -16.48 -22.07 0.58
C ALA A 191 -15.96 -23.46 0.28
N GLN A 192 -15.83 -23.77 -1.01
CA GLN A 192 -15.33 -25.08 -1.42
C GLN A 192 -13.92 -25.37 -0.86
N GLN A 193 -13.16 -24.34 -0.51
CA GLN A 193 -11.82 -24.57 0.06
C GLN A 193 -11.88 -25.40 1.38
N TYR A 194 -12.91 -25.19 2.21
CA TYR A 194 -13.01 -25.92 3.46
C TYR A 194 -13.29 -27.40 3.23
N ARG A 195 -13.84 -27.74 2.07
CA ARG A 195 -14.11 -29.15 1.82
C ARG A 195 -12.78 -29.86 1.60
N LYS A 196 -11.71 -29.08 1.52
CA LYS A 196 -10.38 -29.66 1.33
C LYS A 196 -9.57 -29.67 2.62
N THR A 197 -9.80 -28.69 3.51
CA THR A 197 -9.10 -28.58 4.78
C THR A 197 -9.75 -29.35 5.93
N HIS A 198 -10.91 -29.94 5.70
CA HIS A 198 -11.55 -30.72 6.77
C HIS A 198 -11.65 -32.16 6.33
N GLN A 199 -11.64 -33.07 7.29
CA GLN A 199 -11.70 -34.48 6.94
C GLN A 199 -13.12 -34.98 6.71
N SER A 200 -14.11 -34.21 7.12
CA SER A 200 -15.49 -34.63 6.91
C SER A 200 -16.41 -33.44 6.70
N ILE A 201 -17.54 -33.66 6.02
CA ILE A 201 -18.54 -32.63 5.74
C ILE A 201 -19.82 -33.15 6.36
N LEU A 202 -20.50 -32.30 7.13
CA LEU A 202 -21.68 -32.75 7.81
C LEU A 202 -22.95 -31.89 7.61
N VAL A 203 -24.08 -32.57 7.47
CA VAL A 203 -25.38 -31.94 7.32
C VAL A 203 -26.46 -32.85 7.90
N GLY A 204 -27.66 -32.29 8.10
CA GLY A 204 -28.77 -33.08 8.58
C GLY A 204 -29.49 -33.66 7.37
N VAL A 205 -30.33 -34.67 7.56
CA VAL A 205 -31.04 -35.26 6.43
C VAL A 205 -31.91 -34.26 5.68
N GLY A 206 -32.28 -33.19 6.37
CA GLY A 206 -33.11 -32.16 5.79
C GLY A 206 -32.46 -31.58 4.54
N THR A 207 -31.16 -31.32 4.63
CA THR A 207 -30.39 -30.78 3.52
C THR A 207 -30.40 -31.76 2.35
N VAL A 208 -30.21 -33.04 2.65
CA VAL A 208 -30.27 -34.05 1.61
C VAL A 208 -31.67 -34.10 0.95
N LYS A 209 -32.72 -34.03 1.74
CA LYS A 209 -34.06 -34.07 1.16
C LYS A 209 -34.38 -32.82 0.33
N ALA A 210 -33.99 -31.64 0.81
CA ALA A 210 -34.28 -30.39 0.10
C ALA A 210 -33.37 -30.10 -1.08
N ASP A 211 -32.06 -30.29 -0.91
CA ASP A 211 -31.10 -29.99 -1.95
C ASP A 211 -30.38 -31.12 -2.67
N ASN A 212 -30.39 -32.32 -2.11
CA ASN A 212 -29.73 -33.47 -2.73
C ASN A 212 -28.32 -33.13 -3.18
N PRO A 213 -27.52 -32.52 -2.30
CA PRO A 213 -26.14 -32.15 -2.65
C PRO A 213 -25.20 -33.37 -2.59
N SER A 214 -24.09 -33.32 -3.33
CA SER A 214 -23.10 -34.39 -3.34
C SER A 214 -22.12 -34.11 -2.18
N LEU A 215 -22.04 -32.84 -1.78
CA LEU A 215 -21.20 -32.46 -0.67
C LEU A 215 -19.73 -32.79 -0.93
N THR A 216 -19.33 -32.83 -2.19
CA THR A 216 -17.96 -33.15 -2.51
C THR A 216 -17.03 -31.96 -2.73
N CYS A 217 -15.73 -32.25 -2.73
CA CYS A 217 -14.73 -31.22 -2.98
C CYS A 217 -14.46 -31.23 -4.48
N ARG A 218 -14.75 -30.13 -5.15
CA ARG A 218 -14.58 -30.04 -6.60
C ARG A 218 -13.56 -29.01 -7.04
N LEU A 219 -12.58 -28.73 -6.17
CA LEU A 219 -11.51 -27.77 -6.46
C LEU A 219 -10.55 -28.31 -7.54
N PRO A 220 -9.49 -27.54 -7.88
CA PRO A 220 -8.49 -27.91 -8.89
C PRO A 220 -7.95 -29.32 -8.71
N ASN A 221 -6.84 -29.47 -7.99
CA ASN A 221 -6.29 -30.80 -7.79
C ASN A 221 -6.95 -31.40 -6.55
N VAL A 222 -8.17 -31.91 -6.72
CA VAL A 222 -8.89 -32.48 -5.59
C VAL A 222 -8.61 -33.97 -5.53
N THR A 223 -7.59 -34.36 -4.79
CA THR A 223 -7.29 -35.78 -4.68
C THR A 223 -8.32 -36.39 -3.74
N LYS A 224 -7.94 -36.56 -2.48
CA LYS A 224 -8.83 -37.15 -1.49
C LYS A 224 -10.17 -36.42 -1.30
N GLN A 225 -11.20 -37.19 -0.97
CA GLN A 225 -12.52 -36.62 -0.72
C GLN A 225 -12.84 -36.79 0.76
N PRO A 226 -13.46 -35.78 1.37
CA PRO A 226 -13.81 -35.87 2.79
C PRO A 226 -14.99 -36.85 3.04
N VAL A 227 -15.10 -37.35 4.27
CA VAL A 227 -16.19 -38.25 4.62
C VAL A 227 -17.47 -37.43 4.70
N ARG A 228 -18.55 -37.93 4.12
CA ARG A 228 -19.82 -37.21 4.17
C ARG A 228 -20.65 -37.77 5.32
N VAL A 229 -20.92 -36.91 6.29
CA VAL A 229 -21.65 -37.31 7.49
C VAL A 229 -23.06 -36.76 7.50
N ILE A 230 -24.06 -37.63 7.54
CA ILE A 230 -25.44 -37.17 7.56
C ILE A 230 -26.12 -37.49 8.91
N LEU A 231 -26.82 -36.51 9.50
CA LEU A 231 -27.53 -36.80 10.75
C LEU A 231 -28.96 -37.11 10.35
N ASP A 232 -29.36 -38.37 10.56
CA ASP A 232 -30.67 -38.86 10.15
C ASP A 232 -31.34 -39.70 11.25
N THR A 233 -31.97 -39.04 12.22
CA THR A 233 -32.64 -39.69 13.33
C THR A 233 -33.40 -40.98 13.05
N VAL A 234 -34.38 -40.87 12.17
CA VAL A 234 -35.26 -41.97 11.80
C VAL A 234 -34.81 -42.70 10.53
N LEU A 235 -33.66 -42.32 10.00
CA LEU A 235 -33.17 -42.95 8.78
C LEU A 235 -34.21 -42.75 7.68
N SER A 236 -34.64 -41.51 7.48
CA SER A 236 -35.63 -41.23 6.45
C SER A 236 -35.01 -40.69 5.16
N ILE A 237 -33.69 -40.78 5.05
CA ILE A 237 -32.98 -40.30 3.89
C ILE A 237 -33.44 -41.00 2.62
N PRO A 238 -33.53 -40.27 1.49
CA PRO A 238 -33.94 -40.85 0.21
C PRO A 238 -32.86 -41.82 -0.27
N GLU A 239 -33.26 -43.04 -0.62
CA GLU A 239 -32.29 -44.03 -1.04
C GLU A 239 -31.61 -43.70 -2.38
N ASP A 240 -32.16 -42.78 -3.14
CA ASP A 240 -31.53 -42.43 -4.41
C ASP A 240 -30.71 -41.14 -4.37
N ALA A 241 -30.49 -40.61 -3.18
CA ALA A 241 -29.72 -39.37 -3.06
C ALA A 241 -28.29 -39.58 -3.59
N LYS A 242 -27.68 -38.51 -4.08
CA LYS A 242 -26.32 -38.58 -4.57
C LYS A 242 -25.38 -39.17 -3.52
N VAL A 243 -25.52 -38.68 -2.30
CA VAL A 243 -24.70 -39.09 -1.18
C VAL A 243 -24.72 -40.63 -0.93
N ILE A 244 -25.75 -41.28 -1.44
CA ILE A 244 -25.89 -42.73 -1.28
C ILE A 244 -25.53 -43.45 -2.56
N CYS A 245 -25.70 -42.78 -3.70
CA CYS A 245 -25.46 -43.42 -4.98
C CYS A 245 -24.26 -43.05 -5.82
N ASP A 246 -23.69 -41.85 -5.65
CA ASP A 246 -22.56 -41.48 -6.50
C ASP A 246 -21.19 -42.15 -6.26
N GLN A 247 -20.99 -42.80 -5.12
CA GLN A 247 -19.74 -43.49 -4.77
C GLN A 247 -18.50 -42.64 -4.83
N ILE A 248 -18.68 -41.34 -4.93
CA ILE A 248 -17.56 -40.43 -5.01
C ILE A 248 -16.77 -40.27 -3.70
N ALA A 249 -17.46 -40.40 -2.58
CA ALA A 249 -16.82 -40.23 -1.29
C ALA A 249 -17.52 -41.12 -0.31
N PRO A 250 -16.85 -41.44 0.81
CA PRO A 250 -17.46 -42.29 1.83
C PRO A 250 -18.68 -41.56 2.37
N THR A 251 -19.68 -42.30 2.79
CA THR A 251 -20.85 -41.68 3.35
C THR A 251 -21.18 -42.39 4.66
N TRP A 252 -21.31 -41.63 5.72
CA TRP A 252 -21.63 -42.21 7.01
C TRP A 252 -22.91 -41.62 7.55
N ILE A 253 -23.74 -42.43 8.19
CA ILE A 253 -24.97 -41.93 8.75
C ILE A 253 -25.19 -42.28 10.23
N PHE A 254 -25.72 -41.29 10.98
CA PHE A 254 -26.05 -41.47 12.38
C PHE A 254 -27.58 -41.47 12.56
N THR A 255 -28.11 -42.58 13.08
CA THR A 255 -29.54 -42.73 13.35
C THR A 255 -29.68 -43.17 14.79
N THR A 256 -30.90 -43.57 15.12
CA THR A 256 -31.22 -44.06 16.44
C THR A 256 -31.88 -45.43 16.26
N ALA A 257 -32.37 -46.00 17.36
CA ALA A 257 -33.02 -47.29 17.28
C ALA A 257 -34.26 -47.30 16.37
N ARG A 258 -34.84 -46.13 16.10
CA ARG A 258 -36.04 -46.09 15.24
C ARG A 258 -35.75 -46.38 13.77
N ALA A 259 -34.47 -46.49 13.41
CA ALA A 259 -34.13 -46.78 12.03
C ALA A 259 -34.63 -48.18 11.64
N ASP A 260 -34.94 -48.38 10.37
CA ASP A 260 -35.42 -49.67 9.87
C ASP A 260 -34.22 -50.59 9.49
N GLU A 261 -34.20 -51.79 10.06
CA GLU A 261 -33.11 -52.74 9.81
C GLU A 261 -32.93 -53.09 8.36
N GLU A 262 -34.03 -53.35 7.66
CA GLU A 262 -33.95 -53.69 6.26
C GLU A 262 -33.37 -52.53 5.44
N LYS A 263 -33.75 -51.30 5.80
CA LYS A 263 -33.21 -50.15 5.08
C LYS A 263 -31.71 -50.05 5.36
N LYS A 264 -31.30 -50.20 6.61
CA LYS A 264 -29.86 -50.15 6.92
C LYS A 264 -29.13 -51.17 6.01
N LYS A 265 -29.66 -52.40 5.91
CA LYS A 265 -29.04 -53.39 5.04
C LYS A 265 -28.84 -52.87 3.63
N ARG A 266 -29.91 -52.40 3.00
CA ARG A 266 -29.84 -51.90 1.62
C ARG A 266 -28.76 -50.84 1.45
N LEU A 267 -28.70 -49.89 2.39
CA LEU A 267 -27.72 -48.84 2.34
C LEU A 267 -26.30 -49.32 2.59
N SER A 268 -26.12 -50.23 3.55
CA SER A 268 -24.77 -50.75 3.79
C SER A 268 -24.28 -51.41 2.51
N ALA A 269 -25.21 -51.99 1.75
CA ALA A 269 -24.88 -52.65 0.50
C ALA A 269 -24.33 -51.64 -0.48
N PHE A 270 -24.70 -50.37 -0.28
CA PHE A 270 -24.24 -49.30 -1.14
C PHE A 270 -22.94 -48.73 -0.57
N GLY A 271 -22.43 -49.39 0.46
CA GLY A 271 -21.17 -48.96 1.07
C GLY A 271 -21.30 -47.90 2.12
N VAL A 272 -22.53 -47.54 2.46
CA VAL A 272 -22.79 -46.53 3.47
C VAL A 272 -22.52 -47.16 4.83
N ASN A 273 -21.86 -46.46 5.74
CA ASN A 273 -21.61 -47.03 7.06
C ASN A 273 -22.59 -46.32 7.98
N ILE A 274 -23.34 -47.10 8.74
CA ILE A 274 -24.35 -46.54 9.62
C ILE A 274 -24.01 -46.72 11.09
N PHE A 275 -24.12 -45.64 11.85
CA PHE A 275 -23.87 -45.69 13.29
C PHE A 275 -25.21 -45.48 13.98
N THR A 276 -25.64 -46.48 14.75
CA THR A 276 -26.91 -46.41 15.47
C THR A 276 -26.67 -45.94 16.91
N LEU A 277 -27.09 -44.72 17.24
CA LEU A 277 -26.91 -44.20 18.61
C LEU A 277 -27.93 -44.80 19.57
N GLU A 278 -27.59 -44.87 20.85
CA GLU A 278 -28.50 -45.45 21.84
C GLU A 278 -29.50 -44.45 22.46
N THR A 279 -29.44 -43.18 22.06
CA THR A 279 -30.37 -42.19 22.60
C THR A 279 -31.58 -42.03 21.70
N GLU A 280 -32.58 -41.28 22.13
CA GLU A 280 -33.74 -41.14 21.27
C GLU A 280 -33.58 -39.95 20.32
N ARG A 281 -32.65 -39.07 20.66
CA ARG A 281 -32.35 -37.93 19.81
C ARG A 281 -30.86 -37.94 19.61
N ILE A 282 -30.40 -37.46 18.47
CA ILE A 282 -28.99 -37.41 18.17
C ILE A 282 -28.34 -36.31 18.97
N GLN A 283 -27.29 -36.64 19.72
CA GLN A 283 -26.57 -35.64 20.52
C GLN A 283 -25.27 -35.29 19.79
N ILE A 284 -25.08 -34.02 19.42
CA ILE A 284 -23.86 -33.65 18.73
C ILE A 284 -22.62 -34.11 19.52
N PRO A 285 -22.63 -33.98 20.85
CA PRO A 285 -21.45 -34.44 21.60
C PRO A 285 -21.16 -35.91 21.35
N ASP A 286 -22.20 -36.72 21.18
CA ASP A 286 -22.01 -38.16 20.91
C ASP A 286 -21.34 -38.41 19.57
N VAL A 287 -21.85 -37.76 18.53
CA VAL A 287 -21.32 -37.92 17.18
C VAL A 287 -19.90 -37.40 17.06
N LEU A 288 -19.57 -36.33 17.76
CA LEU A 288 -18.21 -35.81 17.68
C LEU A 288 -17.23 -36.80 18.31
N LYS A 289 -17.66 -37.41 19.41
CA LYS A 289 -16.85 -38.39 20.12
C LYS A 289 -16.65 -39.64 19.26
N ILE A 290 -17.70 -40.08 18.55
CA ILE A 290 -17.58 -41.25 17.69
C ILE A 290 -16.72 -40.98 16.47
N LEU A 291 -16.77 -39.75 15.94
CA LEU A 291 -15.96 -39.40 14.78
C LEU A 291 -14.47 -39.35 15.16
N ALA A 292 -14.17 -38.82 16.34
CA ALA A 292 -12.77 -38.77 16.79
C ALA A 292 -12.25 -40.20 16.93
N GLU A 293 -13.06 -41.07 17.51
CA GLU A 293 -12.67 -42.46 17.70
C GLU A 293 -12.39 -43.12 16.36
N GLU A 294 -12.96 -42.54 15.30
CA GLU A 294 -12.75 -43.09 13.97
C GLU A 294 -11.55 -42.40 13.35
N GLY A 295 -11.01 -41.42 14.05
CA GLY A 295 -9.85 -40.70 13.54
C GLY A 295 -10.19 -39.47 12.70
N ILE A 296 -11.41 -38.96 12.84
CA ILE A 296 -11.82 -37.78 12.09
C ILE A 296 -11.46 -36.61 12.98
N MET A 297 -10.46 -35.83 12.57
CA MET A 297 -10.00 -34.70 13.36
C MET A 297 -10.62 -33.37 13.02
N SER A 298 -11.53 -33.36 12.05
CA SER A 298 -12.18 -32.10 11.67
C SER A 298 -13.54 -32.26 10.99
N VAL A 299 -14.42 -31.30 11.23
CA VAL A 299 -15.74 -31.37 10.65
C VAL A 299 -16.21 -30.03 10.11
N TYR A 300 -16.53 -30.03 8.82
CA TYR A 300 -17.03 -28.85 8.12
C TYR A 300 -18.56 -29.07 8.20
N VAL A 301 -19.23 -28.34 9.06
CA VAL A 301 -20.67 -28.52 9.21
C VAL A 301 -21.37 -27.43 8.40
N GLU A 302 -21.96 -27.79 7.29
CA GLU A 302 -22.53 -26.71 6.52
C GLU A 302 -24.01 -26.57 6.44
N GLY A 303 -24.76 -27.37 7.16
CA GLY A 303 -26.17 -27.19 6.96
C GLY A 303 -27.25 -27.73 7.85
N GLY A 304 -28.31 -26.91 7.84
CA GLY A 304 -29.49 -27.12 8.61
C GLY A 304 -29.40 -26.09 9.72
N SER A 305 -30.34 -25.16 9.73
CA SER A 305 -30.33 -24.17 10.79
C SER A 305 -30.43 -24.94 12.12
N ALA A 306 -31.27 -25.97 12.20
CA ALA A 306 -31.36 -26.72 13.46
C ALA A 306 -30.06 -27.42 13.81
N VAL A 307 -29.40 -28.03 12.84
CA VAL A 307 -28.12 -28.70 13.10
C VAL A 307 -27.12 -27.66 13.63
N HIS A 308 -27.08 -26.50 12.97
CA HIS A 308 -26.20 -25.44 13.44
C HIS A 308 -26.64 -25.00 14.84
N GLY A 309 -27.95 -25.10 15.11
CA GLY A 309 -28.49 -24.72 16.40
C GLY A 309 -27.93 -25.57 17.55
N SER A 310 -27.84 -26.87 17.33
CA SER A 310 -27.32 -27.78 18.34
C SER A 310 -25.82 -27.57 18.60
N PHE A 311 -25.03 -27.36 17.54
CA PHE A 311 -23.59 -27.17 17.72
C PHE A 311 -23.29 -25.92 18.54
N VAL A 312 -24.03 -24.86 18.26
CA VAL A 312 -23.87 -23.60 18.96
C VAL A 312 -24.30 -23.84 20.40
N LYS A 313 -25.55 -24.27 20.58
CA LYS A 313 -26.10 -24.52 21.91
C LYS A 313 -25.12 -25.29 22.80
N GLU A 314 -24.59 -26.40 22.28
CA GLU A 314 -23.64 -27.24 23.02
C GLU A 314 -22.26 -26.64 23.16
N GLY A 315 -21.98 -25.61 22.37
CA GLY A 315 -20.67 -24.98 22.40
C GLY A 315 -19.62 -25.86 21.71
N CYS A 316 -20.05 -26.63 20.71
CA CYS A 316 -19.15 -27.52 19.98
C CYS A 316 -18.54 -27.01 18.68
N PHE A 317 -18.10 -25.76 18.63
CA PHE A 317 -17.52 -25.27 17.39
C PHE A 317 -16.34 -24.37 17.64
N GLN A 318 -15.41 -24.35 16.69
CA GLN A 318 -14.21 -23.53 16.84
C GLN A 318 -14.18 -22.36 15.84
N GLU A 319 -15.02 -22.43 14.82
CA GLU A 319 -15.03 -21.38 13.82
C GLU A 319 -16.40 -21.27 13.19
N ILE A 320 -16.87 -20.06 12.99
CA ILE A 320 -18.17 -19.85 12.39
C ILE A 320 -17.94 -18.92 11.21
N ILE A 321 -18.37 -19.37 10.04
CA ILE A 321 -18.22 -18.62 8.80
C ILE A 321 -19.56 -18.45 8.10
N PHE A 322 -20.03 -17.20 8.03
CA PHE A 322 -21.30 -16.86 7.36
C PHE A 322 -21.05 -16.00 6.11
N TYR A 323 -21.73 -16.34 5.01
CA TYR A 323 -21.60 -15.57 3.78
C TYR A 323 -22.89 -14.79 3.62
N PHE A 324 -22.77 -13.48 3.48
CA PHE A 324 -23.93 -12.63 3.33
C PHE A 324 -24.03 -12.05 1.94
N ALA A 325 -25.19 -12.19 1.30
CA ALA A 325 -25.39 -11.63 -0.02
C ALA A 325 -26.09 -10.28 0.13
N PRO A 326 -25.85 -9.35 -0.81
CA PRO A 326 -26.47 -8.02 -0.78
C PRO A 326 -27.94 -8.14 -1.23
N LYS A 327 -28.75 -8.78 -0.41
CA LYS A 327 -30.16 -8.99 -0.74
C LYS A 327 -31.00 -9.09 0.52
N LEU A 328 -32.26 -8.73 0.40
CA LEU A 328 -33.18 -8.80 1.54
C LEU A 328 -34.39 -9.69 1.19
N ILE A 329 -34.52 -10.79 1.92
CA ILE A 329 -35.59 -11.77 1.76
C ILE A 329 -36.58 -11.44 2.84
N GLY A 330 -37.84 -11.23 2.52
CA GLY A 330 -38.68 -10.93 3.67
C GLY A 330 -38.92 -12.16 4.55
N GLY A 331 -39.75 -12.06 5.56
CA GLY A 331 -39.99 -13.29 6.28
C GLY A 331 -40.27 -13.44 7.74
N THR A 332 -41.51 -13.77 8.01
CA THR A 332 -41.91 -14.04 9.36
C THR A 332 -41.69 -15.55 9.41
N HIS A 333 -42.06 -16.22 8.32
CA HIS A 333 -41.93 -17.66 8.19
C HIS A 333 -40.69 -18.07 7.37
N ALA A 334 -39.84 -17.12 7.01
CA ALA A 334 -38.63 -17.49 6.28
C ALA A 334 -37.71 -17.99 7.37
N PRO A 335 -36.93 -19.05 7.10
CA PRO A 335 -35.99 -19.65 8.06
C PRO A 335 -34.71 -18.83 8.25
N SER A 336 -34.30 -18.68 9.51
CA SER A 336 -33.08 -17.93 9.84
C SER A 336 -31.85 -18.83 9.86
N LEU A 337 -30.69 -18.20 10.02
CA LEU A 337 -29.42 -18.87 10.06
C LEU A 337 -29.32 -19.97 11.12
N ILE A 338 -29.73 -19.68 12.35
CA ILE A 338 -29.65 -20.64 13.46
C ILE A 338 -31.02 -20.89 14.09
N SER A 339 -31.47 -22.15 14.16
CA SER A 339 -32.79 -22.40 14.75
C SER A 339 -32.66 -23.31 15.96
N GLY A 340 -33.76 -23.85 16.45
CA GLY A 340 -33.65 -24.70 17.63
C GLY A 340 -33.97 -23.94 18.91
N GLU A 341 -33.29 -24.26 20.00
CA GLU A 341 -33.59 -23.56 21.25
C GLU A 341 -33.01 -22.17 21.38
N GLY A 342 -31.69 -22.07 21.28
CA GLY A 342 -31.09 -20.76 21.42
C GLY A 342 -31.00 -20.32 22.88
N PHE A 343 -30.46 -19.13 23.07
CA PHE A 343 -30.28 -18.55 24.40
C PHE A 343 -31.42 -17.59 24.72
N GLN A 344 -31.93 -17.62 25.95
CA GLN A 344 -33.03 -16.73 26.32
C GLN A 344 -32.65 -15.34 26.82
N SER A 345 -31.51 -15.20 27.50
CA SER A 345 -31.09 -13.89 28.00
C SER A 345 -29.81 -13.44 27.35
N MET A 346 -29.71 -12.15 27.03
CA MET A 346 -28.50 -11.64 26.40
C MET A 346 -27.27 -11.81 27.29
N LYS A 347 -27.48 -12.22 28.53
CA LYS A 347 -26.37 -12.40 29.45
C LYS A 347 -25.72 -13.76 29.29
N ASP A 348 -26.48 -14.71 28.75
CA ASP A 348 -26.01 -16.08 28.54
C ASP A 348 -25.53 -16.34 27.12
N VAL A 349 -25.56 -15.33 26.27
CA VAL A 349 -25.09 -15.55 24.91
C VAL A 349 -23.60 -15.34 24.87
N PRO A 350 -22.84 -16.41 24.55
CA PRO A 350 -21.38 -16.34 24.49
C PRO A 350 -20.98 -15.25 23.52
N LEU A 351 -19.80 -14.66 23.78
CA LEU A 351 -19.25 -13.60 22.96
C LEU A 351 -18.24 -14.20 22.00
N LEU A 352 -18.33 -13.82 20.74
CA LEU A 352 -17.39 -14.30 19.74
C LEU A 352 -16.44 -13.15 19.44
N GLN A 353 -15.53 -13.41 18.54
CA GLN A 353 -14.57 -12.42 18.14
C GLN A 353 -14.43 -12.55 16.63
N PHE A 354 -14.73 -11.48 15.91
CA PHE A 354 -14.59 -11.47 14.48
C PHE A 354 -13.14 -11.66 14.22
N THR A 355 -12.85 -12.65 13.40
CA THR A 355 -11.50 -13.02 13.09
C THR A 355 -11.19 -12.60 11.67
N ASP A 356 -12.25 -12.30 10.90
CA ASP A 356 -12.06 -11.89 9.52
C ASP A 356 -13.29 -11.38 8.79
N ILE A 357 -13.04 -10.46 7.87
CA ILE A 357 -14.07 -9.86 7.06
C ILE A 357 -13.51 -9.78 5.65
N THR A 358 -14.05 -10.56 4.72
CA THR A 358 -13.55 -10.54 3.36
C THR A 358 -14.67 -10.39 2.33
N GLN A 359 -14.43 -9.59 1.30
CA GLN A 359 -15.42 -9.42 0.25
C GLN A 359 -15.06 -10.41 -0.84
N ILE A 360 -16.04 -11.23 -1.24
CA ILE A 360 -15.82 -12.18 -2.33
C ILE A 360 -16.88 -11.85 -3.35
N GLY A 361 -16.46 -11.45 -4.55
CA GLY A 361 -17.45 -11.07 -5.55
C GLY A 361 -18.33 -9.99 -4.91
N ARG A 362 -19.65 -10.11 -5.08
CA ARG A 362 -20.52 -9.11 -4.50
C ARG A 362 -20.94 -9.48 -3.09
N ASP A 363 -20.53 -10.64 -2.60
CA ASP A 363 -20.89 -11.06 -1.25
C ASP A 363 -19.85 -10.70 -0.20
N ILE A 364 -20.22 -10.76 1.09
CA ILE A 364 -19.30 -10.47 2.17
C ILE A 364 -19.16 -11.69 3.10
N LYS A 365 -17.93 -12.12 3.36
CA LYS A 365 -17.73 -13.28 4.21
C LYS A 365 -17.26 -12.88 5.58
N LEU A 366 -17.99 -13.26 6.61
CA LEU A 366 -17.62 -12.93 7.98
C LEU A 366 -17.20 -14.17 8.74
N THR A 367 -15.99 -14.15 9.32
CA THR A 367 -15.60 -15.30 10.11
C THR A 367 -15.30 -14.89 11.54
N ALA A 368 -15.77 -15.70 12.47
CA ALA A 368 -15.60 -15.41 13.89
C ALA A 368 -15.32 -16.66 14.68
N LYS A 369 -14.78 -16.48 15.89
CA LYS A 369 -14.45 -17.57 16.78
C LYS A 369 -14.84 -17.26 18.24
N PRO A 370 -14.97 -18.31 19.07
CA PRO A 370 -15.34 -18.15 20.48
C PRO A 370 -14.39 -17.38 21.42
N THR A 371 -14.92 -17.10 22.62
CA THR A 371 -14.28 -16.37 23.73
C THR A 371 -14.07 -14.90 23.39
N MET B 13 -7.67 22.12 -15.70
CA MET B 13 -8.03 23.34 -14.90
C MET B 13 -9.53 23.44 -14.66
N GLU B 14 -10.32 23.29 -15.73
CA GLU B 14 -11.78 23.36 -15.64
C GLU B 14 -12.25 22.61 -14.39
N GLU B 15 -11.98 21.32 -14.36
CA GLU B 15 -12.36 20.45 -13.25
C GLU B 15 -11.69 20.84 -11.94
N TYR B 16 -10.51 21.44 -12.02
CA TYR B 16 -9.79 21.84 -10.82
C TYR B 16 -10.60 22.84 -9.99
N TYR B 17 -11.04 23.92 -10.62
CA TYR B 17 -11.82 24.94 -9.93
C TYR B 17 -13.11 24.38 -9.37
N MET B 18 -13.83 23.60 -10.18
CA MET B 18 -15.08 23.00 -9.75
C MET B 18 -14.84 22.10 -8.55
N LYS B 19 -13.67 21.48 -8.51
CA LYS B 19 -13.36 20.59 -7.39
C LYS B 19 -13.21 21.46 -6.15
N LEU B 20 -12.60 22.62 -6.31
CA LEU B 20 -12.41 23.52 -5.19
C LEU B 20 -13.78 23.97 -4.71
N ALA B 21 -14.64 24.36 -5.64
CA ALA B 21 -15.98 24.79 -5.30
C ALA B 21 -16.65 23.71 -4.46
N LEU B 22 -16.45 22.45 -4.86
CA LEU B 22 -17.04 21.34 -4.13
C LEU B 22 -16.48 21.22 -2.73
N ASP B 23 -15.19 21.44 -2.58
CA ASP B 23 -14.59 21.31 -1.26
C ASP B 23 -15.10 22.42 -0.35
N LEU B 24 -15.29 23.61 -0.91
CA LEU B 24 -15.81 24.71 -0.13
C LEU B 24 -17.24 24.38 0.29
N ALA B 25 -18.02 23.84 -0.64
CA ALA B 25 -19.41 23.51 -0.36
C ALA B 25 -19.56 22.59 0.82
N LYS B 26 -18.68 21.60 0.91
CA LYS B 26 -18.77 20.64 1.99
C LYS B 26 -18.54 21.25 3.36
N GLN B 27 -17.78 22.34 3.43
CA GLN B 27 -17.55 22.97 4.72
C GLN B 27 -18.85 23.42 5.39
N GLY B 28 -19.95 23.40 4.63
CA GLY B 28 -21.22 23.81 5.19
C GLY B 28 -22.06 22.65 5.69
N GLU B 29 -21.53 21.45 5.57
CA GLU B 29 -22.23 20.25 6.00
C GLU B 29 -22.79 20.32 7.42
N GLY B 30 -24.10 20.07 7.52
CA GLY B 30 -24.76 20.08 8.81
C GLY B 30 -25.09 21.44 9.38
N GLN B 31 -24.74 22.50 8.66
CA GLN B 31 -24.99 23.85 9.15
C GLN B 31 -26.07 24.58 8.36
N THR B 32 -26.50 23.99 7.26
CA THR B 32 -27.49 24.60 6.38
C THR B 32 -28.94 24.14 6.54
N GLU B 33 -29.22 23.30 7.53
CA GLU B 33 -30.57 22.79 7.73
C GLU B 33 -31.06 22.13 6.46
N SER B 34 -32.23 22.54 5.97
CA SER B 34 -32.80 21.94 4.76
C SER B 34 -32.22 22.45 3.42
N ASN B 35 -31.46 23.54 3.45
CA ASN B 35 -30.88 24.07 2.22
C ASN B 35 -29.73 23.18 1.75
N PRO B 36 -29.44 23.22 0.44
CA PRO B 36 -28.36 22.43 -0.17
C PRO B 36 -26.96 23.08 0.01
N LEU B 37 -25.93 22.25 -0.03
CA LEU B 37 -24.56 22.74 0.08
C LEU B 37 -24.14 23.23 -1.30
N VAL B 38 -23.47 24.37 -1.36
CA VAL B 38 -23.04 24.91 -2.64
C VAL B 38 -21.68 25.59 -2.55
N GLY B 39 -20.92 25.51 -3.63
CA GLY B 39 -19.61 26.12 -3.66
C GLY B 39 -19.49 27.01 -4.87
N ALA B 40 -18.70 28.07 -4.76
CA ALA B 40 -18.52 28.98 -5.87
C ALA B 40 -17.10 29.50 -5.89
N VAL B 41 -16.51 29.55 -7.08
CA VAL B 41 -15.15 30.01 -7.23
C VAL B 41 -15.03 30.99 -8.38
N VAL B 42 -14.56 32.21 -8.09
CA VAL B 42 -14.37 33.18 -9.13
C VAL B 42 -12.90 33.13 -9.54
N VAL B 43 -12.68 33.04 -10.86
CA VAL B 43 -11.34 32.98 -11.43
C VAL B 43 -11.19 34.10 -12.45
N LYS B 44 -10.13 34.90 -12.31
CA LYS B 44 -9.88 36.03 -13.21
C LYS B 44 -8.46 35.99 -13.76
N ASP B 45 -8.31 36.15 -15.07
CA ASP B 45 -7.00 36.11 -15.69
C ASP B 45 -6.19 34.93 -15.11
N GLY B 46 -6.82 33.77 -15.01
CA GLY B 46 -6.14 32.61 -14.48
C GLY B 46 -5.81 32.56 -12.99
N GLN B 47 -6.37 33.46 -12.18
CA GLN B 47 -6.10 33.48 -10.73
C GLN B 47 -7.38 33.45 -9.87
N ILE B 48 -7.38 32.58 -8.86
CA ILE B 48 -8.51 32.46 -7.95
C ILE B 48 -8.63 33.79 -7.22
N VAL B 49 -9.78 34.45 -7.36
CA VAL B 49 -9.99 35.76 -6.76
C VAL B 49 -11.13 35.78 -5.77
N GLY B 50 -11.98 34.75 -5.83
CA GLY B 50 -13.10 34.66 -4.93
C GLY B 50 -13.48 33.22 -4.67
N MET B 51 -13.97 32.94 -3.47
CA MET B 51 -14.37 31.60 -3.12
C MET B 51 -15.51 31.82 -2.16
N GLY B 52 -16.46 30.88 -2.13
CA GLY B 52 -17.59 31.01 -1.24
C GLY B 52 -18.34 29.70 -1.08
N ALA B 53 -19.19 29.64 -0.07
CA ALA B 53 -19.99 28.46 0.22
C ALA B 53 -21.19 28.89 1.05
N HIS B 54 -22.23 28.06 1.05
CA HIS B 54 -23.40 28.36 1.84
C HIS B 54 -23.10 27.80 3.21
N LEU B 55 -22.84 28.66 4.19
CA LEU B 55 -22.49 28.16 5.51
C LEU B 55 -23.62 28.07 6.52
N LYS B 56 -24.65 28.90 6.36
CA LYS B 56 -25.73 28.86 7.33
C LYS B 56 -27.11 29.01 6.74
N TYR B 57 -28.05 28.30 7.35
CA TYR B 57 -29.42 28.35 6.94
C TYR B 57 -29.96 29.77 6.88
N GLY B 58 -30.60 30.09 5.76
CA GLY B 58 -31.16 31.42 5.60
C GLY B 58 -30.18 32.53 5.36
N GLU B 59 -28.88 32.24 5.36
CA GLU B 59 -27.91 33.30 5.12
C GLU B 59 -27.37 33.37 3.69
N ALA B 60 -26.32 34.14 3.47
CA ALA B 60 -25.79 34.31 2.12
C ALA B 60 -25.47 33.04 1.35
N HIS B 61 -25.66 33.13 0.04
CA HIS B 61 -25.40 32.04 -0.88
C HIS B 61 -23.94 32.07 -1.28
N ALA B 62 -23.43 30.90 -1.68
CA ALA B 62 -22.03 30.73 -2.08
C ALA B 62 -21.57 31.76 -3.08
N GLU B 63 -22.43 32.07 -4.05
CA GLU B 63 -22.10 33.01 -5.10
C GLU B 63 -21.99 34.41 -4.50
N VAL B 64 -22.83 34.70 -3.53
CA VAL B 64 -22.83 36.00 -2.86
C VAL B 64 -21.50 36.19 -2.13
N HIS B 65 -20.97 35.14 -1.53
CA HIS B 65 -19.72 35.29 -0.82
C HIS B 65 -18.55 35.45 -1.77
N ALA B 66 -18.54 34.64 -2.82
CA ALA B 66 -17.48 34.65 -3.80
C ALA B 66 -17.37 35.94 -4.60
N ILE B 67 -18.52 36.47 -5.00
CA ILE B 67 -18.58 37.70 -5.77
C ILE B 67 -18.08 38.87 -4.94
N HIS B 68 -18.50 38.93 -3.68
CA HIS B 68 -18.05 39.97 -2.79
C HIS B 68 -16.52 39.92 -2.70
N MET B 69 -15.99 38.77 -2.29
CA MET B 69 -14.55 38.58 -2.16
C MET B 69 -13.76 39.03 -3.38
N ALA B 70 -14.23 38.62 -4.56
CA ALA B 70 -13.59 38.93 -5.81
C ALA B 70 -13.72 40.41 -6.21
N GLY B 71 -14.69 41.09 -5.62
CA GLY B 71 -14.91 42.49 -5.94
C GLY B 71 -14.67 42.91 -7.39
N ALA B 72 -13.83 43.92 -7.58
CA ALA B 72 -13.50 44.45 -8.89
C ALA B 72 -13.01 43.39 -9.90
N HIS B 73 -12.36 42.34 -9.41
CA HIS B 73 -11.87 41.29 -10.30
C HIS B 73 -13.02 40.52 -10.93
N ALA B 74 -14.19 40.62 -10.33
CA ALA B 74 -15.38 39.92 -10.82
C ALA B 74 -15.74 40.24 -12.26
N GLU B 75 -15.38 41.43 -12.72
CA GLU B 75 -15.70 41.84 -14.08
C GLU B 75 -14.85 41.18 -15.15
N GLY B 76 -15.53 40.44 -16.03
CA GLY B 76 -14.85 39.73 -17.10
C GLY B 76 -14.25 38.41 -16.67
N ALA B 77 -14.66 37.91 -15.51
CA ALA B 77 -14.12 36.65 -15.01
C ALA B 77 -15.09 35.48 -15.17
N ASP B 78 -14.58 34.29 -14.88
CA ASP B 78 -15.39 33.09 -14.94
C ASP B 78 -15.86 32.82 -13.51
N ILE B 79 -16.88 31.98 -13.38
CA ILE B 79 -17.35 31.58 -12.07
C ILE B 79 -17.79 30.13 -12.14
N TYR B 80 -17.32 29.33 -11.19
CA TYR B 80 -17.68 27.92 -11.14
C TYR B 80 -18.66 27.71 -9.98
N VAL B 81 -19.85 27.18 -10.26
CA VAL B 81 -20.83 26.92 -9.20
C VAL B 81 -21.26 25.47 -9.28
N THR B 82 -21.30 24.81 -8.12
CA THR B 82 -21.67 23.40 -8.03
C THR B 82 -23.15 23.17 -8.33
N LEU B 83 -23.97 24.20 -8.14
CA LEU B 83 -25.40 24.09 -8.39
C LEU B 83 -25.95 25.31 -9.12
N GLU B 84 -26.88 25.11 -10.04
CA GLU B 84 -27.44 26.22 -10.80
C GLU B 84 -27.88 27.40 -9.92
N PRO B 85 -27.30 28.58 -10.16
CA PRO B 85 -27.62 29.80 -9.41
C PRO B 85 -29.13 30.02 -9.31
N CYS B 86 -29.61 30.60 -8.22
CA CYS B 86 -31.04 30.83 -8.04
C CYS B 86 -31.62 31.83 -9.05
N SER B 87 -32.90 31.65 -9.40
CA SER B 87 -33.56 32.49 -10.40
C SER B 87 -34.70 33.40 -9.93
N HIS B 88 -35.46 32.97 -8.93
CA HIS B 88 -36.59 33.76 -8.42
C HIS B 88 -36.21 35.21 -8.12
N TYR B 89 -37.06 36.15 -8.53
CA TYR B 89 -36.79 37.57 -8.30
C TYR B 89 -37.33 38.04 -6.95
N GLY B 90 -37.21 37.18 -5.94
CA GLY B 90 -37.68 37.50 -4.60
C GLY B 90 -37.28 38.85 -4.04
N LYS B 91 -37.16 38.92 -2.71
CA LYS B 91 -36.83 40.16 -2.02
C LYS B 91 -35.34 40.56 -2.07
N THR B 92 -34.70 40.26 -3.19
CA THR B 92 -33.28 40.57 -3.45
C THR B 92 -32.93 39.93 -4.77
N PRO B 93 -32.21 40.65 -5.63
CA PRO B 93 -31.82 40.09 -6.93
C PRO B 93 -31.17 38.72 -6.77
N PRO B 94 -31.70 37.70 -7.44
CA PRO B 94 -31.13 36.36 -7.33
C PRO B 94 -29.68 36.28 -7.81
N CYS B 95 -29.01 35.21 -7.43
CA CYS B 95 -27.61 35.00 -7.80
C CYS B 95 -27.38 34.98 -9.29
N ALA B 96 -28.34 34.42 -10.03
CA ALA B 96 -28.21 34.36 -11.49
C ALA B 96 -28.06 35.78 -11.98
N GLU B 97 -28.84 36.67 -11.37
CA GLU B 97 -28.83 38.08 -11.71
C GLU B 97 -27.56 38.73 -11.15
N LEU B 98 -27.21 38.39 -9.91
CA LEU B 98 -26.02 38.92 -9.27
C LEU B 98 -24.79 38.57 -10.10
N ILE B 99 -24.77 37.36 -10.65
CA ILE B 99 -23.66 36.95 -11.51
C ILE B 99 -23.61 37.92 -12.69
N ILE B 100 -24.80 38.19 -13.22
CA ILE B 100 -24.96 39.07 -14.37
C ILE B 100 -24.48 40.52 -14.17
N ASN B 101 -25.05 41.24 -13.21
CA ASN B 101 -24.64 42.63 -12.98
C ASN B 101 -23.18 42.79 -12.55
N SER B 102 -22.44 41.67 -12.47
CA SER B 102 -21.04 41.72 -12.05
C SER B 102 -19.99 41.67 -13.16
N GLY B 103 -20.41 41.45 -14.40
CA GLY B 103 -19.43 41.43 -15.48
C GLY B 103 -18.80 40.07 -15.75
N ILE B 104 -19.30 39.04 -15.08
CA ILE B 104 -18.78 37.70 -15.28
C ILE B 104 -19.16 37.24 -16.67
N LYS B 105 -18.16 36.94 -17.48
CA LYS B 105 -18.38 36.49 -18.86
C LYS B 105 -18.81 35.03 -18.98
N ARG B 106 -18.22 34.15 -18.18
CA ARG B 106 -18.56 32.72 -18.26
C ARG B 106 -18.89 32.05 -16.93
N VAL B 107 -19.93 31.22 -16.96
CA VAL B 107 -20.37 30.49 -15.78
C VAL B 107 -20.25 29.01 -16.07
N PHE B 108 -19.77 28.26 -15.11
CA PHE B 108 -19.62 26.83 -15.22
C PHE B 108 -20.50 26.20 -14.16
N VAL B 109 -21.65 25.67 -14.54
CA VAL B 109 -22.55 25.04 -13.59
C VAL B 109 -22.33 23.54 -13.59
N ALA B 110 -22.23 22.93 -12.41
CA ALA B 110 -21.99 21.49 -12.33
C ALA B 110 -23.26 20.68 -12.58
N MET B 111 -24.40 21.24 -12.20
CA MET B 111 -25.67 20.57 -12.40
C MET B 111 -26.81 21.56 -12.31
N ARG B 112 -27.95 21.18 -12.85
CA ARG B 112 -29.11 22.05 -12.87
C ARG B 112 -29.95 21.85 -11.61
N ASP B 113 -30.70 22.88 -11.27
CA ASP B 113 -31.56 22.88 -10.11
C ASP B 113 -32.49 21.68 -10.17
N PRO B 114 -32.55 20.89 -9.08
CA PRO B 114 -33.39 19.69 -8.99
C PRO B 114 -34.88 19.89 -9.22
N ASN B 115 -35.38 21.08 -8.89
CA ASN B 115 -36.80 21.41 -9.05
C ASN B 115 -37.16 21.53 -10.53
N PRO B 116 -37.74 20.45 -11.11
CA PRO B 116 -38.15 20.34 -12.52
C PRO B 116 -38.89 21.56 -12.99
N LEU B 117 -39.29 22.39 -12.04
CA LEU B 117 -40.05 23.61 -12.32
C LEU B 117 -39.12 24.77 -12.63
N VAL B 118 -37.99 24.85 -11.91
CA VAL B 118 -37.02 25.92 -12.11
C VAL B 118 -35.82 25.45 -12.91
N ALA B 119 -35.58 24.14 -12.88
CA ALA B 119 -34.44 23.55 -13.58
C ALA B 119 -34.19 24.20 -14.94
N GLY B 120 -33.16 25.03 -15.01
CA GLY B 120 -32.82 25.70 -16.25
C GLY B 120 -33.18 27.17 -16.30
N ARG B 121 -34.12 27.62 -15.49
CA ARG B 121 -34.51 29.03 -15.51
C ARG B 121 -33.29 29.90 -15.27
N GLY B 122 -32.43 29.45 -14.36
CA GLY B 122 -31.22 30.19 -14.04
C GLY B 122 -30.28 30.22 -15.22
N ILE B 123 -29.95 29.05 -15.77
CA ILE B 123 -29.06 28.94 -16.92
C ILE B 123 -29.52 29.91 -18.02
N SER B 124 -30.80 29.83 -18.38
CA SER B 124 -31.39 30.67 -19.41
C SER B 124 -31.26 32.16 -19.11
N MET B 125 -31.78 32.58 -17.96
CA MET B 125 -31.71 33.96 -17.53
C MET B 125 -30.31 34.54 -17.82
N MET B 126 -29.29 33.81 -17.38
CA MET B 126 -27.92 34.22 -17.59
C MET B 126 -27.57 34.23 -19.08
N LYS B 127 -27.71 33.08 -19.73
CA LYS B 127 -27.37 32.97 -21.13
C LYS B 127 -28.09 34.02 -21.98
N GLU B 128 -29.33 34.31 -21.61
CA GLU B 128 -30.14 35.31 -22.30
C GLU B 128 -29.69 36.71 -21.92
N ALA B 129 -28.39 36.88 -21.68
CA ALA B 129 -27.85 38.18 -21.31
C ALA B 129 -26.39 38.31 -21.76
N GLY B 130 -25.91 37.31 -22.50
CA GLY B 130 -24.55 37.33 -22.99
C GLY B 130 -23.63 36.31 -22.35
N ILE B 131 -24.02 35.82 -21.18
CA ILE B 131 -23.23 34.85 -20.45
C ILE B 131 -23.12 33.51 -21.13
N GLU B 132 -21.93 32.95 -21.13
CA GLU B 132 -21.69 31.63 -21.71
C GLU B 132 -21.80 30.60 -20.59
N VAL B 133 -22.85 29.78 -20.61
CA VAL B 133 -23.06 28.78 -19.57
C VAL B 133 -22.72 27.36 -20.03
N ARG B 134 -21.81 26.70 -19.33
CA ARG B 134 -21.42 25.34 -19.67
C ARG B 134 -21.70 24.43 -18.48
N GLU B 135 -22.60 23.46 -18.65
CA GLU B 135 -22.93 22.53 -17.56
C GLU B 135 -22.35 21.11 -17.67
N GLY B 136 -22.40 20.41 -16.54
CA GLY B 136 -21.90 19.04 -16.49
C GLY B 136 -20.61 18.83 -15.71
N ILE B 137 -19.80 19.87 -15.58
CA ILE B 137 -18.53 19.74 -14.88
C ILE B 137 -18.63 19.06 -13.51
N LEU B 138 -18.03 17.89 -13.40
CA LEU B 138 -18.03 17.12 -12.16
C LEU B 138 -19.43 16.98 -11.58
N ALA B 139 -20.41 16.90 -12.47
CA ALA B 139 -21.81 16.76 -12.05
C ALA B 139 -21.95 15.55 -11.13
N ASP B 140 -21.09 14.56 -11.34
CA ASP B 140 -21.13 13.34 -10.53
C ASP B 140 -20.85 13.60 -9.06
N GLN B 141 -19.75 14.30 -8.78
CA GLN B 141 -19.38 14.61 -7.41
C GLN B 141 -20.42 15.55 -6.75
N ALA B 142 -21.06 16.38 -7.56
CA ALA B 142 -22.08 17.30 -7.08
C ALA B 142 -23.37 16.57 -6.72
N GLU B 143 -23.54 15.36 -7.25
CA GLU B 143 -24.74 14.59 -6.96
C GLU B 143 -24.52 14.00 -5.59
N ARG B 144 -23.27 13.61 -5.35
CA ARG B 144 -22.90 13.02 -4.08
C ARG B 144 -23.12 14.07 -2.98
N LEU B 145 -22.61 15.26 -3.23
CA LEU B 145 -22.69 16.36 -2.29
C LEU B 145 -24.04 16.51 -1.60
N ASN B 146 -25.12 16.48 -2.37
CA ASN B 146 -26.47 16.65 -1.83
C ASN B 146 -27.45 15.49 -2.01
N GLU B 147 -26.93 14.28 -1.95
CA GLU B 147 -27.69 13.05 -2.11
C GLU B 147 -29.13 13.06 -1.60
N LYS B 148 -29.30 13.24 -0.30
CA LYS B 148 -30.64 13.25 0.26
C LYS B 148 -31.52 14.34 -0.35
N PHE B 149 -31.02 15.57 -0.38
CA PHE B 149 -31.80 16.67 -0.92
C PHE B 149 -32.22 16.42 -2.38
N LEU B 150 -31.31 15.93 -3.20
CA LEU B 150 -31.63 15.65 -4.60
C LEU B 150 -32.70 14.57 -4.76
N HIS B 151 -32.61 13.50 -3.96
CA HIS B 151 -33.61 12.45 -4.06
C HIS B 151 -34.97 13.09 -3.79
N PHE B 152 -35.04 13.85 -2.72
CA PHE B 152 -36.28 14.53 -2.35
C PHE B 152 -36.92 15.32 -3.47
N MET B 153 -36.12 16.18 -4.11
CA MET B 153 -36.60 17.02 -5.20
C MET B 153 -36.96 16.21 -6.46
N ARG B 154 -36.08 15.28 -6.81
CA ARG B 154 -36.28 14.42 -7.98
C ARG B 154 -37.51 13.51 -7.88
N THR B 155 -37.79 12.98 -6.70
CA THR B 155 -38.92 12.07 -6.52
C THR B 155 -40.11 12.60 -5.70
N GLY B 156 -39.90 13.62 -4.88
CA GLY B 156 -41.02 14.12 -4.10
C GLY B 156 -41.25 13.24 -2.87
N LEU B 157 -40.32 12.33 -2.64
CA LEU B 157 -40.39 11.44 -1.50
C LEU B 157 -39.14 11.62 -0.63
N PRO B 158 -39.27 11.44 0.68
CA PRO B 158 -38.11 11.61 1.56
C PRO B 158 -37.08 10.49 1.33
N TYR B 159 -35.80 10.81 1.45
CA TYR B 159 -34.71 9.83 1.32
C TYR B 159 -34.81 9.01 2.59
N VAL B 160 -34.83 7.68 2.44
CA VAL B 160 -34.95 6.79 3.58
C VAL B 160 -33.75 5.90 3.88
N THR B 161 -33.45 5.77 5.17
CA THR B 161 -32.33 4.95 5.63
C THR B 161 -32.88 3.97 6.65
N LEU B 162 -32.66 2.67 6.44
CA LEU B 162 -33.11 1.66 7.41
C LEU B 162 -31.90 1.23 8.23
N LYS B 163 -32.06 1.21 9.54
CA LYS B 163 -30.96 0.85 10.41
C LYS B 163 -31.43 -0.11 11.47
N ALA B 164 -30.65 -1.14 11.72
CA ALA B 164 -30.97 -2.13 12.74
C ALA B 164 -29.68 -2.73 13.31
N ALA B 165 -29.78 -3.30 14.50
CA ALA B 165 -28.62 -3.91 15.15
C ALA B 165 -28.99 -5.38 15.36
N ALA B 166 -28.03 -6.28 15.18
CA ALA B 166 -28.37 -7.69 15.37
C ALA B 166 -27.22 -8.60 15.70
N SER B 167 -27.54 -9.84 16.04
CA SER B 167 -26.51 -10.82 16.30
C SER B 167 -25.98 -11.24 14.92
N LEU B 168 -24.87 -11.97 14.92
CA LEU B 168 -24.28 -12.45 13.67
C LEU B 168 -25.26 -13.35 12.90
N ASP B 169 -26.21 -13.99 13.59
CA ASP B 169 -27.16 -14.84 12.90
C ASP B 169 -28.49 -14.15 12.63
N GLY B 170 -28.45 -12.83 12.65
CA GLY B 170 -29.63 -12.04 12.31
C GLY B 170 -30.78 -11.83 13.26
N LYS B 171 -30.60 -12.08 14.55
CA LYS B 171 -31.68 -11.85 15.48
C LYS B 171 -31.53 -10.47 16.11
N ILE B 172 -32.66 -9.82 16.36
CA ILE B 172 -32.63 -8.53 16.98
C ILE B 172 -33.06 -8.64 18.44
N ALA B 173 -33.03 -9.87 18.95
CA ALA B 173 -33.38 -10.14 20.33
C ALA B 173 -33.47 -11.64 20.50
N THR B 174 -33.55 -12.12 21.74
CA THR B 174 -33.67 -13.55 21.98
C THR B 174 -35.15 -13.92 21.85
N SER B 175 -35.46 -15.20 22.00
CA SER B 175 -36.84 -15.65 21.89
C SER B 175 -37.65 -15.20 23.10
N THR B 176 -37.05 -14.34 23.92
CA THR B 176 -37.68 -13.82 25.12
C THR B 176 -37.99 -12.35 24.96
N GLY B 177 -37.47 -11.76 23.89
CA GLY B 177 -37.68 -10.35 23.65
C GLY B 177 -36.51 -9.56 24.24
N ASP B 178 -35.60 -10.29 24.90
CA ASP B 178 -34.44 -9.65 25.52
C ASP B 178 -33.51 -9.00 24.49
N SER B 179 -33.56 -7.68 24.44
CA SER B 179 -32.75 -6.89 23.53
C SER B 179 -31.53 -6.36 24.27
N LYS B 180 -31.44 -6.76 25.55
CA LYS B 180 -30.39 -6.39 26.50
C LYS B 180 -28.97 -6.18 25.98
N TRP B 181 -28.82 -5.34 24.97
CA TRP B 181 -27.51 -5.05 24.40
C TRP B 181 -26.88 -6.20 23.60
N ILE B 182 -27.08 -6.15 22.30
CA ILE B 182 -26.54 -7.13 21.36
C ILE B 182 -25.31 -6.41 20.84
N THR B 183 -25.56 -5.24 20.28
CA THR B 183 -24.54 -4.38 19.71
C THR B 183 -23.79 -3.67 20.86
N SER B 184 -22.58 -3.17 20.59
CA SER B 184 -21.80 -2.49 21.64
C SER B 184 -22.04 -0.99 21.72
N GLU B 185 -21.56 -0.39 22.82
CA GLU B 185 -21.72 1.05 23.06
C GLU B 185 -21.22 1.85 21.88
N ALA B 186 -20.04 1.48 21.40
CA ALA B 186 -19.44 2.18 20.27
C ALA B 186 -20.32 2.20 19.03
N ALA B 187 -21.09 1.13 18.83
CA ALA B 187 -21.97 1.02 17.67
C ALA B 187 -23.21 1.90 17.79
N ARG B 188 -23.74 2.03 19.01
CA ARG B 188 -24.90 2.89 19.22
C ARG B 188 -24.54 4.32 18.86
N GLN B 189 -23.36 4.75 19.31
CA GLN B 189 -22.86 6.11 19.06
C GLN B 189 -22.64 6.40 17.61
N ASP B 190 -22.13 5.42 16.88
CA ASP B 190 -21.91 5.62 15.47
C ASP B 190 -23.29 5.77 14.84
N ALA B 191 -24.25 5.01 15.35
CA ALA B 191 -25.61 5.03 14.86
C ALA B 191 -26.30 6.38 15.13
N GLN B 192 -25.92 7.02 16.23
CA GLN B 192 -26.49 8.32 16.61
C GLN B 192 -26.26 9.38 15.55
N GLN B 193 -25.13 9.30 14.86
CA GLN B 193 -24.78 10.25 13.83
C GLN B 193 -25.91 10.47 12.81
N TYR B 194 -26.71 9.43 12.58
CA TYR B 194 -27.78 9.53 11.60
C TYR B 194 -28.96 10.35 12.10
N ARG B 195 -29.23 10.31 13.39
CA ARG B 195 -30.33 11.08 13.93
C ARG B 195 -30.01 12.54 13.66
N LYS B 196 -28.76 12.77 13.25
CA LYS B 196 -28.27 14.11 12.97
C LYS B 196 -28.29 14.52 11.49
N THR B 197 -28.33 13.55 10.59
CA THR B 197 -28.33 13.87 9.17
C THR B 197 -29.68 13.62 8.51
N HIS B 198 -30.68 13.29 9.32
CA HIS B 198 -32.03 13.03 8.81
C HIS B 198 -32.97 13.99 9.51
N GLN B 199 -33.98 14.47 8.79
CA GLN B 199 -34.91 15.42 9.38
C GLN B 199 -35.93 14.76 10.30
N SER B 200 -36.02 13.43 10.25
CA SER B 200 -36.95 12.72 11.12
C SER B 200 -36.44 11.33 11.51
N ILE B 201 -37.02 10.77 12.56
CA ILE B 201 -36.66 9.46 13.07
C ILE B 201 -37.96 8.69 13.19
N LEU B 202 -38.00 7.48 12.66
CA LEU B 202 -39.25 6.73 12.70
C LEU B 202 -39.12 5.34 13.30
N VAL B 203 -40.18 4.96 14.02
CA VAL B 203 -40.29 3.66 14.71
C VAL B 203 -41.77 3.32 14.83
N GLY B 204 -42.08 2.04 15.02
CA GLY B 204 -43.48 1.65 15.22
C GLY B 204 -43.76 1.83 16.70
N VAL B 205 -45.02 1.84 17.10
CA VAL B 205 -45.37 1.98 18.50
C VAL B 205 -44.72 0.88 19.32
N GLY B 206 -44.52 -0.27 18.67
CA GLY B 206 -43.90 -1.39 19.34
C GLY B 206 -42.63 -0.98 20.03
N THR B 207 -41.84 -0.16 19.36
CA THR B 207 -40.57 0.33 19.90
C THR B 207 -40.84 1.33 21.01
N VAL B 208 -41.89 2.12 20.86
CA VAL B 208 -42.20 3.09 21.89
C VAL B 208 -42.50 2.41 23.21
N LYS B 209 -43.45 1.48 23.21
CA LYS B 209 -43.80 0.86 24.47
C LYS B 209 -42.72 -0.03 25.08
N ALA B 210 -41.82 -0.56 24.26
CA ALA B 210 -40.76 -1.44 24.79
C ALA B 210 -39.49 -0.74 25.29
N ASP B 211 -39.22 0.46 24.78
CA ASP B 211 -38.03 1.18 25.20
C ASP B 211 -38.33 2.60 25.64
N ASN B 212 -39.57 3.04 25.46
CA ASN B 212 -39.97 4.40 25.82
C ASN B 212 -38.82 5.34 25.47
N PRO B 213 -38.27 5.23 24.25
CA PRO B 213 -37.17 6.08 23.81
C PRO B 213 -37.47 7.55 23.67
N SER B 214 -36.39 8.32 23.62
CA SER B 214 -36.41 9.76 23.48
C SER B 214 -36.27 10.07 21.99
N LEU B 215 -35.52 9.23 21.28
CA LEU B 215 -35.32 9.42 19.86
C LEU B 215 -34.73 10.78 19.58
N THR B 216 -34.00 11.32 20.56
CA THR B 216 -33.39 12.63 20.40
C THR B 216 -31.96 12.51 19.86
N CYS B 217 -31.51 13.57 19.21
CA CYS B 217 -30.16 13.61 18.64
C CYS B 217 -29.24 14.09 19.75
N ARG B 218 -28.81 13.15 20.60
CA ARG B 218 -27.96 13.47 21.74
C ARG B 218 -26.46 13.53 21.45
N LEU B 219 -26.09 14.25 20.39
CA LEU B 219 -24.68 14.44 20.03
C LEU B 219 -24.39 15.92 20.31
N PRO B 220 -23.24 16.46 19.83
CA PRO B 220 -22.93 17.87 20.08
C PRO B 220 -24.03 18.85 19.65
N ASN B 221 -23.70 20.15 19.63
CA ASN B 221 -24.68 21.18 19.27
C ASN B 221 -25.52 20.80 18.05
N VAL B 222 -26.73 20.31 18.30
CA VAL B 222 -27.61 19.91 17.23
C VAL B 222 -28.28 21.16 16.63
N THR B 223 -28.51 22.17 17.47
CA THR B 223 -29.15 23.40 17.05
C THR B 223 -30.46 23.15 16.27
N LYS B 224 -31.03 21.95 16.48
CA LYS B 224 -32.28 21.54 15.86
C LYS B 224 -32.57 20.02 16.01
N GLN B 225 -33.66 19.71 16.71
CA GLN B 225 -34.06 18.32 16.93
C GLN B 225 -34.93 17.82 15.77
N PRO B 226 -34.70 16.58 15.32
CA PRO B 226 -35.49 16.01 14.23
C PRO B 226 -36.91 15.60 14.65
N VAL B 227 -37.81 15.53 13.68
CA VAL B 227 -39.18 15.14 13.94
C VAL B 227 -39.26 13.66 14.29
N ARG B 228 -39.96 13.33 15.38
CA ARG B 228 -40.11 11.94 15.79
C ARG B 228 -41.42 11.43 15.23
N VAL B 229 -41.31 10.45 14.34
CA VAL B 229 -42.46 9.85 13.67
C VAL B 229 -42.73 8.45 14.18
N ILE B 230 -43.98 8.22 14.59
CA ILE B 230 -44.36 6.93 15.10
C ILE B 230 -45.56 6.33 14.35
N LEU B 231 -45.45 5.04 14.03
CA LEU B 231 -46.52 4.32 13.34
C LEU B 231 -47.31 3.58 14.39
N ASP B 232 -48.55 4.03 14.59
CA ASP B 232 -49.44 3.48 15.61
C ASP B 232 -50.80 3.10 14.99
N THR B 233 -50.92 1.85 14.53
CA THR B 233 -52.15 1.39 13.90
C THR B 233 -53.41 1.78 14.62
N VAL B 234 -53.52 1.36 15.88
CA VAL B 234 -54.70 1.65 16.69
C VAL B 234 -54.52 2.81 17.69
N LEU B 235 -53.36 3.45 17.70
CA LEU B 235 -53.10 4.55 18.60
C LEU B 235 -53.04 4.04 20.04
N SER B 236 -52.32 2.95 20.23
CA SER B 236 -52.16 2.33 21.55
C SER B 236 -50.91 2.84 22.27
N ILE B 237 -50.33 3.91 21.73
CA ILE B 237 -49.13 4.52 22.30
C ILE B 237 -49.42 5.00 23.73
N PRO B 238 -48.53 4.71 24.68
CA PRO B 238 -48.72 5.13 26.07
C PRO B 238 -48.63 6.65 26.22
N GLU B 239 -49.56 7.25 26.95
CA GLU B 239 -49.55 8.70 27.11
C GLU B 239 -48.57 9.23 28.15
N ASP B 240 -47.69 8.38 28.65
CA ASP B 240 -46.68 8.82 29.62
C ASP B 240 -45.29 8.77 29.00
N ALA B 241 -45.18 8.05 27.88
CA ALA B 241 -43.91 7.88 27.16
C ALA B 241 -43.25 9.19 26.77
N LYS B 242 -41.93 9.18 26.81
CA LYS B 242 -41.11 10.34 26.50
C LYS B 242 -41.48 11.11 25.24
N VAL B 243 -41.82 10.41 24.15
CA VAL B 243 -42.16 11.10 22.90
C VAL B 243 -43.43 11.93 23.01
N ILE B 244 -44.36 11.47 23.84
CA ILE B 244 -45.62 12.16 24.05
C ILE B 244 -45.34 13.40 24.88
N CYS B 245 -44.75 13.14 26.05
CA CYS B 245 -44.40 14.17 27.01
C CYS B 245 -43.03 14.75 26.65
N ASP B 246 -42.23 15.01 27.67
CA ASP B 246 -40.88 15.59 27.55
C ASP B 246 -40.67 16.78 26.60
N GLN B 247 -41.69 17.20 25.87
CA GLN B 247 -41.58 18.36 24.96
C GLN B 247 -40.17 18.74 24.42
N ILE B 248 -39.37 17.78 23.97
CA ILE B 248 -38.02 18.06 23.46
C ILE B 248 -37.93 18.18 21.93
N ALA B 249 -38.72 17.37 21.24
CA ALA B 249 -38.75 17.36 19.77
C ALA B 249 -40.16 17.17 19.24
N PRO B 250 -40.43 17.65 18.02
CA PRO B 250 -41.77 17.49 17.46
C PRO B 250 -42.10 16.00 17.39
N THR B 251 -43.36 15.64 17.63
CA THR B 251 -43.75 14.24 17.57
C THR B 251 -45.02 14.00 16.75
N TRP B 252 -44.84 13.32 15.61
CA TRP B 252 -45.95 13.01 14.71
C TRP B 252 -46.28 11.53 14.75
N ILE B 253 -47.56 11.22 14.90
CA ILE B 253 -48.05 9.84 14.94
C ILE B 253 -48.96 9.54 13.73
N PHE B 254 -48.77 8.40 13.06
CA PHE B 254 -49.68 8.04 11.98
C PHE B 254 -50.53 6.90 12.54
N THR B 255 -51.83 6.95 12.27
CA THR B 255 -52.78 5.93 12.75
C THR B 255 -53.87 5.71 11.70
N THR B 256 -54.82 4.85 12.05
CA THR B 256 -55.96 4.55 11.19
C THR B 256 -57.20 4.99 11.96
N ALA B 257 -58.38 4.63 11.46
CA ALA B 257 -59.65 5.02 12.07
C ALA B 257 -60.03 4.27 13.34
N ARG B 258 -59.20 3.33 13.77
CA ARG B 258 -59.45 2.57 14.98
C ARG B 258 -59.08 3.40 16.22
N ALA B 259 -58.37 4.50 15.99
CA ALA B 259 -57.94 5.39 17.06
C ALA B 259 -59.13 6.01 17.78
N ASP B 260 -58.99 6.19 19.10
CA ASP B 260 -60.06 6.82 19.89
C ASP B 260 -60.01 8.32 19.65
N GLU B 261 -61.18 8.91 19.40
CA GLU B 261 -61.27 10.33 19.13
C GLU B 261 -60.70 11.24 20.22
N GLU B 262 -60.99 10.91 21.48
CA GLU B 262 -60.52 11.69 22.61
C GLU B 262 -59.03 11.54 22.85
N LYS B 263 -58.50 10.36 22.60
CA LYS B 263 -57.07 10.12 22.77
C LYS B 263 -56.42 10.99 21.69
N LYS B 264 -56.98 10.91 20.49
CA LYS B 264 -56.49 11.67 19.35
C LYS B 264 -56.54 13.18 19.64
N LYS B 265 -57.61 13.62 20.31
CA LYS B 265 -57.75 15.04 20.66
C LYS B 265 -56.80 15.39 21.82
N ARG B 266 -56.82 14.56 22.86
CA ARG B 266 -55.97 14.75 24.02
C ARG B 266 -54.54 15.04 23.58
N LEU B 267 -53.91 14.04 22.95
CA LEU B 267 -52.52 14.13 22.49
C LEU B 267 -52.26 15.30 21.57
N SER B 268 -53.29 15.73 20.83
CA SER B 268 -53.15 16.86 19.93
C SER B 268 -52.97 18.15 20.70
N ALA B 269 -53.58 18.23 21.87
CA ALA B 269 -53.49 19.40 22.71
C ALA B 269 -52.10 19.49 23.37
N PHE B 270 -51.35 18.39 23.31
CA PHE B 270 -49.99 18.32 23.85
C PHE B 270 -48.95 18.63 22.77
N GLY B 271 -49.42 19.04 21.59
CA GLY B 271 -48.52 19.37 20.50
C GLY B 271 -48.23 18.25 19.51
N VAL B 272 -48.80 17.08 19.76
CA VAL B 272 -48.62 15.92 18.91
C VAL B 272 -49.46 16.04 17.63
N ASN B 273 -48.77 15.97 16.48
CA ASN B 273 -49.43 16.03 15.19
C ASN B 273 -49.86 14.62 14.83
N ILE B 274 -51.17 14.41 14.76
CA ILE B 274 -51.71 13.11 14.42
C ILE B 274 -52.26 13.11 13.01
N PHE B 275 -51.83 12.14 12.21
CA PHE B 275 -52.28 12.00 10.85
C PHE B 275 -53.09 10.72 10.80
N THR B 276 -54.31 10.80 10.27
CA THR B 276 -55.19 9.64 10.22
C THR B 276 -55.30 9.02 8.82
N LEU B 277 -54.97 7.73 8.73
CA LEU B 277 -55.03 7.04 7.45
C LEU B 277 -56.32 6.23 7.30
N GLU B 278 -56.99 6.39 6.15
CA GLU B 278 -58.25 5.70 5.88
C GLU B 278 -58.05 4.33 5.20
N THR B 279 -57.14 3.54 5.75
CA THR B 279 -56.84 2.21 5.24
C THR B 279 -56.83 1.30 6.46
N GLU B 280 -56.87 -0.01 6.27
CA GLU B 280 -56.89 -0.90 7.43
C GLU B 280 -55.53 -1.02 8.12
N ARG B 281 -54.46 -0.97 7.34
CA ARG B 281 -53.11 -1.05 7.88
C ARG B 281 -52.40 0.20 7.38
N ILE B 282 -51.40 0.65 8.12
CA ILE B 282 -50.66 1.82 7.71
C ILE B 282 -49.83 1.45 6.48
N GLN B 283 -49.96 2.22 5.41
CA GLN B 283 -49.24 1.95 4.19
C GLN B 283 -48.06 2.90 4.06
N ILE B 284 -46.86 2.32 4.13
CA ILE B 284 -45.61 3.05 4.07
C ILE B 284 -45.55 4.11 2.99
N PRO B 285 -46.03 3.81 1.78
CA PRO B 285 -45.97 4.83 0.74
C PRO B 285 -46.81 6.06 1.08
N ASP B 286 -47.89 5.86 1.82
CA ASP B 286 -48.74 6.98 2.24
C ASP B 286 -48.05 7.80 3.30
N VAL B 287 -47.39 7.14 4.25
CA VAL B 287 -46.69 7.87 5.31
C VAL B 287 -45.57 8.71 4.69
N LEU B 288 -44.89 8.14 3.70
CA LEU B 288 -43.79 8.85 3.07
C LEU B 288 -44.27 10.02 2.25
N LYS B 289 -45.46 9.89 1.66
CA LYS B 289 -46.04 10.94 0.85
C LYS B 289 -46.41 12.12 1.75
N ILE B 290 -47.15 11.86 2.83
CA ILE B 290 -47.56 12.89 3.77
C ILE B 290 -46.36 13.66 4.35
N LEU B 291 -45.31 12.93 4.72
CA LEU B 291 -44.11 13.56 5.28
C LEU B 291 -43.43 14.53 4.29
N ALA B 292 -43.44 14.19 3.01
CA ALA B 292 -42.83 15.06 2.02
C ALA B 292 -43.71 16.29 1.83
N GLU B 293 -45.01 16.15 2.13
CA GLU B 293 -45.93 17.28 2.01
C GLU B 293 -45.59 18.28 3.10
N GLU B 294 -45.20 17.72 4.25
CA GLU B 294 -44.84 18.53 5.41
C GLU B 294 -43.43 19.05 5.35
N GLY B 295 -42.72 18.81 4.24
CA GLY B 295 -41.36 19.30 4.12
C GLY B 295 -40.22 18.40 4.60
N ILE B 296 -40.54 17.21 5.09
CA ILE B 296 -39.54 16.27 5.57
C ILE B 296 -38.78 15.65 4.39
N MET B 297 -37.48 15.94 4.27
CA MET B 297 -36.71 15.41 3.15
C MET B 297 -36.04 14.05 3.36
N SER B 298 -35.92 13.61 4.61
CA SER B 298 -35.29 12.35 4.91
C SER B 298 -35.82 11.75 6.20
N VAL B 299 -35.77 10.44 6.30
CA VAL B 299 -36.22 9.79 7.51
C VAL B 299 -35.31 8.61 7.80
N TYR B 300 -34.97 8.49 9.08
CA TYR B 300 -34.10 7.44 9.61
C TYR B 300 -34.98 6.45 10.35
N VAL B 301 -35.25 5.31 9.73
CA VAL B 301 -36.11 4.28 10.32
C VAL B 301 -35.23 3.32 11.09
N GLU B 302 -35.44 3.18 12.39
CA GLU B 302 -34.57 2.28 13.08
C GLU B 302 -35.29 1.24 13.87
N GLY B 303 -36.60 1.36 13.97
CA GLY B 303 -37.32 0.43 14.81
C GLY B 303 -38.49 -0.41 14.33
N GLY B 304 -38.37 -1.69 14.63
CA GLY B 304 -39.37 -2.65 14.28
C GLY B 304 -38.95 -3.56 13.15
N SER B 305 -38.98 -4.85 13.45
CA SER B 305 -38.67 -5.88 12.46
C SER B 305 -39.78 -5.75 11.40
N ALA B 306 -41.01 -5.54 11.88
CA ALA B 306 -42.18 -5.41 11.02
C ALA B 306 -42.22 -4.12 10.20
N VAL B 307 -41.81 -3.01 10.81
CA VAL B 307 -41.78 -1.75 10.10
C VAL B 307 -40.72 -1.84 8.98
N HIS B 308 -39.57 -2.44 9.30
CA HIS B 308 -38.50 -2.61 8.34
C HIS B 308 -38.96 -3.52 7.21
N GLY B 309 -39.77 -4.52 7.55
CA GLY B 309 -40.30 -5.44 6.55
C GLY B 309 -41.20 -4.67 5.57
N SER B 310 -42.02 -3.77 6.10
CA SER B 310 -42.89 -2.98 5.25
C SER B 310 -42.08 -2.10 4.30
N PHE B 311 -41.01 -1.48 4.80
CA PHE B 311 -40.21 -0.64 3.92
C PHE B 311 -39.51 -1.50 2.88
N VAL B 312 -39.10 -2.71 3.23
CA VAL B 312 -38.42 -3.54 2.25
C VAL B 312 -39.40 -4.11 1.22
N LYS B 313 -40.53 -4.62 1.68
CA LYS B 313 -41.50 -5.18 0.74
C LYS B 313 -41.94 -4.15 -0.28
N GLU B 314 -42.15 -2.92 0.18
CA GLU B 314 -42.59 -1.81 -0.68
C GLU B 314 -41.46 -1.24 -1.54
N GLY B 315 -40.22 -1.59 -1.21
CA GLY B 315 -39.08 -1.08 -1.97
C GLY B 315 -38.83 0.39 -1.67
N CYS B 316 -39.35 0.84 -0.53
CA CYS B 316 -39.24 2.22 -0.08
C CYS B 316 -38.00 2.62 0.70
N PHE B 317 -36.82 2.25 0.24
CA PHE B 317 -35.62 2.65 0.99
C PHE B 317 -34.44 3.01 0.08
N GLN B 318 -33.64 3.95 0.50
CA GLN B 318 -32.49 4.33 -0.31
C GLN B 318 -31.20 3.81 0.28
N GLU B 319 -31.26 3.35 1.53
CA GLU B 319 -30.06 2.89 2.21
C GLU B 319 -30.38 2.02 3.40
N ILE B 320 -29.58 0.97 3.59
CA ILE B 320 -29.81 0.09 4.69
C ILE B 320 -28.51 -0.12 5.45
N ILE B 321 -28.59 -0.03 6.77
CA ILE B 321 -27.42 -0.16 7.59
C ILE B 321 -27.65 -1.12 8.72
N PHE B 322 -26.88 -2.21 8.70
CA PHE B 322 -26.97 -3.26 9.70
C PHE B 322 -25.69 -3.40 10.52
N TYR B 323 -25.82 -3.40 11.83
CA TYR B 323 -24.66 -3.56 12.69
C TYR B 323 -24.75 -4.98 13.22
N PHE B 324 -23.72 -5.78 12.96
CA PHE B 324 -23.70 -7.14 13.45
C PHE B 324 -22.71 -7.30 14.61
N ALA B 325 -23.18 -7.88 15.71
CA ALA B 325 -22.33 -8.14 16.87
C ALA B 325 -21.65 -9.52 16.75
N PRO B 326 -20.59 -9.76 17.51
CA PRO B 326 -19.93 -11.06 17.43
C PRO B 326 -20.64 -12.01 18.39
N LYS B 327 -21.94 -12.19 18.19
CA LYS B 327 -22.71 -13.05 19.06
C LYS B 327 -23.70 -13.89 18.27
N LEU B 328 -24.07 -15.02 18.85
CA LEU B 328 -25.04 -15.91 18.22
C LEU B 328 -26.17 -16.04 19.23
N ILE B 329 -27.39 -15.69 18.83
CA ILE B 329 -28.55 -15.76 19.72
C ILE B 329 -29.38 -17.02 19.54
N GLY B 330 -29.64 -17.39 18.30
CA GLY B 330 -30.42 -18.59 18.03
C GLY B 330 -31.90 -18.58 18.35
N GLY B 331 -32.51 -19.76 18.36
CA GLY B 331 -33.93 -19.90 18.64
C GLY B 331 -34.78 -19.61 17.43
N THR B 332 -35.65 -20.55 17.08
CA THR B 332 -36.50 -20.37 15.91
C THR B 332 -37.51 -19.23 16.07
N HIS B 333 -37.99 -19.04 17.29
CA HIS B 333 -38.94 -17.97 17.58
C HIS B 333 -38.32 -16.66 17.98
N ALA B 334 -37.01 -16.48 17.73
CA ALA B 334 -36.37 -15.21 18.05
C ALA B 334 -36.63 -14.23 16.88
N PRO B 335 -36.92 -12.98 17.20
CA PRO B 335 -37.19 -12.03 16.13
C PRO B 335 -35.99 -11.82 15.22
N SER B 336 -36.21 -11.94 13.92
CA SER B 336 -35.17 -11.72 12.94
C SER B 336 -35.14 -10.24 12.54
N LEU B 337 -34.20 -9.89 11.68
CA LEU B 337 -34.05 -8.52 11.22
C LEU B 337 -35.28 -7.92 10.53
N ILE B 338 -35.74 -8.60 9.48
CA ILE B 338 -36.89 -8.18 8.69
C ILE B 338 -38.03 -9.20 8.81
N SER B 339 -39.15 -8.80 9.41
CA SER B 339 -40.32 -9.67 9.52
C SER B 339 -41.43 -9.12 8.63
N GLY B 340 -42.56 -9.80 8.58
CA GLY B 340 -43.65 -9.33 7.72
C GLY B 340 -43.82 -10.26 6.54
N GLU B 341 -44.38 -9.77 5.44
CA GLU B 341 -44.62 -10.64 4.31
C GLU B 341 -43.36 -11.16 3.65
N GLY B 342 -42.50 -10.26 3.20
CA GLY B 342 -41.28 -10.72 2.57
C GLY B 342 -41.53 -11.31 1.19
N PHE B 343 -40.46 -11.64 0.49
CA PHE B 343 -40.57 -12.22 -0.84
C PHE B 343 -40.62 -13.74 -0.82
N GLN B 344 -41.58 -14.31 -1.55
CA GLN B 344 -41.77 -15.75 -1.60
C GLN B 344 -40.84 -16.47 -2.55
N SER B 345 -40.44 -15.81 -3.62
CA SER B 345 -39.56 -16.39 -4.62
C SER B 345 -38.28 -15.60 -4.83
N MET B 346 -37.15 -16.29 -4.80
CA MET B 346 -35.84 -15.64 -4.98
C MET B 346 -35.70 -14.86 -6.28
N LYS B 347 -36.49 -15.19 -7.29
CA LYS B 347 -36.39 -14.47 -8.55
C LYS B 347 -37.00 -13.08 -8.39
N ASP B 348 -37.78 -12.88 -7.33
CA ASP B 348 -38.38 -11.58 -7.12
C ASP B 348 -37.58 -10.75 -6.10
N VAL B 349 -36.53 -11.33 -5.53
CA VAL B 349 -35.73 -10.60 -4.54
C VAL B 349 -34.78 -9.64 -5.26
N PRO B 350 -34.92 -8.33 -5.05
CA PRO B 350 -34.08 -7.28 -5.67
C PRO B 350 -32.60 -7.40 -5.31
N LEU B 351 -31.73 -7.20 -6.29
CA LEU B 351 -30.29 -7.26 -6.05
C LEU B 351 -29.81 -5.91 -5.52
N LEU B 352 -29.22 -5.90 -4.33
CA LEU B 352 -28.70 -4.66 -3.76
C LEU B 352 -27.18 -4.64 -4.00
N GLN B 353 -26.50 -3.68 -3.38
CA GLN B 353 -25.07 -3.60 -3.58
C GLN B 353 -24.39 -3.11 -2.32
N PHE B 354 -23.42 -3.86 -1.80
CA PHE B 354 -22.72 -3.41 -0.61
C PHE B 354 -21.98 -2.17 -0.97
N THR B 355 -22.12 -1.17 -0.10
CA THR B 355 -21.54 0.13 -0.29
C THR B 355 -20.40 0.41 0.66
N ASP B 356 -20.40 -0.25 1.80
CA ASP B 356 -19.36 0.00 2.79
C ASP B 356 -19.30 -1.09 3.86
N ILE B 357 -18.10 -1.28 4.39
CA ILE B 357 -17.87 -2.25 5.45
C ILE B 357 -16.90 -1.63 6.46
N THR B 358 -17.40 -1.31 7.64
CA THR B 358 -16.53 -0.74 8.63
C THR B 358 -16.71 -1.37 10.01
N GLN B 359 -15.59 -1.79 10.59
CA GLN B 359 -15.60 -2.41 11.89
C GLN B 359 -15.71 -1.27 12.89
N ILE B 360 -16.63 -1.40 13.83
CA ILE B 360 -16.85 -0.39 14.86
C ILE B 360 -16.72 -1.13 16.16
N GLY B 361 -15.58 -0.96 16.84
CA GLY B 361 -15.38 -1.67 18.09
C GLY B 361 -15.28 -3.14 17.76
N ARG B 362 -16.00 -3.97 18.49
CA ARG B 362 -15.99 -5.40 18.23
C ARG B 362 -17.13 -5.79 17.29
N ASP B 363 -17.85 -4.79 16.79
CA ASP B 363 -18.99 -5.00 15.90
C ASP B 363 -18.70 -4.66 14.44
N ILE B 364 -19.49 -5.20 13.51
CA ILE B 364 -19.30 -4.90 12.09
C ILE B 364 -20.51 -4.15 11.56
N LYS B 365 -20.24 -3.14 10.73
CA LYS B 365 -21.28 -2.31 10.15
C LYS B 365 -21.35 -2.43 8.64
N LEU B 366 -22.41 -3.07 8.18
CA LEU B 366 -22.63 -3.24 6.75
C LEU B 366 -23.65 -2.24 6.25
N THR B 367 -23.32 -1.56 5.17
CA THR B 367 -24.27 -0.61 4.59
C THR B 367 -24.44 -1.03 3.14
N ALA B 368 -25.68 -0.96 2.65
CA ALA B 368 -25.95 -1.37 1.26
C ALA B 368 -27.01 -0.53 0.57
N LYS B 369 -27.01 -0.58 -0.76
CA LYS B 369 -27.96 0.21 -1.53
C LYS B 369 -28.57 -0.50 -2.74
N PRO B 370 -29.73 -0.01 -3.20
CA PRO B 370 -30.49 -0.51 -4.33
C PRO B 370 -29.78 -0.53 -5.66
N THR B 371 -30.26 -1.44 -6.51
CA THR B 371 -29.79 -1.71 -7.86
C THR B 371 -28.30 -1.97 -7.91
N MET C 13 -0.72 -25.38 -11.94
CA MET C 13 -0.22 -26.51 -11.10
C MET C 13 1.23 -26.89 -11.39
N GLU C 14 1.61 -26.93 -12.65
CA GLU C 14 3.00 -27.22 -12.97
C GLU C 14 3.72 -25.96 -12.52
N GLU C 15 3.01 -24.83 -12.63
CA GLU C 15 3.51 -23.53 -12.24
C GLU C 15 3.92 -23.59 -10.78
N TYR C 16 2.98 -24.07 -9.96
CA TYR C 16 3.19 -24.20 -8.52
C TYR C 16 4.42 -25.05 -8.24
N TYR C 17 4.44 -26.25 -8.81
CA TYR C 17 5.54 -27.16 -8.63
C TYR C 17 6.90 -26.56 -9.09
N MET C 18 6.91 -25.85 -10.23
CA MET C 18 8.16 -25.26 -10.70
C MET C 18 8.53 -24.11 -9.80
N LYS C 19 7.54 -23.43 -9.22
CA LYS C 19 7.85 -22.33 -8.32
C LYS C 19 8.53 -22.92 -7.09
N LEU C 20 7.95 -23.98 -6.54
CA LEU C 20 8.49 -24.67 -5.38
C LEU C 20 9.96 -25.02 -5.62
N ALA C 21 10.25 -25.54 -6.82
CA ALA C 21 11.62 -25.94 -7.17
C ALA C 21 12.54 -24.73 -7.18
N LEU C 22 11.99 -23.57 -7.52
CA LEU C 22 12.79 -22.34 -7.55
C LEU C 22 13.15 -21.91 -6.13
N ASP C 23 12.15 -21.87 -5.25
CA ASP C 23 12.39 -21.49 -3.86
C ASP C 23 13.37 -22.45 -3.17
N LEU C 24 13.28 -23.73 -3.48
CA LEU C 24 14.18 -24.70 -2.90
C LEU C 24 15.58 -24.42 -3.44
N ALA C 25 15.63 -24.02 -4.70
CA ALA C 25 16.89 -23.71 -5.37
C ALA C 25 17.61 -22.57 -4.67
N LYS C 26 16.88 -21.50 -4.36
CA LYS C 26 17.46 -20.34 -3.69
C LYS C 26 18.18 -20.76 -2.42
N GLN C 27 17.65 -21.77 -1.74
CA GLN C 27 18.24 -22.21 -0.50
C GLN C 27 19.72 -22.61 -0.58
N GLY C 28 20.21 -22.82 -1.80
CA GLY C 28 21.61 -23.16 -2.02
C GLY C 28 22.46 -21.89 -2.12
N GLU C 29 21.77 -20.80 -2.42
CA GLU C 29 22.33 -19.45 -2.56
C GLU C 29 23.75 -19.33 -2.00
N GLY C 30 24.70 -19.06 -2.87
CA GLY C 30 26.07 -18.91 -2.45
C GLY C 30 26.60 -19.98 -1.53
N GLN C 31 26.43 -21.25 -1.89
CA GLN C 31 26.92 -22.35 -1.08
C GLN C 31 27.43 -23.40 -2.05
N THR C 32 27.23 -23.12 -3.32
CA THR C 32 27.64 -24.02 -4.38
C THR C 32 28.76 -23.36 -5.17
N GLU C 33 28.99 -22.08 -4.87
CA GLU C 33 30.00 -21.28 -5.54
C GLU C 33 29.95 -21.48 -7.07
N SER C 34 30.85 -22.27 -7.62
CA SER C 34 30.85 -22.48 -9.07
C SER C 34 29.56 -23.11 -9.59
N ASN C 35 29.18 -24.27 -9.04
CA ASN C 35 27.96 -24.95 -9.48
C ASN C 35 26.76 -24.02 -9.42
N PRO C 36 25.80 -24.20 -10.34
CA PRO C 36 24.60 -23.36 -10.38
C PRO C 36 23.56 -23.84 -9.38
N LEU C 37 22.56 -23.00 -9.10
CA LEU C 37 21.46 -23.34 -8.19
C LEU C 37 20.35 -24.10 -8.89
N VAL C 38 20.06 -25.31 -8.43
CA VAL C 38 19.01 -26.13 -9.02
C VAL C 38 18.04 -26.68 -7.96
N GLY C 39 16.75 -26.68 -8.30
CA GLY C 39 15.74 -27.19 -7.40
C GLY C 39 14.99 -28.35 -8.05
N ALA C 40 14.65 -29.35 -7.24
CA ALA C 40 13.94 -30.52 -7.77
C ALA C 40 12.75 -30.94 -6.89
N VAL C 41 11.59 -31.14 -7.50
CA VAL C 41 10.43 -31.60 -6.74
C VAL C 41 9.71 -32.73 -7.49
N VAL C 42 9.66 -33.89 -6.86
CA VAL C 42 9.05 -35.09 -7.42
C VAL C 42 7.58 -35.20 -7.00
N VAL C 43 6.69 -35.29 -7.98
CA VAL C 43 5.28 -35.41 -7.67
C VAL C 43 4.70 -36.75 -8.13
N LYS C 44 3.93 -37.39 -7.26
CA LYS C 44 3.29 -38.68 -7.54
C LYS C 44 1.82 -38.63 -7.10
N ASP C 45 0.90 -38.99 -7.99
CA ASP C 45 -0.54 -38.98 -7.68
C ASP C 45 -0.99 -37.68 -7.03
N GLY C 46 -0.53 -36.55 -7.57
CA GLY C 46 -0.91 -35.26 -7.04
C GLY C 46 -0.29 -34.96 -5.69
N GLN C 47 0.69 -35.76 -5.29
CA GLN C 47 1.36 -35.55 -4.00
C GLN C 47 2.87 -35.35 -4.09
N ILE C 48 3.38 -34.40 -3.31
CA ILE C 48 4.79 -34.14 -3.31
C ILE C 48 5.43 -35.22 -2.48
N VAL C 49 6.39 -35.92 -3.09
CA VAL C 49 7.10 -37.03 -2.46
C VAL C 49 8.63 -36.84 -2.41
N GLY C 50 9.10 -35.79 -3.07
CA GLY C 50 10.51 -35.49 -3.10
C GLY C 50 10.85 -34.02 -3.35
N MET C 51 11.81 -33.51 -2.60
CA MET C 51 12.25 -32.12 -2.75
C MET C 51 13.75 -32.04 -2.62
N GLY C 52 14.38 -31.32 -3.54
CA GLY C 52 15.81 -31.21 -3.51
C GLY C 52 16.33 -29.91 -4.06
N ALA C 53 17.57 -29.61 -3.71
CA ALA C 53 18.24 -28.40 -4.17
C ALA C 53 19.73 -28.68 -4.10
N HIS C 54 20.51 -27.93 -4.87
CA HIS C 54 21.94 -28.13 -4.80
C HIS C 54 22.41 -27.26 -3.65
N LEU C 55 22.86 -27.92 -2.59
CA LEU C 55 23.29 -27.23 -1.39
C LEU C 55 24.78 -26.98 -1.19
N LYS C 56 25.64 -27.87 -1.69
CA LYS C 56 27.08 -27.67 -1.53
C LYS C 56 27.92 -28.03 -2.74
N TYR C 57 29.05 -27.35 -2.89
CA TYR C 57 29.95 -27.61 -4.00
C TYR C 57 30.44 -29.05 -4.00
N GLY C 58 30.48 -29.63 -5.19
CA GLY C 58 30.96 -30.99 -5.38
C GLY C 58 30.08 -32.08 -4.80
N GLU C 59 28.95 -31.68 -4.21
CA GLU C 59 28.05 -32.64 -3.59
C GLU C 59 26.80 -32.97 -4.41
N ALA C 60 25.98 -33.84 -3.84
CA ALA C 60 24.74 -34.30 -4.46
C ALA C 60 23.97 -33.17 -5.13
N HIS C 61 23.52 -33.45 -6.35
CA HIS C 61 22.76 -32.50 -7.11
C HIS C 61 21.34 -32.45 -6.55
N ALA C 62 20.51 -31.54 -7.05
CA ALA C 62 19.13 -31.42 -6.59
C ALA C 62 18.35 -32.66 -6.92
N GLU C 63 18.46 -33.12 -8.17
CA GLU C 63 17.70 -34.29 -8.57
C GLU C 63 18.00 -35.51 -7.69
N VAL C 64 19.25 -35.66 -7.26
CA VAL C 64 19.62 -36.79 -6.43
C VAL C 64 18.89 -36.80 -5.08
N HIS C 65 18.93 -35.68 -4.36
CA HIS C 65 18.23 -35.56 -3.07
C HIS C 65 16.75 -35.85 -3.24
N ALA C 66 16.15 -35.22 -4.26
CA ALA C 66 14.73 -35.39 -4.52
C ALA C 66 14.34 -36.85 -4.77
N ILE C 67 15.02 -37.49 -5.71
CA ILE C 67 14.76 -38.89 -6.05
C ILE C 67 14.91 -39.85 -4.86
N HIS C 68 15.92 -39.60 -4.03
CA HIS C 68 16.14 -40.47 -2.88
C HIS C 68 15.05 -40.33 -1.84
N MET C 69 14.58 -39.11 -1.65
CA MET C 69 13.53 -38.82 -0.69
C MET C 69 12.22 -39.45 -1.18
N ALA C 70 12.04 -39.49 -2.51
CA ALA C 70 10.84 -40.05 -3.08
C ALA C 70 10.79 -41.58 -2.96
N GLY C 71 11.96 -42.20 -2.95
CA GLY C 71 12.03 -43.65 -2.86
C GLY C 71 11.20 -44.31 -3.95
N ALA C 72 10.40 -45.30 -3.56
CA ALA C 72 9.56 -46.07 -4.48
C ALA C 72 8.42 -45.28 -5.13
N HIS C 73 8.08 -44.13 -4.58
CA HIS C 73 7.02 -43.30 -5.13
C HIS C 73 7.47 -42.66 -6.42
N ALA C 74 8.79 -42.69 -6.65
CA ALA C 74 9.39 -42.12 -7.86
C ALA C 74 8.86 -42.80 -9.12
N GLU C 75 8.58 -44.10 -9.01
CA GLU C 75 8.07 -44.89 -10.12
C GLU C 75 6.77 -44.32 -10.73
N GLY C 76 6.84 -43.99 -12.01
CA GLY C 76 5.68 -43.47 -12.70
C GLY C 76 5.26 -42.09 -12.25
N ALA C 77 6.17 -41.39 -11.57
CA ALA C 77 5.89 -40.07 -11.09
C ALA C 77 6.40 -39.00 -12.07
N ASP C 78 6.26 -37.75 -11.66
CA ASP C 78 6.71 -36.59 -12.44
C ASP C 78 7.80 -35.95 -11.61
N ILE C 79 8.59 -35.09 -12.26
CA ILE C 79 9.62 -34.38 -11.52
C ILE C 79 9.83 -33.03 -12.16
N TYR C 80 9.95 -32.01 -11.33
CA TYR C 80 10.18 -30.66 -11.83
C TYR C 80 11.63 -30.29 -11.53
N VAL C 81 12.30 -29.67 -12.49
CA VAL C 81 13.68 -29.28 -12.30
C VAL C 81 13.90 -27.91 -12.91
N THR C 82 14.50 -27.02 -12.13
CA THR C 82 14.78 -25.66 -12.59
C THR C 82 15.82 -25.65 -13.72
N LEU C 83 16.66 -26.68 -13.78
CA LEU C 83 17.68 -26.74 -14.81
C LEU C 83 17.85 -28.14 -15.38
N GLU C 84 17.95 -28.22 -16.71
CA GLU C 84 18.13 -29.48 -17.43
C GLU C 84 19.06 -30.44 -16.68
N PRO C 85 18.57 -31.64 -16.37
CA PRO C 85 19.35 -32.66 -15.66
C PRO C 85 20.66 -33.02 -16.36
N CYS C 86 21.77 -33.08 -15.61
CA CYS C 86 23.07 -33.37 -16.20
C CYS C 86 23.18 -34.73 -16.91
N SER C 87 24.11 -34.81 -17.86
CA SER C 87 24.34 -36.03 -18.61
C SER C 87 25.81 -36.42 -18.49
N HIS C 88 26.51 -35.71 -17.61
CA HIS C 88 27.92 -35.92 -17.31
C HIS C 88 28.16 -37.37 -16.90
N TYR C 89 28.85 -38.14 -17.73
CA TYR C 89 29.13 -39.52 -17.36
C TYR C 89 30.48 -39.63 -16.67
N GLY C 90 30.64 -40.67 -15.84
CA GLY C 90 31.89 -40.87 -15.15
C GLY C 90 31.82 -41.24 -13.67
N LYS C 91 32.20 -40.29 -12.82
CA LYS C 91 32.23 -40.46 -11.36
C LYS C 91 30.89 -40.82 -10.70
N THR C 92 29.80 -40.77 -11.47
CA THR C 92 28.46 -41.08 -10.96
C THR C 92 27.51 -41.13 -12.15
N PRO C 93 26.38 -41.83 -12.01
CA PRO C 93 25.48 -41.85 -13.18
C PRO C 93 24.86 -40.45 -13.32
N PRO C 94 24.79 -39.92 -14.55
CA PRO C 94 24.19 -38.59 -14.71
C PRO C 94 22.76 -38.56 -14.17
N CYS C 95 22.34 -37.39 -13.67
CA CYS C 95 20.98 -37.27 -13.13
C CYS C 95 19.94 -37.67 -14.17
N ALA C 96 20.26 -37.44 -15.44
CA ALA C 96 19.34 -37.81 -16.51
C ALA C 96 19.15 -39.32 -16.43
N GLU C 97 20.21 -40.01 -16.01
CA GLU C 97 20.17 -41.46 -15.89
C GLU C 97 19.36 -41.89 -14.67
N LEU C 98 19.63 -41.25 -13.54
CA LEU C 98 18.91 -41.58 -12.30
C LEU C 98 17.40 -41.38 -12.51
N ILE C 99 17.03 -40.36 -13.29
CA ILE C 99 15.62 -40.09 -13.53
C ILE C 99 14.94 -41.27 -14.21
N ILE C 100 15.53 -41.78 -15.30
CA ILE C 100 14.90 -42.91 -15.98
C ILE C 100 15.03 -44.19 -15.15
N ASN C 101 16.19 -44.38 -14.52
CA ASN C 101 16.44 -45.55 -13.68
C ASN C 101 15.46 -45.63 -12.52
N SER C 102 14.75 -44.53 -12.25
CA SER C 102 13.79 -44.50 -11.14
C SER C 102 12.39 -44.77 -11.66
N GLY C 103 12.24 -44.74 -12.98
CA GLY C 103 10.93 -44.97 -13.57
C GLY C 103 10.07 -43.73 -13.69
N ILE C 104 10.69 -42.55 -13.71
CA ILE C 104 9.95 -41.30 -13.85
C ILE C 104 9.17 -41.32 -15.16
N LYS C 105 7.91 -40.89 -15.10
CA LYS C 105 7.03 -40.85 -16.27
C LYS C 105 7.28 -39.61 -17.10
N ARG C 106 7.26 -38.44 -16.46
CA ARG C 106 7.51 -37.21 -17.19
C ARG C 106 8.33 -36.19 -16.42
N VAL C 107 9.14 -35.45 -17.16
CA VAL C 107 10.00 -34.44 -16.57
C VAL C 107 9.65 -33.07 -17.13
N PHE C 108 9.69 -32.07 -16.26
CA PHE C 108 9.42 -30.69 -16.64
C PHE C 108 10.70 -29.89 -16.40
N VAL C 109 11.30 -29.39 -17.47
CA VAL C 109 12.53 -28.60 -17.34
C VAL C 109 12.24 -27.13 -17.62
N ALA C 110 12.60 -26.28 -16.66
CA ALA C 110 12.39 -24.84 -16.76
C ALA C 110 13.21 -24.21 -17.89
N MET C 111 14.43 -24.71 -18.07
CA MET C 111 15.35 -24.21 -19.10
C MET C 111 16.48 -25.21 -19.38
N ARG C 112 17.14 -25.04 -20.51
CA ARG C 112 18.22 -25.93 -20.88
C ARG C 112 19.57 -25.47 -20.36
N ASP C 113 20.49 -26.42 -20.24
CA ASP C 113 21.85 -26.15 -19.76
C ASP C 113 22.51 -25.18 -20.73
N PRO C 114 22.79 -23.95 -20.27
CA PRO C 114 23.42 -22.93 -21.12
C PRO C 114 24.71 -23.34 -21.84
N ASN C 115 25.46 -24.30 -21.30
CA ASN C 115 26.69 -24.75 -21.95
C ASN C 115 26.33 -25.13 -23.39
N PRO C 116 26.76 -24.32 -24.39
CA PRO C 116 26.50 -24.53 -25.82
C PRO C 116 26.35 -25.99 -26.26
N LEU C 117 27.36 -26.80 -25.99
CA LEU C 117 27.36 -28.21 -26.33
C LEU C 117 26.27 -28.99 -25.60
N VAL C 118 26.35 -29.00 -24.27
CA VAL C 118 25.42 -29.71 -23.39
C VAL C 118 23.94 -29.38 -23.62
N ALA C 119 23.66 -28.23 -24.21
CA ALA C 119 22.28 -27.82 -24.45
C ALA C 119 21.46 -28.87 -25.18
N GLY C 120 20.37 -29.29 -24.55
CA GLY C 120 19.49 -30.29 -25.13
C GLY C 120 19.92 -31.73 -24.96
N ARG C 121 21.18 -31.95 -24.61
CA ARG C 121 21.73 -33.29 -24.44
C ARG C 121 21.15 -34.02 -23.24
N GLY C 122 20.64 -33.28 -22.25
CA GLY C 122 20.06 -33.92 -21.09
C GLY C 122 18.62 -34.33 -21.39
N ILE C 123 17.93 -33.45 -22.11
CA ILE C 123 16.54 -33.68 -22.50
C ILE C 123 16.49 -34.92 -23.38
N SER C 124 17.46 -35.02 -24.28
CA SER C 124 17.56 -36.13 -25.22
C SER C 124 17.79 -37.48 -24.57
N MET C 125 18.77 -37.54 -23.66
CA MET C 125 19.07 -38.79 -22.97
C MET C 125 17.77 -39.33 -22.38
N MET C 126 16.99 -38.45 -21.77
CA MET C 126 15.73 -38.86 -21.17
C MET C 126 14.67 -39.16 -22.23
N LYS C 127 14.51 -38.27 -23.21
CA LYS C 127 13.53 -38.51 -24.26
C LYS C 127 13.70 -39.85 -24.99
N GLU C 128 14.95 -40.27 -25.19
CA GLU C 128 15.19 -41.52 -25.89
C GLU C 128 14.99 -42.73 -24.98
N ALA C 129 14.53 -42.47 -23.76
CA ALA C 129 14.27 -43.56 -22.82
C ALA C 129 12.76 -43.73 -22.71
N GLY C 130 12.02 -42.87 -23.40
CA GLY C 130 10.55 -42.92 -23.38
C GLY C 130 9.85 -41.82 -22.59
N ILE C 131 10.63 -41.10 -21.78
CA ILE C 131 10.14 -40.03 -20.95
C ILE C 131 9.64 -38.81 -21.72
N GLU C 132 8.41 -38.38 -21.39
CA GLU C 132 7.85 -37.20 -22.02
C GLU C 132 8.46 -35.97 -21.34
N VAL C 133 9.30 -35.26 -22.07
CA VAL C 133 9.95 -34.06 -21.57
C VAL C 133 9.25 -32.78 -22.04
N ARG C 134 8.88 -31.95 -21.08
CA ARG C 134 8.21 -30.69 -21.34
C ARG C 134 9.11 -29.59 -20.75
N GLU C 135 9.34 -28.53 -21.51
CA GLU C 135 10.20 -27.45 -21.00
C GLU C 135 9.66 -26.04 -21.15
N GLY C 136 10.37 -25.10 -20.54
CA GLY C 136 9.99 -23.70 -20.59
C GLY C 136 9.17 -23.21 -19.41
N ILE C 137 8.85 -24.10 -18.48
CA ILE C 137 8.06 -23.76 -17.29
C ILE C 137 8.83 -22.79 -16.40
N LEU C 138 8.31 -21.55 -16.31
CA LEU C 138 8.93 -20.48 -15.55
C LEU C 138 10.41 -20.30 -15.88
N ALA C 139 10.71 -20.11 -17.15
CA ALA C 139 12.08 -19.91 -17.61
C ALA C 139 12.61 -18.55 -17.15
N ASP C 140 11.69 -17.63 -16.88
CA ASP C 140 12.01 -16.28 -16.45
C ASP C 140 12.73 -16.22 -15.09
N GLN C 141 12.09 -16.74 -14.04
CA GLN C 141 12.68 -16.76 -12.72
C GLN C 141 13.94 -17.64 -12.74
N ALA C 142 13.85 -18.76 -13.45
CA ALA C 142 14.97 -19.70 -13.54
C ALA C 142 16.14 -19.08 -14.27
N GLU C 143 15.87 -17.97 -14.96
CA GLU C 143 16.87 -17.26 -15.72
C GLU C 143 17.64 -16.32 -14.77
N ARG C 144 16.91 -15.68 -13.86
CA ARG C 144 17.50 -14.75 -12.90
C ARG C 144 18.14 -15.50 -11.73
N LEU C 145 17.73 -16.76 -11.55
CA LEU C 145 18.27 -17.57 -10.48
C LEU C 145 19.76 -17.80 -10.65
N ASN C 146 20.20 -17.96 -11.89
CA ASN C 146 21.62 -18.18 -12.14
C ASN C 146 22.21 -17.24 -13.20
N GLU C 147 21.84 -15.96 -13.09
CA GLU C 147 22.27 -14.91 -14.00
C GLU C 147 23.75 -14.95 -14.38
N LYS C 148 24.65 -15.01 -13.39
CA LYS C 148 26.08 -15.04 -13.71
C LYS C 148 26.52 -16.35 -14.37
N PHE C 149 26.14 -17.48 -13.79
CA PHE C 149 26.51 -18.79 -14.34
C PHE C 149 26.02 -18.90 -15.79
N LEU C 150 24.79 -18.47 -16.05
CA LEU C 150 24.21 -18.51 -17.38
C LEU C 150 25.05 -17.71 -18.39
N HIS C 151 25.28 -16.43 -18.09
CA HIS C 151 26.06 -15.56 -18.96
C HIS C 151 27.43 -16.18 -19.25
N PHE C 152 28.11 -16.67 -18.21
CA PHE C 152 29.41 -17.27 -18.41
C PHE C 152 29.40 -18.49 -19.35
N MET C 153 28.33 -19.28 -19.29
CA MET C 153 28.26 -20.47 -20.12
C MET C 153 27.86 -20.13 -21.55
N ARG C 154 26.98 -19.14 -21.70
CA ARG C 154 26.50 -18.71 -23.02
C ARG C 154 27.52 -17.91 -23.81
N THR C 155 28.34 -17.12 -23.13
CA THR C 155 29.30 -16.29 -23.85
C THR C 155 30.74 -16.74 -23.76
N GLY C 156 31.09 -17.50 -22.73
CA GLY C 156 32.45 -17.93 -22.57
C GLY C 156 33.24 -16.91 -21.79
N LEU C 157 32.56 -15.82 -21.42
CA LEU C 157 33.18 -14.74 -20.68
C LEU C 157 32.63 -14.56 -19.27
N PRO C 158 33.50 -14.23 -18.31
CA PRO C 158 33.01 -14.03 -16.94
C PRO C 158 31.94 -12.94 -16.91
N TYR C 159 31.04 -13.04 -15.95
CA TYR C 159 30.01 -12.04 -15.76
C TYR C 159 30.77 -10.89 -15.05
N VAL C 160 30.59 -9.67 -15.55
CA VAL C 160 31.31 -8.54 -15.00
C VAL C 160 30.48 -7.51 -14.26
N THR C 161 30.94 -7.14 -13.07
CA THR C 161 30.28 -6.12 -12.26
C THR C 161 31.28 -5.03 -11.96
N LEU C 162 30.91 -3.80 -12.28
CA LEU C 162 31.77 -2.68 -12.01
C LEU C 162 31.22 -1.99 -10.77
N LYS C 163 32.11 -1.62 -9.85
CA LYS C 163 31.67 -0.95 -8.63
C LYS C 163 32.55 0.24 -8.29
N ALA C 164 31.91 1.34 -7.91
CA ALA C 164 32.65 2.53 -7.51
C ALA C 164 31.88 3.37 -6.48
N ALA C 165 32.59 4.25 -5.79
CA ALA C 165 31.96 5.09 -4.79
C ALA C 165 32.34 6.51 -5.09
N ALA C 166 31.43 7.45 -4.86
CA ALA C 166 31.73 8.84 -5.15
C ALA C 166 30.82 9.82 -4.48
N SER C 167 31.18 11.09 -4.58
CA SER C 167 30.40 12.18 -4.04
C SER C 167 29.22 12.40 -4.99
N LEU C 168 28.23 13.16 -4.55
CA LEU C 168 27.04 13.42 -5.37
C LEU C 168 27.38 14.08 -6.68
N ASP C 169 28.45 14.85 -6.72
CA ASP C 169 28.85 15.49 -7.98
C ASP C 169 29.75 14.56 -8.80
N GLY C 170 29.89 13.32 -8.34
CA GLY C 170 30.67 12.35 -9.10
C GLY C 170 32.17 12.31 -9.04
N LYS C 171 32.77 12.91 -8.01
CA LYS C 171 34.21 12.86 -7.89
C LYS C 171 34.51 11.72 -6.93
N ILE C 172 35.68 11.08 -7.06
CA ILE C 172 36.07 9.95 -6.20
C ILE C 172 37.09 10.32 -5.14
N ALA C 173 37.45 11.60 -5.09
CA ALA C 173 38.42 12.11 -4.13
C ALA C 173 38.58 13.60 -4.43
N THR C 174 39.24 14.32 -3.52
CA THR C 174 39.47 15.75 -3.69
C THR C 174 40.56 15.95 -4.72
N SER C 175 40.86 17.21 -5.03
CA SER C 175 41.91 17.50 -5.99
C SER C 175 43.29 17.28 -5.39
N THR C 176 43.35 16.81 -4.15
CA THR C 176 44.64 16.56 -3.53
C THR C 176 44.75 15.10 -3.21
N GLY C 177 43.80 14.31 -3.72
CA GLY C 177 43.81 12.88 -3.52
C GLY C 177 43.15 12.38 -2.25
N ASP C 178 42.41 13.23 -1.58
CA ASP C 178 41.76 12.81 -0.33
C ASP C 178 40.41 12.17 -0.62
N SER C 179 40.22 10.97 -0.09
CA SER C 179 38.95 10.26 -0.27
C SER C 179 38.54 9.60 1.05
N LYS C 180 39.08 10.12 2.15
CA LYS C 180 38.82 9.61 3.48
C LYS C 180 37.37 9.28 3.88
N TRP C 181 36.44 10.18 3.63
CA TRP C 181 35.05 9.93 4.03
C TRP C 181 33.96 9.86 2.94
N ILE C 182 34.30 9.56 1.69
CA ILE C 182 33.27 9.54 0.64
C ILE C 182 31.96 8.88 1.06
N THR C 183 31.93 7.55 1.12
CA THR C 183 30.72 6.85 1.52
C THR C 183 30.76 6.33 2.97
N SER C 184 29.57 6.06 3.49
CA SER C 184 29.40 5.58 4.87
C SER C 184 29.81 4.12 5.06
N GLU C 185 30.08 3.73 6.30
CA GLU C 185 30.46 2.36 6.64
C GLU C 185 29.40 1.39 6.13
N ALA C 186 28.17 1.86 6.02
CA ALA C 186 27.09 1.01 5.56
C ALA C 186 27.20 0.69 4.06
N ALA C 187 27.61 1.67 3.28
CA ALA C 187 27.78 1.49 1.83
C ALA C 187 28.95 0.55 1.60
N ARG C 188 30.05 0.80 2.31
CA ARG C 188 31.25 0.00 2.23
C ARG C 188 30.96 -1.40 2.75
N GLN C 189 29.93 -1.50 3.57
CA GLN C 189 29.56 -2.78 4.12
C GLN C 189 28.68 -3.49 3.10
N ASP C 190 27.84 -2.74 2.40
CA ASP C 190 26.97 -3.33 1.39
C ASP C 190 27.86 -3.73 0.21
N ALA C 191 28.95 -3.01 0.03
CA ALA C 191 29.88 -3.30 -1.06
C ALA C 191 30.54 -4.65 -0.84
N GLN C 192 30.97 -4.90 0.40
CA GLN C 192 31.61 -6.16 0.79
C GLN C 192 30.85 -7.39 0.36
N GLN C 193 29.52 -7.33 0.39
CA GLN C 193 28.72 -8.47 0.01
C GLN C 193 29.15 -9.00 -1.35
N TYR C 194 29.23 -8.11 -2.33
CA TYR C 194 29.60 -8.50 -3.68
C TYR C 194 30.96 -9.17 -3.74
N ARG C 195 31.79 -8.99 -2.71
CA ARG C 195 33.09 -9.64 -2.70
C ARG C 195 32.90 -11.13 -2.46
N LYS C 196 31.69 -11.54 -2.12
CA LYS C 196 31.42 -12.95 -1.86
C LYS C 196 30.57 -13.62 -2.92
N THR C 197 29.91 -12.84 -3.76
CA THR C 197 29.07 -13.40 -4.82
C THR C 197 29.80 -13.45 -6.17
N HIS C 198 31.10 -13.15 -6.14
CA HIS C 198 31.90 -13.16 -7.35
C HIS C 198 33.15 -14.02 -7.15
N GLN C 199 33.48 -14.81 -8.17
CA GLN C 199 34.62 -15.68 -8.11
C GLN C 199 35.95 -14.96 -8.02
N SER C 200 35.97 -13.67 -8.42
CA SER C 200 37.20 -12.86 -8.39
C SER C 200 36.99 -11.36 -8.16
N ILE C 201 38.04 -10.70 -7.67
CA ILE C 201 38.01 -9.27 -7.43
C ILE C 201 39.12 -8.67 -8.29
N LEU C 202 38.79 -7.67 -9.11
CA LEU C 202 39.80 -7.10 -9.99
C LEU C 202 40.04 -5.60 -9.77
N VAL C 203 41.32 -5.24 -9.79
CA VAL C 203 41.78 -3.90 -9.53
C VAL C 203 43.05 -3.59 -10.33
N GLY C 204 43.30 -2.31 -10.63
CA GLY C 204 44.51 -1.96 -11.34
C GLY C 204 45.60 -1.86 -10.27
N VAL C 205 46.87 -1.70 -10.62
CA VAL C 205 47.90 -1.58 -9.59
C VAL C 205 47.79 -0.27 -8.86
N GLY C 206 47.19 0.72 -9.51
CA GLY C 206 47.04 2.00 -8.87
C GLY C 206 46.39 1.84 -7.51
N THR C 207 45.38 0.97 -7.47
CA THR C 207 44.69 0.71 -6.22
C THR C 207 45.64 0.09 -5.20
N VAL C 208 46.44 -0.87 -5.63
CA VAL C 208 47.37 -1.48 -4.69
C VAL C 208 48.42 -0.47 -4.23
N LYS C 209 49.01 0.29 -5.14
CA LYS C 209 50.01 1.28 -4.71
C LYS C 209 49.36 2.42 -3.88
N ALA C 210 48.09 2.67 -4.10
CA ALA C 210 47.42 3.76 -3.36
C ALA C 210 46.99 3.38 -1.97
N ASP C 211 46.24 2.30 -1.85
CA ASP C 211 45.70 1.86 -0.57
C ASP C 211 46.37 0.64 0.04
N ASN C 212 46.84 -0.27 -0.80
CA ASN C 212 47.46 -1.52 -0.36
C ASN C 212 46.40 -2.32 0.39
N PRO C 213 45.30 -2.63 -0.28
CA PRO C 213 44.19 -3.38 0.30
C PRO C 213 44.47 -4.88 0.43
N SER C 214 43.57 -5.59 1.09
CA SER C 214 43.71 -7.02 1.24
C SER C 214 42.76 -7.66 0.25
N LEU C 215 41.76 -6.90 -0.19
CA LEU C 215 40.78 -7.36 -1.16
C LEU C 215 40.17 -8.71 -0.80
N THR C 216 39.99 -8.93 0.49
CA THR C 216 39.42 -10.16 1.01
C THR C 216 38.05 -9.94 1.64
N CYS C 217 37.18 -10.93 1.55
CA CYS C 217 35.86 -10.82 2.14
C CYS C 217 36.00 -11.06 3.64
N ARG C 218 35.78 -10.01 4.42
CA ARG C 218 35.89 -10.06 5.87
C ARG C 218 34.66 -10.70 6.51
N LEU C 219 33.51 -10.55 5.86
CA LEU C 219 32.25 -11.11 6.35
C LEU C 219 32.48 -12.48 6.99
N PRO C 220 32.02 -12.65 8.25
CA PRO C 220 32.13 -13.88 9.07
C PRO C 220 31.47 -15.16 8.52
N ASN C 221 31.14 -15.18 7.24
CA ASN C 221 30.50 -16.35 6.64
C ASN C 221 31.32 -16.97 5.51
N VAL C 222 32.60 -16.61 5.42
CA VAL C 222 33.44 -17.12 4.36
C VAL C 222 34.19 -18.39 4.68
N THR C 223 34.40 -19.16 3.62
CA THR C 223 35.12 -20.43 3.65
C THR C 223 35.48 -20.71 2.19
N LYS C 224 36.03 -19.70 1.52
CA LYS C 224 36.45 -19.80 0.11
C LYS C 224 36.77 -18.45 -0.54
N GLN C 225 37.89 -17.83 -0.13
CA GLN C 225 38.33 -16.52 -0.65
C GLN C 225 38.46 -16.41 -2.18
N PRO C 226 37.87 -15.34 -2.76
CA PRO C 226 37.90 -15.07 -4.21
C PRO C 226 39.29 -14.73 -4.73
N VAL C 227 39.50 -14.91 -6.03
CA VAL C 227 40.79 -14.62 -6.64
C VAL C 227 40.96 -13.09 -6.79
N ARG C 228 42.13 -12.61 -6.35
CA ARG C 228 42.48 -11.21 -6.43
C ARG C 228 43.32 -10.93 -7.70
N VAL C 229 42.65 -10.35 -8.69
CA VAL C 229 43.24 -10.05 -9.99
C VAL C 229 43.75 -8.62 -10.11
N ILE C 230 45.04 -8.46 -10.38
CA ILE C 230 45.64 -7.14 -10.51
C ILE C 230 46.13 -6.88 -11.95
N LEU C 231 45.64 -5.80 -12.57
CA LEU C 231 46.06 -5.45 -13.92
C LEU C 231 47.25 -4.52 -13.70
N ASP C 232 48.43 -4.99 -14.03
CA ASP C 232 49.62 -4.21 -13.80
C ASP C 232 50.54 -4.24 -15.02
N THR C 233 50.21 -3.41 -15.99
CA THR C 233 50.94 -3.34 -17.25
C THR C 233 52.42 -3.50 -17.20
N VAL C 234 53.08 -2.62 -16.47
CA VAL C 234 54.51 -2.64 -16.41
C VAL C 234 55.12 -3.34 -15.14
N LEU C 235 54.29 -3.99 -14.35
CA LEU C 235 54.71 -4.71 -13.14
C LEU C 235 55.36 -3.83 -12.07
N SER C 236 54.67 -2.75 -11.73
CA SER C 236 55.20 -1.82 -10.73
C SER C 236 54.67 -2.06 -9.31
N ILE C 237 53.90 -3.13 -9.12
CA ILE C 237 53.31 -3.46 -7.83
C ILE C 237 54.35 -3.49 -6.70
N PRO C 238 53.99 -2.93 -5.53
CA PRO C 238 54.91 -2.90 -4.38
C PRO C 238 55.06 -4.35 -3.93
N GLU C 239 56.29 -4.85 -3.98
CA GLU C 239 56.54 -6.23 -3.61
C GLU C 239 56.11 -6.62 -2.22
N ASP C 240 56.13 -5.66 -1.30
CA ASP C 240 55.77 -5.91 0.09
C ASP C 240 54.28 -5.76 0.37
N ALA C 241 53.47 -5.61 -0.67
CA ALA C 241 52.03 -5.45 -0.50
C ALA C 241 51.29 -6.67 0.04
N LYS C 242 50.23 -6.42 0.81
CA LYS C 242 49.43 -7.50 1.40
C LYS C 242 49.02 -8.50 0.34
N VAL C 243 48.74 -7.99 -0.85
CA VAL C 243 48.30 -8.83 -1.96
C VAL C 243 49.36 -9.85 -2.40
N ILE C 244 50.59 -9.62 -2.00
CA ILE C 244 51.67 -10.50 -2.38
C ILE C 244 52.20 -11.34 -1.22
N CYS C 245 52.19 -10.77 -0.02
CA CYS C 245 52.70 -11.44 1.18
C CYS C 245 51.69 -12.07 2.14
N ASP C 246 50.56 -11.41 2.38
CA ASP C 246 49.58 -11.92 3.33
C ASP C 246 49.14 -13.36 3.05
N GLN C 247 49.24 -13.75 1.80
CA GLN C 247 48.81 -15.06 1.33
C GLN C 247 47.61 -15.66 2.05
N ILE C 248 46.53 -14.89 2.04
CA ILE C 248 45.25 -15.26 2.62
C ILE C 248 44.38 -15.69 1.45
N ALA C 249 44.82 -15.38 0.25
CA ALA C 249 44.04 -15.70 -0.94
C ALA C 249 44.87 -15.69 -2.23
N PRO C 250 44.32 -16.27 -3.30
CA PRO C 250 45.01 -16.31 -4.59
C PRO C 250 45.17 -14.90 -5.16
N THR C 251 46.34 -14.64 -5.74
CA THR C 251 46.66 -13.35 -6.33
C THR C 251 47.20 -13.57 -7.73
N TRP C 252 46.41 -13.19 -8.73
CA TRP C 252 46.79 -13.29 -10.15
C TRP C 252 47.10 -11.91 -10.74
N ILE C 253 48.31 -11.74 -11.27
CA ILE C 253 48.72 -10.47 -11.90
C ILE C 253 48.86 -10.60 -13.41
N PHE C 254 48.31 -9.64 -14.15
CA PHE C 254 48.40 -9.59 -15.60
C PHE C 254 49.38 -8.47 -16.01
N THR C 255 50.49 -8.83 -16.66
CA THR C 255 51.49 -7.85 -17.12
C THR C 255 51.76 -8.08 -18.59
N THR C 256 52.80 -7.43 -19.08
CA THR C 256 53.21 -7.52 -20.46
C THR C 256 54.71 -7.81 -20.45
N ALA C 257 55.32 -7.79 -21.62
CA ALA C 257 56.74 -8.05 -21.77
C ALA C 257 57.58 -6.94 -21.14
N ARG C 258 56.94 -5.82 -20.79
CA ARG C 258 57.70 -4.75 -20.15
C ARG C 258 57.91 -5.00 -18.65
N ALA C 259 57.45 -6.15 -18.15
CA ALA C 259 57.66 -6.51 -16.75
C ALA C 259 59.10 -6.97 -16.55
N ASP C 260 59.74 -6.54 -15.47
CA ASP C 260 61.11 -6.93 -15.15
C ASP C 260 61.14 -8.44 -14.95
N GLU C 261 62.02 -9.14 -15.66
CA GLU C 261 62.04 -10.60 -15.53
C GLU C 261 62.26 -11.15 -14.12
N GLU C 262 63.32 -10.70 -13.45
CA GLU C 262 63.63 -11.17 -12.10
C GLU C 262 62.50 -10.87 -11.13
N LYS C 263 61.90 -9.69 -11.25
CA LYS C 263 60.82 -9.34 -10.37
C LYS C 263 59.68 -10.32 -10.50
N LYS C 264 59.32 -10.74 -11.72
CA LYS C 264 58.22 -11.71 -11.84
C LYS C 264 58.60 -12.98 -11.07
N LYS C 265 59.87 -13.35 -11.15
CA LYS C 265 60.38 -14.55 -10.48
C LYS C 265 60.27 -14.43 -8.95
N ARG C 266 60.71 -13.30 -8.40
CA ARG C 266 60.62 -13.11 -6.97
C ARG C 266 59.17 -13.16 -6.50
N LEU C 267 58.24 -12.67 -7.33
CA LEU C 267 56.82 -12.69 -6.94
C LEU C 267 56.19 -14.07 -7.00
N SER C 268 56.47 -14.82 -8.06
CA SER C 268 55.91 -16.16 -8.22
C SER C 268 56.35 -17.06 -7.07
N ALA C 269 57.52 -16.77 -6.52
CA ALA C 269 58.05 -17.53 -5.41
C ALA C 269 57.02 -17.48 -4.28
N PHE C 270 56.49 -16.28 -4.01
CA PHE C 270 55.49 -16.09 -2.97
C PHE C 270 54.19 -16.81 -3.35
N GLY C 271 54.20 -17.51 -4.46
CA GLY C 271 53.00 -18.21 -4.89
C GLY C 271 52.00 -17.37 -5.65
N VAL C 272 52.43 -16.25 -6.22
CA VAL C 272 51.56 -15.40 -7.00
C VAL C 272 51.57 -15.88 -8.44
N ASN C 273 50.41 -15.82 -9.09
CA ASN C 273 50.25 -16.23 -10.48
C ASN C 273 50.43 -15.06 -11.42
N ILE C 274 51.45 -15.12 -12.27
CA ILE C 274 51.70 -14.05 -13.21
C ILE C 274 51.43 -14.45 -14.65
N PHE C 275 50.50 -13.74 -15.29
CA PHE C 275 50.14 -13.99 -16.67
C PHE C 275 50.79 -12.91 -17.53
N THR C 276 51.58 -13.31 -18.52
CA THR C 276 52.22 -12.34 -19.38
C THR C 276 51.43 -12.30 -20.68
N LEU C 277 50.69 -11.21 -20.90
CA LEU C 277 49.89 -11.06 -22.12
C LEU C 277 50.87 -10.87 -23.28
N GLU C 278 50.43 -11.13 -24.49
CA GLU C 278 51.34 -10.95 -25.61
C GLU C 278 51.25 -9.57 -26.26
N THR C 279 50.30 -8.76 -25.82
CA THR C 279 50.17 -7.40 -26.36
C THR C 279 51.07 -6.43 -25.58
N GLU C 280 51.33 -5.24 -26.11
CA GLU C 280 52.18 -4.32 -25.38
C GLU C 280 51.38 -3.55 -24.30
N ARG C 281 50.07 -3.49 -24.44
CA ARG C 281 49.19 -2.87 -23.46
C ARG C 281 48.17 -3.95 -23.06
N ILE C 282 47.64 -3.86 -21.86
CA ILE C 282 46.68 -4.86 -21.40
C ILE C 282 45.31 -4.65 -22.07
N GLN C 283 44.77 -5.69 -22.71
CA GLN C 283 43.44 -5.57 -23.35
C GLN C 283 42.46 -6.31 -22.46
N ILE C 284 41.41 -5.63 -22.02
CA ILE C 284 40.44 -6.24 -21.13
C ILE C 284 39.90 -7.55 -21.69
N PRO C 285 39.42 -7.53 -22.95
CA PRO C 285 38.87 -8.73 -23.61
C PRO C 285 39.79 -9.95 -23.50
N ASP C 286 41.10 -9.72 -23.63
CA ASP C 286 42.07 -10.81 -23.52
C ASP C 286 42.12 -11.34 -22.10
N VAL C 287 42.21 -10.42 -21.14
CA VAL C 287 42.24 -10.78 -19.73
C VAL C 287 40.98 -11.61 -19.38
N LEU C 288 39.82 -11.15 -19.85
CA LEU C 288 38.59 -11.87 -19.54
C LEU C 288 38.60 -13.25 -20.15
N LYS C 289 39.06 -13.34 -21.41
CA LYS C 289 39.12 -14.64 -22.07
C LYS C 289 39.98 -15.57 -21.20
N ILE C 290 41.16 -15.10 -20.83
CA ILE C 290 42.08 -15.91 -20.01
C ILE C 290 41.49 -16.29 -18.67
N LEU C 291 40.77 -15.37 -18.04
CA LEU C 291 40.16 -15.66 -16.75
C LEU C 291 39.13 -16.76 -16.95
N ALA C 292 38.41 -16.71 -18.06
CA ALA C 292 37.39 -17.71 -18.32
C ALA C 292 38.03 -19.07 -18.47
N GLU C 293 39.10 -19.14 -19.26
CA GLU C 293 39.84 -20.39 -19.50
C GLU C 293 40.34 -21.02 -18.23
N GLU C 294 40.51 -20.21 -17.19
CA GLU C 294 41.00 -20.69 -15.91
C GLU C 294 39.86 -21.07 -14.95
N GLY C 295 38.61 -20.97 -15.40
CA GLY C 295 37.51 -21.32 -14.51
C GLY C 295 36.74 -20.19 -13.83
N ILE C 296 37.34 -18.99 -13.79
CA ILE C 296 36.69 -17.82 -13.19
C ILE C 296 35.41 -17.46 -13.96
N MET C 297 34.25 -17.54 -13.30
CA MET C 297 32.97 -17.22 -13.95
C MET C 297 32.44 -15.82 -13.71
N SER C 298 33.01 -15.12 -12.74
CA SER C 298 32.55 -13.77 -12.44
C SER C 298 33.65 -12.89 -11.88
N VAL C 299 33.59 -11.60 -12.19
CA VAL C 299 34.60 -10.67 -11.69
C VAL C 299 33.99 -9.38 -11.21
N TYR C 300 34.40 -8.97 -10.01
CA TYR C 300 33.95 -7.75 -9.36
C TYR C 300 35.06 -6.73 -9.54
N VAL C 301 34.83 -5.73 -10.38
CA VAL C 301 35.85 -4.72 -10.65
C VAL C 301 35.66 -3.51 -9.74
N GLU C 302 36.50 -3.38 -8.72
CA GLU C 302 36.38 -2.26 -7.77
C GLU C 302 37.16 -1.02 -8.13
N GLY C 303 38.45 -1.19 -8.32
CA GLY C 303 39.29 -0.03 -8.53
C GLY C 303 40.03 0.35 -9.79
N GLY C 304 40.15 1.67 -9.87
CA GLY C 304 40.80 2.35 -10.95
C GLY C 304 39.73 3.00 -11.79
N SER C 305 39.68 4.33 -11.79
CA SER C 305 38.72 5.03 -12.63
C SER C 305 39.09 4.70 -14.10
N ALA C 306 40.39 4.47 -14.35
CA ALA C 306 40.90 4.13 -15.68
C ALA C 306 40.53 2.69 -16.05
N VAL C 307 40.62 1.79 -15.08
CA VAL C 307 40.28 0.40 -15.31
C VAL C 307 38.78 0.33 -15.62
N HIS C 308 38.01 1.08 -14.86
CA HIS C 308 36.58 1.12 -15.09
C HIS C 308 36.40 1.68 -16.49
N GLY C 309 37.13 2.76 -16.79
CA GLY C 309 37.07 3.40 -18.09
C GLY C 309 37.32 2.45 -19.24
N SER C 310 38.23 1.50 -19.07
CA SER C 310 38.53 0.50 -20.11
C SER C 310 37.38 -0.50 -20.19
N PHE C 311 36.93 -1.04 -19.06
CA PHE C 311 35.82 -1.99 -19.13
C PHE C 311 34.64 -1.33 -19.84
N VAL C 312 34.31 -0.09 -19.45
CA VAL C 312 33.21 0.62 -20.08
C VAL C 312 33.39 0.89 -21.59
N LYS C 313 34.60 1.28 -22.00
CA LYS C 313 34.89 1.57 -23.40
C LYS C 313 34.74 0.37 -24.32
N GLU C 314 35.14 -0.80 -23.82
CA GLU C 314 35.06 -2.05 -24.55
C GLU C 314 33.67 -2.66 -24.45
N GLY C 315 32.86 -2.16 -23.55
CA GLY C 315 31.55 -2.77 -23.40
C GLY C 315 31.74 -4.15 -22.80
N CYS C 316 32.62 -4.25 -21.82
CA CYS C 316 32.88 -5.53 -21.17
C CYS C 316 32.27 -5.61 -19.77
N PHE C 317 31.03 -5.15 -19.63
CA PHE C 317 30.39 -5.22 -18.32
C PHE C 317 28.91 -5.55 -18.41
N GLN C 318 28.43 -6.35 -17.47
CA GLN C 318 27.02 -6.75 -17.42
C GLN C 318 26.26 -5.91 -16.43
N GLU C 319 26.96 -5.33 -15.46
CA GLU C 319 26.31 -4.53 -14.44
C GLU C 319 27.21 -3.42 -13.90
N ILE C 320 26.59 -2.31 -13.54
CA ILE C 320 27.31 -1.18 -13.01
C ILE C 320 26.67 -0.75 -11.66
N ILE C 321 27.49 -0.61 -10.63
CA ILE C 321 26.98 -0.22 -9.31
C ILE C 321 27.71 0.99 -8.75
N PHE C 322 26.99 2.09 -8.62
CA PHE C 322 27.56 3.31 -8.09
C PHE C 322 26.98 3.71 -6.73
N TYR C 323 27.86 4.02 -5.77
CA TYR C 323 27.40 4.50 -4.49
C TYR C 323 27.65 6.00 -4.46
N PHE C 324 26.57 6.77 -4.31
CA PHE C 324 26.63 8.23 -4.25
C PHE C 324 26.38 8.71 -2.82
N ALA C 325 27.24 9.61 -2.36
CA ALA C 325 27.10 10.15 -1.01
C ALA C 325 26.53 11.56 -1.09
N PRO C 326 25.87 12.00 -0.02
CA PRO C 326 25.28 13.35 -0.02
C PRO C 326 26.38 14.36 0.27
N LYS C 327 27.37 14.44 -0.62
CA LYS C 327 28.48 15.37 -0.47
C LYS C 327 28.86 15.95 -1.81
N LEU C 328 29.43 17.14 -1.79
CA LEU C 328 29.87 17.81 -2.99
C LEU C 328 31.36 18.14 -2.85
N ILE C 329 32.20 17.54 -3.71
CA ILE C 329 33.66 17.76 -3.65
C ILE C 329 34.10 18.93 -4.51
N GLY C 330 33.66 18.95 -5.76
CA GLY C 330 34.07 20.01 -6.67
C GLY C 330 35.54 19.85 -7.02
N GLY C 331 36.06 20.76 -7.83
CA GLY C 331 37.46 20.69 -8.23
C GLY C 331 37.67 20.29 -9.67
N THR C 332 38.10 21.25 -10.48
CA THR C 332 38.35 21.00 -11.89
C THR C 332 39.23 19.77 -12.01
N HIS C 333 40.31 19.71 -11.21
CA HIS C 333 41.26 18.61 -11.25
C HIS C 333 40.99 17.42 -10.33
N ALA C 334 39.85 17.39 -9.63
CA ALA C 334 39.56 16.24 -8.76
C ALA C 334 39.17 15.08 -9.67
N PRO C 335 39.58 13.86 -9.32
CA PRO C 335 39.29 12.63 -10.09
C PRO C 335 37.84 12.19 -10.16
N SER C 336 37.40 11.95 -11.39
CA SER C 336 36.05 11.52 -11.73
C SER C 336 35.86 10.01 -11.65
N LEU C 337 34.60 9.60 -11.67
CA LEU C 337 34.24 8.19 -11.65
C LEU C 337 34.87 7.36 -12.79
N ILE C 338 34.73 7.87 -14.01
CA ILE C 338 35.26 7.16 -15.19
C ILE C 338 36.39 7.96 -15.83
N SER C 339 37.58 7.34 -15.94
CA SER C 339 38.76 7.96 -16.54
C SER C 339 38.97 7.42 -17.95
N GLY C 340 40.23 7.37 -18.38
CA GLY C 340 40.52 6.87 -19.71
C GLY C 340 39.98 7.72 -20.86
N GLU C 341 39.70 7.08 -21.99
CA GLU C 341 39.22 7.78 -23.18
C GLU C 341 37.81 8.37 -23.13
N GLY C 342 36.81 7.51 -22.98
CA GLY C 342 35.45 8.00 -22.95
C GLY C 342 34.95 8.15 -24.37
N PHE C 343 33.63 8.29 -24.53
CA PHE C 343 33.03 8.45 -25.85
C PHE C 343 33.08 9.90 -26.29
N GLN C 344 33.41 10.12 -27.56
CA GLN C 344 33.55 11.47 -28.12
C GLN C 344 32.22 12.14 -28.41
N SER C 345 31.24 11.38 -28.87
CA SER C 345 29.95 11.95 -29.18
C SER C 345 28.80 11.21 -28.53
N MET C 346 27.86 11.97 -28.01
CA MET C 346 26.69 11.43 -27.35
C MET C 346 25.97 10.38 -28.18
N LYS C 347 25.99 10.54 -29.51
CA LYS C 347 25.34 9.58 -30.41
C LYS C 347 25.97 8.20 -30.26
N ASP C 348 27.18 8.18 -29.71
CA ASP C 348 27.91 6.93 -29.52
C ASP C 348 27.93 6.37 -28.12
N VAL C 349 27.31 7.02 -27.14
CA VAL C 349 27.34 6.46 -25.79
C VAL C 349 26.19 5.47 -25.61
N PRO C 350 26.53 4.23 -25.21
CA PRO C 350 25.50 3.22 -25.02
C PRO C 350 24.47 3.65 -23.98
N LEU C 351 23.24 3.17 -24.16
CA LEU C 351 22.16 3.47 -23.24
C LEU C 351 21.99 2.28 -22.30
N LEU C 352 22.09 2.56 -21.01
CA LEU C 352 21.91 1.53 -20.00
C LEU C 352 20.48 1.69 -19.50
N GLN C 353 20.16 0.96 -18.44
CA GLN C 353 18.84 1.06 -17.85
C GLN C 353 19.01 0.86 -16.36
N PHE C 354 18.35 1.71 -15.60
CA PHE C 354 18.43 1.60 -14.16
C PHE C 354 17.69 0.34 -13.75
N THR C 355 18.31 -0.45 -12.89
CA THR C 355 17.71 -1.71 -12.44
C THR C 355 17.29 -1.65 -10.98
N ASP C 356 17.90 -0.74 -10.22
CA ASP C 356 17.59 -0.59 -8.80
C ASP C 356 18.15 0.70 -8.24
N ILE C 357 17.38 1.33 -7.36
CA ILE C 357 17.82 2.57 -6.74
C ILE C 357 17.40 2.55 -5.30
N THR C 358 18.20 1.87 -4.49
CA THR C 358 17.92 1.75 -3.06
C THR C 358 18.91 2.51 -2.15
N GLN C 359 18.38 3.16 -1.11
CA GLN C 359 19.22 3.91 -0.19
C GLN C 359 19.89 3.00 0.84
N ILE C 360 21.17 3.22 1.06
CA ILE C 360 21.92 2.43 2.02
C ILE C 360 22.52 3.40 3.00
N GLY C 361 21.90 3.52 4.16
CA GLY C 361 22.38 4.46 5.15
C GLY C 361 22.05 5.84 4.60
N ARG C 362 22.97 6.79 4.75
CA ARG C 362 22.74 8.14 4.26
C ARG C 362 23.12 8.27 2.78
N ASP C 363 23.54 7.18 2.16
CA ASP C 363 23.95 7.19 0.75
C ASP C 363 22.90 6.59 -0.19
N ILE C 364 23.11 6.81 -1.49
CA ILE C 364 22.21 6.23 -2.49
C ILE C 364 23.01 5.29 -3.37
N LYS C 365 22.47 4.09 -3.59
CA LYS C 365 23.12 3.08 -4.41
C LYS C 365 22.35 2.91 -5.72
N LEU C 366 23.00 3.20 -6.85
CA LEU C 366 22.37 3.08 -8.15
C LEU C 366 22.92 1.92 -8.92
N THR C 367 22.04 1.06 -9.44
CA THR C 367 22.50 -0.06 -10.23
C THR C 367 21.89 -0.05 -11.62
N ALA C 368 22.72 -0.29 -12.62
CA ALA C 368 22.28 -0.25 -14.01
C ALA C 368 22.89 -1.38 -14.80
N LYS C 369 22.23 -1.72 -15.90
CA LYS C 369 22.68 -2.78 -16.78
C LYS C 369 22.59 -2.30 -18.23
N PRO C 370 23.37 -2.93 -19.13
CA PRO C 370 23.42 -2.61 -20.56
C PRO C 370 22.11 -2.69 -21.34
N THR C 371 22.15 -2.10 -22.53
CA THR C 371 21.05 -2.01 -23.48
C THR C 371 19.81 -1.41 -22.80
N SER D 12 -8.20 16.90 17.80
CA SER D 12 -8.19 16.49 16.36
C SER D 12 -9.04 17.46 15.56
N MET D 13 -10.12 17.95 16.15
CA MET D 13 -11.00 18.90 15.47
C MET D 13 -10.23 20.19 15.17
N GLU D 14 -9.39 20.59 16.11
CA GLU D 14 -8.58 21.80 15.97
C GLU D 14 -7.68 21.61 14.75
N GLU D 15 -6.95 20.48 14.71
CA GLU D 15 -6.08 20.20 13.56
C GLU D 15 -6.89 20.21 12.26
N TYR D 16 -8.12 19.73 12.31
CA TYR D 16 -8.94 19.75 11.10
C TYR D 16 -9.09 21.17 10.53
N TYR D 17 -9.45 22.13 11.37
CA TYR D 17 -9.63 23.52 10.95
C TYR D 17 -8.35 24.17 10.44
N MET D 18 -7.23 23.86 11.08
CA MET D 18 -5.96 24.42 10.62
C MET D 18 -5.64 23.81 9.25
N LYS D 19 -5.99 22.54 9.07
CA LYS D 19 -5.75 21.85 7.80
C LYS D 19 -6.45 22.68 6.71
N LEU D 20 -7.74 22.95 6.93
CA LEU D 20 -8.53 23.74 6.00
C LEU D 20 -7.83 25.08 5.76
N ALA D 21 -7.51 25.77 6.83
CA ALA D 21 -6.83 27.04 6.67
C ALA D 21 -5.62 26.87 5.73
N LEU D 22 -4.81 25.84 5.93
CA LEU D 22 -3.63 25.65 5.05
C LEU D 22 -4.04 25.40 3.61
N ASP D 23 -5.12 24.63 3.40
CA ASP D 23 -5.55 24.35 2.03
C ASP D 23 -6.15 25.59 1.35
N LEU D 24 -6.72 26.49 2.14
CA LEU D 24 -7.27 27.72 1.58
C LEU D 24 -6.11 28.59 1.14
N ALA D 25 -5.08 28.62 1.97
CA ALA D 25 -3.90 29.41 1.67
C ALA D 25 -3.29 29.05 0.31
N LYS D 26 -3.24 27.76 -0.02
CA LYS D 26 -2.66 27.32 -1.29
C LYS D 26 -3.34 27.89 -2.53
N GLN D 27 -4.61 28.27 -2.44
CA GLN D 27 -5.31 28.80 -3.61
C GLN D 27 -4.69 30.11 -4.09
N GLY D 28 -3.80 30.68 -3.28
CA GLY D 28 -3.16 31.93 -3.67
C GLY D 28 -1.78 31.69 -4.26
N GLU D 29 -1.36 30.43 -4.19
CA GLU D 29 -0.08 29.98 -4.73
C GLU D 29 0.27 30.74 -6.01
N GLY D 30 -0.76 30.99 -6.82
CA GLY D 30 -0.57 31.70 -8.07
C GLY D 30 0.08 33.07 -7.97
N GLN D 31 -0.73 34.09 -7.67
CA GLN D 31 -0.20 35.44 -7.60
C GLN D 31 -0.39 36.17 -6.29
N THR D 32 0.70 36.31 -5.56
CA THR D 32 0.74 37.04 -4.30
C THR D 32 2.09 37.71 -4.38
N GLU D 33 2.85 37.32 -5.42
CA GLU D 33 4.18 37.84 -5.67
C GLU D 33 5.11 37.53 -4.51
N SER D 34 5.56 38.55 -3.80
CA SER D 34 6.44 38.33 -2.66
C SER D 34 5.68 38.03 -1.36
N ASN D 35 4.41 38.41 -1.32
CA ASN D 35 3.55 38.19 -0.16
C ASN D 35 3.46 36.72 0.21
N PRO D 36 3.51 36.40 1.51
CA PRO D 36 3.42 34.98 1.89
C PRO D 36 1.99 34.46 1.68
N LEU D 37 1.85 33.14 1.65
CA LEU D 37 0.57 32.50 1.47
C LEU D 37 -0.05 32.25 2.84
N VAL D 38 -1.25 32.77 3.08
CA VAL D 38 -1.89 32.56 4.38
C VAL D 38 -3.36 32.18 4.26
N GLY D 39 -3.84 31.44 5.24
CA GLY D 39 -5.23 31.00 5.26
C GLY D 39 -5.88 31.23 6.60
N ALA D 40 -7.19 31.36 6.63
CA ALA D 40 -7.87 31.60 7.91
C ALA D 40 -9.29 31.10 7.89
N VAL D 41 -9.74 30.53 9.00
CA VAL D 41 -11.11 30.03 9.09
C VAL D 41 -11.66 30.40 10.46
N VAL D 42 -12.90 30.87 10.48
CA VAL D 42 -13.56 31.25 11.71
C VAL D 42 -14.64 30.21 12.03
N VAL D 43 -14.72 29.79 13.28
CA VAL D 43 -15.75 28.84 13.64
C VAL D 43 -16.47 29.32 14.89
N LYS D 44 -17.79 29.28 14.83
CA LYS D 44 -18.65 29.73 15.93
C LYS D 44 -19.57 28.61 16.36
N ASP D 45 -19.54 28.28 17.64
CA ASP D 45 -20.38 27.21 18.17
C ASP D 45 -20.28 25.91 17.39
N GLY D 46 -19.06 25.59 16.92
CA GLY D 46 -18.84 24.36 16.17
C GLY D 46 -19.13 24.41 14.67
N GLN D 47 -19.51 25.56 14.14
CA GLN D 47 -19.77 25.67 12.72
C GLN D 47 -18.75 26.57 12.03
N ILE D 48 -18.45 26.25 10.77
CA ILE D 48 -17.54 27.07 9.99
C ILE D 48 -18.37 28.28 9.54
N VAL D 49 -17.86 29.48 9.74
CA VAL D 49 -18.61 30.68 9.33
C VAL D 49 -17.78 31.60 8.46
N GLY D 50 -16.46 31.43 8.48
CA GLY D 50 -15.64 32.29 7.66
C GLY D 50 -14.40 31.60 7.16
N MET D 51 -14.11 31.76 5.87
CA MET D 51 -12.93 31.18 5.26
C MET D 51 -12.29 32.29 4.44
N GLY D 52 -10.96 32.32 4.40
CA GLY D 52 -10.26 33.33 3.63
C GLY D 52 -8.82 32.91 3.34
N ALA D 53 -8.21 33.57 2.36
CA ALA D 53 -6.83 33.29 1.97
C ALA D 53 -6.32 34.55 1.33
N HIS D 54 -5.01 34.68 1.27
CA HIS D 54 -4.42 35.85 0.66
C HIS D 54 -4.35 35.49 -0.81
N LEU D 55 -5.21 36.13 -1.61
CA LEU D 55 -5.26 35.81 -3.03
C LEU D 55 -4.48 36.75 -3.94
N LYS D 56 -4.41 38.03 -3.58
CA LYS D 56 -3.68 38.97 -4.41
C LYS D 56 -2.67 39.85 -3.69
N TYR D 57 -1.50 40.02 -4.32
CA TYR D 57 -0.44 40.86 -3.78
C TYR D 57 -1.02 42.24 -3.59
N GLY D 58 -0.83 42.81 -2.40
CA GLY D 58 -1.34 44.16 -2.15
C GLY D 58 -2.80 44.26 -1.78
N GLU D 59 -3.52 43.15 -1.81
CA GLU D 59 -4.93 43.18 -1.46
C GLU D 59 -5.15 42.54 -0.09
N ALA D 60 -6.42 42.41 0.30
CA ALA D 60 -6.81 41.88 1.60
C ALA D 60 -6.14 40.60 2.05
N HIS D 61 -5.84 40.55 3.34
CA HIS D 61 -5.22 39.38 3.95
C HIS D 61 -6.30 38.33 4.21
N ALA D 62 -5.88 37.10 4.37
CA ALA D 62 -6.82 36.01 4.63
C ALA D 62 -7.81 36.34 5.75
N GLU D 63 -7.33 36.96 6.82
CA GLU D 63 -8.17 37.27 7.97
C GLU D 63 -9.31 38.24 7.66
N VAL D 64 -9.00 39.24 6.84
CA VAL D 64 -9.96 40.24 6.43
C VAL D 64 -11.09 39.52 5.70
N HIS D 65 -10.75 38.67 4.74
CA HIS D 65 -11.76 37.91 3.98
C HIS D 65 -12.63 37.02 4.89
N ALA D 66 -11.99 36.21 5.71
CA ALA D 66 -12.70 35.32 6.62
C ALA D 66 -13.57 36.07 7.61
N ILE D 67 -13.01 37.11 8.22
CA ILE D 67 -13.75 37.87 9.20
C ILE D 67 -14.94 38.60 8.60
N HIS D 68 -14.78 39.11 7.39
CA HIS D 68 -15.89 39.77 6.75
C HIS D 68 -16.97 38.70 6.52
N MET D 69 -16.60 37.62 5.85
CA MET D 69 -17.54 36.54 5.56
C MET D 69 -18.31 36.04 6.80
N ALA D 70 -17.68 36.09 7.98
CA ALA D 70 -18.32 35.59 9.19
C ALA D 70 -19.35 36.54 9.78
N GLY D 71 -19.22 37.84 9.47
CA GLY D 71 -20.15 38.82 9.98
C GLY D 71 -20.23 38.89 11.49
N ALA D 72 -21.45 38.80 12.01
CA ALA D 72 -21.69 38.86 13.46
C ALA D 72 -21.34 37.52 14.13
N HIS D 73 -21.17 36.47 13.34
CA HIS D 73 -20.79 35.18 13.91
C HIS D 73 -19.38 35.28 14.48
N ALA D 74 -18.65 36.32 14.08
CA ALA D 74 -17.29 36.49 14.58
C ALA D 74 -17.28 36.66 16.09
N GLU D 75 -18.31 37.32 16.60
CA GLU D 75 -18.42 37.57 18.04
C GLU D 75 -18.42 36.29 18.86
N GLY D 76 -17.49 36.18 19.79
CA GLY D 76 -17.41 34.98 20.62
C GLY D 76 -16.88 33.75 19.86
N ALA D 77 -16.32 33.96 18.67
CA ALA D 77 -15.80 32.86 17.86
C ALA D 77 -14.31 32.56 18.05
N ASP D 78 -13.84 31.59 17.27
CA ASP D 78 -12.44 31.13 17.26
C ASP D 78 -11.94 31.36 15.85
N ILE D 79 -10.65 31.58 15.67
CA ILE D 79 -10.14 31.74 14.33
C ILE D 79 -8.80 31.04 14.17
N TYR D 80 -8.68 30.32 13.06
CA TYR D 80 -7.46 29.61 12.78
C TYR D 80 -6.71 30.32 11.65
N VAL D 81 -5.45 30.67 11.88
CA VAL D 81 -4.62 31.35 10.88
C VAL D 81 -3.31 30.57 10.83
N THR D 82 -2.83 30.37 9.61
CA THR D 82 -1.63 29.63 9.35
C THR D 82 -0.40 30.49 9.62
N LEU D 83 -0.60 31.80 9.79
CA LEU D 83 0.51 32.71 10.07
C LEU D 83 0.09 33.77 11.08
N GLU D 84 1.06 34.38 11.75
CA GLU D 84 0.74 35.37 12.75
C GLU D 84 0.07 36.60 12.13
N PRO D 85 -1.13 36.95 12.60
CA PRO D 85 -1.87 38.12 12.10
C PRO D 85 -0.96 39.36 12.15
N CYS D 86 -0.89 40.13 11.05
CA CYS D 86 -0.07 41.34 10.99
C CYS D 86 -0.44 42.33 12.09
N SER D 87 0.56 43.08 12.57
CA SER D 87 0.34 44.01 13.66
C SER D 87 0.83 45.42 13.43
N HIS D 88 1.27 45.72 12.21
CA HIS D 88 1.78 47.05 11.92
C HIS D 88 0.70 48.02 11.50
N TYR D 89 1.05 49.30 11.52
CA TYR D 89 0.07 50.31 11.15
C TYR D 89 0.32 50.93 9.80
N GLY D 90 -0.67 50.76 8.92
CA GLY D 90 -0.58 51.28 7.57
C GLY D 90 -1.82 52.02 7.11
N LYS D 91 -2.24 51.73 5.88
CA LYS D 91 -3.39 52.37 5.28
C LYS D 91 -4.71 51.89 5.91
N THR D 92 -4.66 50.73 6.55
CA THR D 92 -5.83 50.17 7.22
C THR D 92 -5.38 49.44 8.45
N PRO D 93 -6.29 49.22 9.40
CA PRO D 93 -5.87 48.53 10.61
C PRO D 93 -5.36 47.11 10.37
N PRO D 94 -4.38 46.69 11.19
CA PRO D 94 -3.78 45.35 11.11
C PRO D 94 -4.78 44.27 11.51
N CYS D 95 -4.55 43.05 11.03
CA CYS D 95 -5.44 41.94 11.36
C CYS D 95 -5.56 41.60 12.84
N ALA D 96 -4.47 41.73 13.60
CA ALA D 96 -4.61 41.44 15.02
C ALA D 96 -5.65 42.40 15.58
N GLU D 97 -5.66 43.62 15.07
CA GLU D 97 -6.62 44.62 15.53
C GLU D 97 -8.02 44.20 15.11
N LEU D 98 -8.16 43.82 13.84
CA LEU D 98 -9.45 43.41 13.29
C LEU D 98 -10.03 42.25 14.08
N ILE D 99 -9.17 41.33 14.49
CA ILE D 99 -9.60 40.17 15.26
C ILE D 99 -10.11 40.61 16.64
N ILE D 100 -9.37 41.49 17.29
CA ILE D 100 -9.78 42.00 18.59
C ILE D 100 -11.14 42.68 18.47
N ASN D 101 -11.23 43.64 17.54
CA ASN D 101 -12.48 44.38 17.36
C ASN D 101 -13.70 43.54 16.96
N SER D 102 -13.51 42.44 16.23
CA SER D 102 -14.65 41.60 15.82
C SER D 102 -15.25 40.76 16.95
N GLY D 103 -14.59 40.69 18.11
CA GLY D 103 -15.12 39.94 19.22
C GLY D 103 -14.65 38.49 19.30
N ILE D 104 -13.68 38.13 18.46
CA ILE D 104 -13.12 36.78 18.47
C ILE D 104 -12.53 36.49 19.85
N LYS D 105 -12.83 35.31 20.40
CA LYS D 105 -12.40 34.89 21.73
C LYS D 105 -11.02 34.25 21.84
N ARG D 106 -10.64 33.52 20.79
CA ARG D 106 -9.38 32.79 20.80
C ARG D 106 -8.83 32.56 19.40
N VAL D 107 -7.52 32.68 19.28
CA VAL D 107 -6.82 32.51 18.00
C VAL D 107 -5.88 31.34 18.09
N PHE D 108 -5.82 30.55 17.02
CA PHE D 108 -4.92 29.39 16.88
C PHE D 108 -3.93 29.78 15.78
N VAL D 109 -2.65 29.93 16.14
CA VAL D 109 -1.62 30.35 15.18
C VAL D 109 -0.62 29.23 14.86
N ALA D 110 -0.57 28.81 13.60
CA ALA D 110 0.36 27.75 13.25
C ALA D 110 1.80 28.14 13.63
N MET D 111 2.26 29.28 13.12
CA MET D 111 3.62 29.74 13.40
C MET D 111 3.72 31.27 13.55
N ARG D 112 4.79 31.75 14.17
CA ARG D 112 5.00 33.19 14.38
C ARG D 112 5.56 33.86 13.13
N ASP D 113 5.61 35.18 13.13
CA ASP D 113 6.12 35.90 11.97
C ASP D 113 7.62 35.71 11.81
N PRO D 114 8.10 35.62 10.55
CA PRO D 114 9.50 35.43 10.15
C PRO D 114 10.41 36.58 10.59
N ASN D 115 10.01 37.80 10.25
CA ASN D 115 10.76 38.98 10.61
C ASN D 115 10.94 39.06 12.14
N PRO D 116 12.13 38.67 12.64
CA PRO D 116 12.40 38.70 14.08
C PRO D 116 12.18 40.06 14.73
N LEU D 117 11.89 41.05 13.89
CA LEU D 117 11.64 42.42 14.31
C LEU D 117 10.13 42.60 14.54
N VAL D 118 9.36 41.66 13.99
CA VAL D 118 7.90 41.67 14.08
C VAL D 118 7.39 40.41 14.79
N ALA D 119 8.24 39.39 14.86
CA ALA D 119 7.88 38.12 15.50
C ALA D 119 7.23 38.25 16.87
N GLY D 120 6.00 37.78 16.99
CA GLY D 120 5.28 37.83 18.26
C GLY D 120 4.56 39.13 18.62
N ARG D 121 4.74 40.17 17.80
CA ARG D 121 4.09 41.44 18.12
C ARG D 121 2.57 41.32 18.03
N GLY D 122 2.09 40.59 17.03
CA GLY D 122 0.66 40.41 16.90
C GLY D 122 0.09 39.58 18.04
N ILE D 123 0.84 38.57 18.45
CA ILE D 123 0.42 37.69 19.55
C ILE D 123 0.24 38.49 20.83
N SER D 124 1.19 39.38 21.09
CA SER D 124 1.10 40.21 22.28
C SER D 124 -0.15 41.11 22.26
N MET D 125 -0.45 41.73 21.12
CA MET D 125 -1.62 42.60 21.00
C MET D 125 -2.91 41.89 21.38
N MET D 126 -3.13 40.75 20.74
CA MET D 126 -4.34 39.99 21.03
C MET D 126 -4.37 39.53 22.48
N LYS D 127 -3.22 39.05 22.96
CA LYS D 127 -3.14 38.58 24.33
C LYS D 127 -3.47 39.71 25.28
N GLU D 128 -3.06 40.92 24.92
CA GLU D 128 -3.36 42.06 25.78
C GLU D 128 -4.88 42.28 25.85
N ALA D 129 -5.59 41.95 24.77
CA ALA D 129 -7.05 42.09 24.74
C ALA D 129 -7.76 40.87 25.29
N GLY D 130 -7.02 39.98 25.96
CA GLY D 130 -7.65 38.79 26.53
C GLY D 130 -8.04 37.70 25.53
N ILE D 131 -7.39 37.67 24.39
CA ILE D 131 -7.70 36.64 23.43
C ILE D 131 -6.75 35.50 23.74
N GLU D 132 -7.26 34.27 23.80
CA GLU D 132 -6.39 33.14 24.09
C GLU D 132 -5.67 32.82 22.80
N VAL D 133 -4.35 32.74 22.88
CA VAL D 133 -3.54 32.44 21.72
C VAL D 133 -2.85 31.07 21.92
N ARG D 134 -3.28 30.07 21.15
CA ARG D 134 -2.71 28.74 21.20
C ARG D 134 -1.86 28.61 19.95
N GLU D 135 -0.58 28.31 20.11
CA GLU D 135 0.33 28.21 18.99
C GLU D 135 0.79 26.79 18.66
N GLY D 136 1.27 26.61 17.44
CA GLY D 136 1.82 25.31 17.04
C GLY D 136 1.01 24.29 16.28
N ILE D 137 -0.31 24.48 16.16
CA ILE D 137 -1.13 23.53 15.42
C ILE D 137 -0.64 23.46 13.96
N LEU D 138 -0.22 22.26 13.54
CA LEU D 138 0.31 21.96 12.21
C LEU D 138 1.42 22.89 11.75
N ALA D 139 2.26 23.32 12.69
CA ALA D 139 3.35 24.22 12.39
C ALA D 139 4.26 23.71 11.27
N ASP D 140 4.51 22.40 11.26
CA ASP D 140 5.36 21.79 10.24
C ASP D 140 4.87 22.11 8.83
N GLN D 141 3.58 21.88 8.59
CA GLN D 141 3.01 22.16 7.27
C GLN D 141 3.02 23.67 6.92
N ALA D 142 2.70 24.52 7.89
CA ALA D 142 2.72 25.95 7.62
C ALA D 142 4.14 26.32 7.21
N GLU D 143 5.11 25.63 7.80
CA GLU D 143 6.52 25.85 7.52
C GLU D 143 6.78 25.49 6.07
N ARG D 144 6.23 24.35 5.66
CA ARG D 144 6.37 23.87 4.29
C ARG D 144 5.74 24.88 3.32
N LEU D 145 4.52 25.32 3.63
CA LEU D 145 3.77 26.27 2.80
C LEU D 145 4.54 27.48 2.22
N ASN D 146 5.32 28.18 3.04
CA ASN D 146 6.06 29.34 2.57
C ASN D 146 7.57 29.25 2.80
N GLU D 147 8.09 28.02 2.72
CA GLU D 147 9.49 27.73 2.94
C GLU D 147 10.54 28.71 2.37
N LYS D 148 10.38 29.16 1.13
CA LYS D 148 11.34 30.06 0.53
C LYS D 148 11.23 31.45 1.12
N PHE D 149 9.99 31.87 1.30
CA PHE D 149 9.69 33.19 1.85
C PHE D 149 10.22 33.18 3.27
N LEU D 150 9.89 32.12 3.98
CA LEU D 150 10.30 31.91 5.36
C LEU D 150 11.81 31.97 5.53
N HIS D 151 12.56 31.55 4.51
CA HIS D 151 14.03 31.52 4.55
C HIS D 151 14.58 32.93 4.34
N PHE D 152 14.12 33.57 3.26
CA PHE D 152 14.54 34.91 2.90
C PHE D 152 14.32 35.89 4.05
N MET D 153 13.13 35.84 4.65
CA MET D 153 12.82 36.74 5.76
C MET D 153 13.77 36.50 6.93
N ARG D 154 14.04 35.22 7.21
CA ARG D 154 14.91 34.83 8.32
C ARG D 154 16.42 34.86 8.07
N THR D 155 16.87 35.24 6.88
CA THR D 155 18.31 35.27 6.64
C THR D 155 18.70 36.49 5.83
N GLY D 156 17.71 37.26 5.41
CA GLY D 156 18.01 38.41 4.61
C GLY D 156 18.59 37.91 3.30
N LEU D 157 18.54 36.59 3.09
CA LEU D 157 19.08 36.00 1.88
C LEU D 157 18.12 35.17 1.02
N PRO D 158 18.30 35.20 -0.32
CA PRO D 158 17.47 34.47 -1.28
C PRO D 158 17.66 32.96 -1.10
N TYR D 159 16.59 32.21 -1.32
CA TYR D 159 16.60 30.75 -1.22
C TYR D 159 17.26 30.30 -2.51
N VAL D 160 18.25 29.43 -2.40
CA VAL D 160 18.97 28.97 -3.58
C VAL D 160 18.84 27.50 -3.87
N THR D 161 18.51 27.23 -5.13
CA THR D 161 18.37 25.86 -5.64
C THR D 161 19.35 25.69 -6.79
N LEU D 162 20.15 24.63 -6.74
CA LEU D 162 21.07 24.36 -7.82
C LEU D 162 20.52 23.12 -8.52
N LYS D 163 20.49 23.17 -9.86
CA LYS D 163 19.99 22.05 -10.64
C LYS D 163 20.94 21.77 -11.79
N ALA D 164 21.18 20.50 -12.09
CA ALA D 164 22.04 20.12 -13.21
C ALA D 164 21.67 18.74 -13.69
N ALA D 165 22.05 18.42 -14.91
CA ALA D 165 21.75 17.11 -15.49
C ALA D 165 23.06 16.52 -15.95
N ALA D 166 23.24 15.22 -15.75
CA ALA D 166 24.49 14.60 -16.17
C ALA D 166 24.34 13.10 -16.40
N SER D 167 25.41 12.47 -16.84
CA SER D 167 25.45 11.04 -17.07
C SER D 167 25.52 10.40 -15.69
N LEU D 168 25.45 9.07 -15.63
CA LEU D 168 25.53 8.35 -14.38
C LEU D 168 26.89 8.55 -13.78
N ASP D 169 27.90 8.74 -14.63
CA ASP D 169 29.25 8.95 -14.16
C ASP D 169 29.57 10.44 -13.97
N GLY D 170 28.51 11.23 -13.76
CA GLY D 170 28.64 12.64 -13.47
C GLY D 170 29.19 13.62 -14.48
N LYS D 171 29.10 13.26 -15.76
CA LYS D 171 29.61 14.12 -16.78
C LYS D 171 28.50 14.99 -17.37
N ILE D 172 28.87 16.21 -17.74
CA ILE D 172 27.95 17.20 -18.30
C ILE D 172 27.99 17.23 -19.83
N ALA D 173 28.99 16.56 -20.40
CA ALA D 173 29.19 16.50 -21.85
C ALA D 173 30.41 15.60 -22.09
N THR D 174 30.60 15.14 -23.32
CA THR D 174 31.77 14.30 -23.62
C THR D 174 33.02 15.18 -23.63
N SER D 175 34.18 14.58 -23.80
CA SER D 175 35.39 15.37 -23.81
C SER D 175 35.38 16.43 -24.93
N THR D 176 34.51 16.30 -25.93
CA THR D 176 34.46 17.30 -27.02
C THR D 176 33.38 18.38 -26.88
N GLY D 177 32.66 18.41 -25.77
CA GLY D 177 31.64 19.44 -25.57
C GLY D 177 30.24 19.10 -26.02
N ASP D 178 30.03 17.89 -26.54
CA ASP D 178 28.70 17.49 -26.98
C ASP D 178 27.85 17.05 -25.79
N SER D 179 26.68 17.65 -25.65
CA SER D 179 25.74 17.35 -24.57
C SER D 179 24.31 17.22 -25.12
N LYS D 180 24.20 16.79 -26.38
CA LYS D 180 22.91 16.65 -27.06
C LYS D 180 21.80 15.85 -26.38
N TRP D 181 22.05 14.58 -26.15
CA TRP D 181 21.03 13.73 -25.53
C TRP D 181 21.47 13.32 -24.13
N ILE D 182 21.85 14.30 -23.33
CA ILE D 182 22.32 14.03 -21.98
C ILE D 182 21.18 13.55 -21.07
N THR D 183 20.10 14.32 -20.98
CA THR D 183 18.97 13.90 -20.15
C THR D 183 17.68 13.86 -20.98
N SER D 184 16.71 13.06 -20.52
CA SER D 184 15.42 12.90 -21.21
C SER D 184 14.62 14.19 -21.41
N GLU D 185 13.50 14.07 -22.12
CA GLU D 185 12.60 15.19 -22.40
C GLU D 185 11.67 15.30 -21.20
N ALA D 186 11.50 14.18 -20.52
CA ALA D 186 10.64 14.14 -19.35
C ALA D 186 11.34 14.90 -18.23
N ALA D 187 12.62 14.61 -18.03
CA ALA D 187 13.39 15.25 -16.99
C ALA D 187 13.51 16.73 -17.32
N ARG D 188 13.64 17.04 -18.60
CA ARG D 188 13.74 18.44 -19.03
C ARG D 188 12.43 19.10 -18.67
N GLN D 189 11.35 18.35 -18.86
CA GLN D 189 10.00 18.79 -18.57
C GLN D 189 9.86 19.01 -17.06
N ASP D 190 10.29 18.02 -16.28
CA ASP D 190 10.21 18.11 -14.82
C ASP D 190 11.07 19.24 -14.28
N ALA D 191 12.10 19.61 -15.05
CA ALA D 191 13.00 20.68 -14.65
C ALA D 191 12.37 22.05 -14.87
N GLN D 192 11.50 22.15 -15.87
CA GLN D 192 10.84 23.41 -16.17
C GLN D 192 9.89 23.84 -15.05
N GLN D 193 9.43 22.89 -14.25
CA GLN D 193 8.52 23.25 -13.17
C GLN D 193 9.21 24.29 -12.28
N TYR D 194 10.43 24.01 -11.87
CA TYR D 194 11.17 24.92 -10.99
C TYR D 194 11.29 26.37 -11.46
N ARG D 195 11.15 26.61 -12.76
CA ARG D 195 11.23 27.99 -13.23
C ARG D 195 10.00 28.78 -12.79
N LYS D 196 9.06 28.08 -12.17
CA LYS D 196 7.81 28.66 -11.71
C LYS D 196 7.78 28.91 -10.20
N THR D 197 8.59 28.19 -9.44
CA THR D 197 8.59 28.39 -7.99
C THR D 197 9.73 29.30 -7.55
N HIS D 198 10.40 29.91 -8.53
CA HIS D 198 11.53 30.79 -8.23
C HIS D 198 11.31 32.13 -8.94
N GLN D 199 11.76 33.21 -8.31
CA GLN D 199 11.61 34.54 -8.89
C GLN D 199 12.72 34.90 -9.87
N SER D 200 13.81 34.13 -9.85
CA SER D 200 14.94 34.38 -10.75
C SER D 200 15.61 33.10 -11.26
N ILE D 201 16.27 33.21 -12.41
CA ILE D 201 16.99 32.08 -12.99
C ILE D 201 18.41 32.59 -13.23
N LEU D 202 19.37 31.96 -12.55
CA LEU D 202 20.79 32.33 -12.62
C LEU D 202 21.52 31.49 -13.66
N VAL D 203 22.43 32.10 -14.41
CA VAL D 203 23.17 31.37 -15.42
C VAL D 203 24.42 32.16 -15.80
N GLY D 204 25.52 31.45 -16.07
CA GLY D 204 26.74 32.12 -16.43
C GLY D 204 26.73 32.51 -17.90
N VAL D 205 27.59 33.46 -18.28
CA VAL D 205 27.66 33.90 -19.67
C VAL D 205 28.01 32.73 -20.55
N GLY D 206 28.73 31.76 -19.95
CA GLY D 206 29.12 30.58 -20.70
C GLY D 206 27.90 29.93 -21.34
N THR D 207 26.80 29.96 -20.60
CA THR D 207 25.55 29.38 -21.06
C THR D 207 24.86 30.21 -22.13
N VAL D 208 24.77 31.52 -21.92
CA VAL D 208 24.13 32.39 -22.89
C VAL D 208 24.69 32.10 -24.27
N LYS D 209 26.01 32.08 -24.37
CA LYS D 209 26.68 31.82 -25.65
C LYS D 209 26.58 30.37 -26.08
N ALA D 210 26.56 29.46 -25.12
CA ALA D 210 26.49 28.03 -25.42
C ALA D 210 25.25 27.65 -26.21
N ASP D 211 24.08 27.75 -25.57
CA ASP D 211 22.84 27.40 -26.25
C ASP D 211 21.88 28.56 -26.48
N ASN D 212 22.25 29.75 -26.01
CA ASN D 212 21.40 30.94 -26.17
C ASN D 212 19.96 30.61 -25.80
N PRO D 213 19.68 30.50 -24.49
CA PRO D 213 18.38 30.19 -23.90
C PRO D 213 17.49 31.38 -23.56
N SER D 214 16.18 31.12 -23.51
CA SER D 214 15.20 32.14 -23.17
C SER D 214 15.09 32.22 -21.66
N LEU D 215 15.26 31.07 -21.02
CA LEU D 215 15.17 30.97 -19.57
C LEU D 215 13.79 31.43 -19.14
N THR D 216 12.78 31.06 -19.91
CA THR D 216 11.41 31.43 -19.63
C THR D 216 10.58 30.20 -19.23
N CYS D 217 9.56 30.42 -18.40
CA CYS D 217 8.68 29.35 -17.92
C CYS D 217 7.52 29.11 -18.89
N ARG D 218 7.40 27.87 -19.39
CA ARG D 218 6.34 27.50 -20.34
C ARG D 218 5.17 26.71 -19.76
N LEU D 219 5.32 26.20 -18.54
CA LEU D 219 4.25 25.44 -17.89
C LEU D 219 2.93 26.21 -18.02
N PRO D 220 1.84 25.50 -18.35
CA PRO D 220 0.51 26.11 -18.52
C PRO D 220 0.11 27.03 -17.36
N ASN D 221 -0.01 28.33 -17.65
CA ASN D 221 -0.38 29.38 -16.68
C ASN D 221 0.84 29.99 -15.99
N VAL D 222 1.20 31.20 -16.41
CA VAL D 222 2.34 31.92 -15.85
C VAL D 222 2.23 33.46 -16.00
N THR D 223 2.16 34.13 -14.86
CA THR D 223 2.06 35.60 -14.79
C THR D 223 3.38 36.17 -14.29
N LYS D 224 3.79 37.31 -14.84
CA LYS D 224 5.04 37.94 -14.41
C LYS D 224 6.18 36.93 -14.49
N GLN D 225 6.85 36.87 -15.64
CA GLN D 225 7.96 35.94 -15.82
C GLN D 225 9.12 36.22 -14.84
N PRO D 226 9.89 35.17 -14.50
CA PRO D 226 11.01 35.28 -13.57
C PRO D 226 12.19 36.09 -14.09
N VAL D 227 12.85 36.82 -13.20
CA VAL D 227 14.00 37.64 -13.56
C VAL D 227 15.17 36.78 -14.03
N ARG D 228 15.70 37.13 -15.19
CA ARG D 228 16.83 36.41 -15.75
C ARG D 228 18.13 37.05 -15.31
N VAL D 229 18.92 36.31 -14.53
CA VAL D 229 20.20 36.81 -14.01
C VAL D 229 21.39 36.12 -14.66
N ILE D 230 22.25 36.91 -15.31
CA ILE D 230 23.45 36.38 -15.96
C ILE D 230 24.73 36.79 -15.23
N LEU D 231 25.56 35.82 -14.85
CA LEU D 231 26.80 36.14 -14.17
C LEU D 231 27.88 36.35 -15.22
N ASP D 232 28.32 37.60 -15.37
CA ASP D 232 29.33 37.94 -16.36
C ASP D 232 30.67 38.33 -15.71
N THR D 233 31.50 38.99 -16.52
CA THR D 233 32.83 39.44 -16.08
C THR D 233 33.32 40.47 -17.10
N VAL D 234 33.60 39.99 -18.31
CA VAL D 234 34.09 40.83 -19.40
C VAL D 234 32.91 41.21 -20.29
N LEU D 235 31.71 41.24 -19.70
CA LEU D 235 30.49 41.56 -20.43
C LEU D 235 30.57 40.89 -21.79
N SER D 236 30.83 39.58 -21.75
CA SER D 236 30.96 38.76 -22.95
C SER D 236 29.63 38.40 -23.61
N ILE D 237 28.53 38.67 -22.89
CA ILE D 237 27.20 38.36 -23.39
C ILE D 237 26.94 38.97 -24.77
N PRO D 238 26.79 38.12 -25.79
CA PRO D 238 26.54 38.57 -27.17
C PRO D 238 25.19 39.28 -27.30
N GLU D 239 25.22 40.54 -27.74
CA GLU D 239 23.99 41.31 -27.91
C GLU D 239 23.14 40.60 -28.95
N ASP D 240 23.76 39.60 -29.57
CA ASP D 240 23.13 38.80 -30.60
C ASP D 240 21.65 38.57 -30.38
N ALA D 241 21.28 37.85 -29.31
CA ALA D 241 19.88 37.58 -29.07
C ALA D 241 19.47 37.05 -27.70
N LYS D 242 18.18 36.67 -27.65
CA LYS D 242 17.51 36.12 -26.47
C LYS D 242 17.48 37.03 -25.23
N VAL D 243 18.04 36.57 -24.13
CA VAL D 243 18.01 37.38 -22.90
C VAL D 243 18.20 38.88 -23.13
N ILE D 244 18.69 39.27 -24.30
CA ILE D 244 18.89 40.68 -24.61
C ILE D 244 17.76 41.31 -25.40
N CYS D 245 17.80 41.13 -26.72
CA CYS D 245 16.79 41.68 -27.61
C CYS D 245 15.63 40.72 -27.80
N ASP D 246 15.23 40.06 -26.71
CA ASP D 246 14.12 39.12 -26.69
C ASP D 246 13.28 39.62 -25.53
N GLN D 247 12.77 40.85 -25.69
CA GLN D 247 11.94 41.49 -24.69
C GLN D 247 10.79 40.56 -24.35
N ILE D 248 11.04 39.69 -23.39
CA ILE D 248 10.05 38.72 -22.94
C ILE D 248 9.98 38.78 -21.42
N ALA D 249 10.99 39.40 -20.81
CA ALA D 249 11.06 39.53 -19.36
C ALA D 249 12.38 40.13 -18.94
N PRO D 250 12.53 40.47 -17.65
CA PRO D 250 13.76 41.07 -17.14
C PRO D 250 14.99 40.20 -17.40
N THR D 251 16.14 40.87 -17.57
CA THR D 251 17.41 40.21 -17.81
C THR D 251 18.53 41.04 -17.17
N TRP D 252 18.75 40.83 -15.88
CA TRP D 252 19.78 41.55 -15.14
C TRP D 252 21.15 40.94 -15.41
N ILE D 253 22.18 41.77 -15.41
CA ILE D 253 23.54 41.28 -15.67
C ILE D 253 24.55 41.83 -14.68
N PHE D 254 25.26 40.94 -14.00
CA PHE D 254 26.29 41.35 -13.05
C PHE D 254 27.61 41.31 -13.80
N THR D 255 28.28 42.47 -13.91
CA THR D 255 29.57 42.56 -14.60
C THR D 255 30.64 43.21 -13.71
N THR D 256 31.80 43.49 -14.29
CA THR D 256 32.90 44.09 -13.55
C THR D 256 33.69 45.16 -14.29
N ALA D 257 34.89 45.42 -13.77
CA ALA D 257 35.81 46.41 -14.32
C ALA D 257 35.91 46.32 -15.83
N ARG D 258 36.61 45.28 -16.30
CA ARG D 258 36.85 45.05 -17.73
C ARG D 258 35.60 45.07 -18.61
N ALA D 259 34.52 45.65 -18.09
CA ALA D 259 33.28 45.74 -18.83
C ALA D 259 33.36 46.93 -19.78
N ASP D 260 33.32 46.64 -21.08
CA ASP D 260 33.38 47.67 -22.11
C ASP D 260 32.41 48.79 -21.74
N GLU D 261 32.89 50.03 -21.80
CA GLU D 261 32.09 51.21 -21.45
C GLU D 261 30.98 51.45 -22.49
N GLU D 262 31.35 51.32 -23.77
CA GLU D 262 30.43 51.51 -24.89
C GLU D 262 29.21 50.60 -24.87
N LYS D 263 29.46 49.29 -24.81
CA LYS D 263 28.40 48.30 -24.81
C LYS D 263 27.56 48.32 -23.53
N LYS D 264 28.16 48.67 -22.39
CA LYS D 264 27.42 48.71 -21.12
C LYS D 264 26.09 49.43 -21.33
N LYS D 265 26.14 50.53 -22.07
CA LYS D 265 24.95 51.32 -22.36
C LYS D 265 24.27 50.85 -23.64
N ARG D 266 25.07 50.44 -24.64
CA ARG D 266 24.52 49.96 -25.90
C ARG D 266 23.44 48.91 -25.64
N LEU D 267 23.59 48.22 -24.51
CA LEU D 267 22.65 47.19 -24.09
C LEU D 267 21.60 47.78 -23.17
N SER D 268 22.04 48.46 -22.10
CA SER D 268 21.14 49.08 -21.14
C SER D 268 20.05 49.85 -21.89
N ALA D 269 20.27 50.08 -23.18
CA ALA D 269 19.36 50.81 -24.07
C ALA D 269 18.04 50.11 -24.37
N PHE D 270 17.95 48.82 -24.04
CA PHE D 270 16.73 48.05 -24.30
C PHE D 270 15.82 48.10 -23.08
N GLY D 271 16.31 47.50 -22.00
CA GLY D 271 15.58 47.43 -20.75
C GLY D 271 16.42 46.50 -19.90
N VAL D 272 17.62 46.22 -20.41
CA VAL D 272 18.57 45.33 -19.76
C VAL D 272 19.32 46.06 -18.65
N ASN D 273 19.29 45.50 -17.45
CA ASN D 273 20.00 46.08 -16.31
C ASN D 273 21.49 45.74 -16.40
N ILE D 274 22.31 46.44 -15.62
CA ILE D 274 23.75 46.22 -15.64
C ILE D 274 24.44 46.59 -14.33
N PHE D 275 24.48 45.64 -13.40
CA PHE D 275 25.13 45.88 -12.11
C PHE D 275 26.64 45.73 -12.26
N THR D 276 27.38 46.58 -11.56
CA THR D 276 28.84 46.53 -11.63
C THR D 276 29.44 46.33 -10.25
N LEU D 277 30.31 45.33 -10.12
CA LEU D 277 30.94 45.05 -8.84
C LEU D 277 32.39 45.54 -8.83
N GLU D 278 32.84 45.95 -7.65
CA GLU D 278 34.20 46.46 -7.48
C GLU D 278 35.27 45.41 -7.21
N THR D 279 35.23 44.30 -7.97
CA THR D 279 36.19 43.21 -7.84
C THR D 279 36.33 42.56 -9.21
N GLU D 280 37.48 41.93 -9.48
CA GLU D 280 37.67 41.30 -10.77
C GLU D 280 37.04 39.91 -10.73
N ARG D 281 36.66 39.49 -9.54
CA ARG D 281 36.02 38.20 -9.33
C ARG D 281 34.58 38.41 -8.86
N ILE D 282 33.62 38.05 -9.69
CA ILE D 282 32.21 38.19 -9.33
C ILE D 282 31.98 37.25 -8.14
N GLN D 283 31.96 37.78 -6.93
CA GLN D 283 31.78 36.95 -5.75
C GLN D 283 30.32 36.64 -5.42
N ILE D 284 29.92 35.40 -5.66
CA ILE D 284 28.56 34.93 -5.41
C ILE D 284 27.83 35.53 -4.21
N PRO D 285 28.43 35.49 -3.01
CA PRO D 285 27.75 36.07 -1.84
C PRO D 285 27.35 37.52 -2.07
N ASP D 286 28.15 38.24 -2.84
CA ASP D 286 27.84 39.63 -3.14
C ASP D 286 26.61 39.66 -4.04
N VAL D 287 26.59 38.80 -5.06
CA VAL D 287 25.46 38.75 -5.99
C VAL D 287 24.14 38.49 -5.27
N LEU D 288 24.10 37.45 -4.45
CA LEU D 288 22.90 37.10 -3.71
C LEU D 288 22.41 38.24 -2.81
N LYS D 289 23.33 38.95 -2.17
CA LYS D 289 22.97 40.06 -1.29
C LYS D 289 22.28 41.19 -2.05
N ILE D 290 22.76 41.45 -3.26
CA ILE D 290 22.20 42.47 -4.15
C ILE D 290 20.76 42.05 -4.48
N LEU D 291 20.63 40.80 -4.92
CA LEU D 291 19.34 40.24 -5.28
C LEU D 291 18.40 40.33 -4.08
N ALA D 292 18.88 39.94 -2.91
CA ALA D 292 18.10 40.00 -1.69
C ALA D 292 17.62 41.42 -1.42
N GLU D 293 18.35 42.39 -2.00
CA GLU D 293 18.02 43.80 -1.85
C GLU D 293 16.92 44.14 -2.85
N GLU D 294 17.14 43.78 -4.11
CA GLU D 294 16.17 44.05 -5.17
C GLU D 294 14.84 43.29 -5.01
N GLY D 295 14.57 42.80 -3.80
CA GLY D 295 13.32 42.10 -3.53
C GLY D 295 13.24 40.64 -3.93
N ILE D 296 14.27 40.15 -4.60
CA ILE D 296 14.31 38.76 -5.03
C ILE D 296 14.38 37.85 -3.80
N MET D 297 13.62 36.77 -3.80
CA MET D 297 13.63 35.87 -2.66
C MET D 297 14.09 34.45 -2.98
N SER D 298 14.17 34.11 -4.25
CA SER D 298 14.58 32.76 -4.63
C SER D 298 15.34 32.76 -5.93
N VAL D 299 16.31 31.86 -6.05
CA VAL D 299 17.08 31.76 -7.28
C VAL D 299 17.25 30.32 -7.73
N TYR D 300 17.03 30.11 -9.01
CA TYR D 300 17.15 28.79 -9.59
C TYR D 300 18.40 28.78 -10.48
N VAL D 301 19.56 28.46 -9.89
CA VAL D 301 20.82 28.43 -10.64
C VAL D 301 20.93 27.13 -11.43
N GLU D 302 20.97 27.23 -12.75
CA GLU D 302 21.04 26.02 -13.54
C GLU D 302 22.22 25.88 -14.47
N GLY D 303 22.91 26.97 -14.74
CA GLY D 303 24.01 26.88 -15.69
C GLY D 303 25.46 27.14 -15.29
N GLY D 304 26.33 26.33 -15.87
CA GLY D 304 27.75 26.44 -15.63
C GLY D 304 28.21 25.64 -14.44
N SER D 305 29.11 24.68 -14.68
CA SER D 305 29.69 23.87 -13.61
C SER D 305 30.50 24.79 -12.70
N ALA D 306 31.19 25.76 -13.29
CA ALA D 306 31.97 26.70 -12.50
C ALA D 306 31.01 27.53 -11.65
N VAL D 307 29.91 27.97 -12.27
CA VAL D 307 28.91 28.74 -11.55
C VAL D 307 28.41 27.94 -10.36
N HIS D 308 28.09 26.67 -10.59
CA HIS D 308 27.64 25.81 -9.50
C HIS D 308 28.74 25.63 -8.47
N GLY D 309 29.98 25.52 -8.94
CA GLY D 309 31.12 25.37 -8.04
C GLY D 309 31.23 26.57 -7.12
N SER D 310 31.14 27.76 -7.71
CA SER D 310 31.19 28.98 -6.92
C SER D 310 30.17 28.89 -5.76
N PHE D 311 28.89 28.68 -6.09
CA PHE D 311 27.85 28.57 -5.06
C PHE D 311 28.19 27.49 -4.01
N VAL D 312 28.71 26.36 -4.45
CA VAL D 312 29.05 25.26 -3.54
C VAL D 312 30.19 25.59 -2.56
N LYS D 313 31.31 26.09 -3.08
CA LYS D 313 32.43 26.44 -2.21
C LYS D 313 31.92 27.47 -1.20
N GLU D 314 31.27 28.52 -1.71
CA GLU D 314 30.72 29.57 -0.86
C GLU D 314 29.64 29.06 0.10
N GLY D 315 29.11 27.87 -0.18
CA GLY D 315 28.07 27.32 0.67
C GLY D 315 26.76 28.07 0.55
N CYS D 316 26.48 28.62 -0.63
CA CYS D 316 25.26 29.40 -0.87
C CYS D 316 24.13 28.65 -1.55
N PHE D 317 23.57 27.66 -0.88
CA PHE D 317 22.46 26.92 -1.48
C PHE D 317 21.66 26.18 -0.41
N GLN D 318 20.37 26.05 -0.66
CA GLN D 318 19.48 25.36 0.27
C GLN D 318 19.00 24.08 -0.38
N GLU D 319 19.18 24.00 -1.70
CA GLU D 319 18.73 22.81 -2.41
C GLU D 319 19.60 22.44 -3.61
N ILE D 320 19.84 21.14 -3.73
CA ILE D 320 20.60 20.56 -4.80
C ILE D 320 19.68 19.58 -5.52
N ILE D 321 19.57 19.73 -6.83
CA ILE D 321 18.73 18.84 -7.63
C ILE D 321 19.52 18.38 -8.86
N PHE D 322 19.97 17.13 -8.84
CA PHE D 322 20.72 16.57 -9.94
C PHE D 322 19.88 15.50 -10.66
N TYR D 323 19.95 15.50 -11.99
CA TYR D 323 19.24 14.52 -12.81
C TYR D 323 20.27 13.58 -13.45
N PHE D 324 20.16 12.28 -13.17
CA PHE D 324 21.10 11.31 -13.72
C PHE D 324 20.47 10.45 -14.82
N ALA D 325 21.10 10.43 -15.98
CA ALA D 325 20.63 9.62 -17.08
C ALA D 325 21.41 8.29 -17.05
N PRO D 326 20.76 7.20 -17.47
CA PRO D 326 21.40 5.90 -17.47
C PRO D 326 22.42 5.78 -18.60
N LYS D 327 23.46 6.60 -18.51
CA LYS D 327 24.49 6.62 -19.53
C LYS D 327 25.85 6.81 -18.85
N LEU D 328 26.89 6.35 -19.53
CA LEU D 328 28.24 6.53 -19.05
C LEU D 328 28.95 7.28 -20.18
N ILE D 329 29.49 8.45 -19.86
CA ILE D 329 30.20 9.24 -20.86
C ILE D 329 31.69 9.03 -20.69
N GLY D 330 32.13 8.96 -19.44
CA GLY D 330 33.52 8.77 -19.13
C GLY D 330 34.40 9.80 -19.79
N GLY D 331 35.71 9.59 -19.68
CA GLY D 331 36.66 10.49 -20.31
C GLY D 331 37.29 11.54 -19.44
N THR D 332 38.60 11.41 -19.22
CA THR D 332 39.32 12.41 -18.45
C THR D 332 39.13 13.61 -19.37
N HIS D 333 38.96 14.79 -18.80
CA HIS D 333 38.76 15.99 -19.62
C HIS D 333 37.31 16.18 -20.06
N ALA D 334 36.47 15.21 -19.75
CA ALA D 334 35.06 15.38 -20.05
C ALA D 334 34.62 16.26 -18.88
N PRO D 335 33.89 17.36 -19.16
CA PRO D 335 33.42 18.27 -18.12
C PRO D 335 32.58 17.59 -17.05
N SER D 336 32.87 17.89 -15.79
CA SER D 336 32.13 17.29 -14.68
C SER D 336 31.07 18.23 -14.12
N LEU D 337 30.14 17.68 -13.34
CA LEU D 337 29.05 18.44 -12.74
C LEU D 337 29.39 19.78 -12.13
N ILE D 338 30.40 19.80 -11.26
CA ILE D 338 30.82 21.02 -10.57
C ILE D 338 32.32 21.21 -10.71
N SER D 339 32.72 22.33 -11.33
CA SER D 339 34.13 22.62 -11.51
C SER D 339 34.57 23.86 -10.74
N GLY D 340 35.84 24.22 -10.89
CA GLY D 340 36.37 25.38 -10.19
C GLY D 340 37.12 24.96 -8.94
N GLU D 341 37.30 25.89 -8.01
CA GLU D 341 38.03 25.62 -6.77
C GLU D 341 37.75 24.27 -6.12
N GLY D 342 36.66 24.20 -5.36
CA GLY D 342 36.34 22.95 -4.70
C GLY D 342 37.07 22.82 -3.37
N PHE D 343 36.84 21.72 -2.68
CA PHE D 343 37.50 21.48 -1.41
C PHE D 343 38.67 20.53 -1.56
N GLN D 344 39.78 20.90 -0.92
CA GLN D 344 41.00 20.08 -0.95
C GLN D 344 40.99 18.97 0.09
N SER D 345 40.41 19.21 1.26
CA SER D 345 40.34 18.18 2.30
C SER D 345 38.95 17.64 2.52
N MET D 346 38.84 16.33 2.70
CA MET D 346 37.55 15.71 2.90
C MET D 346 36.92 16.16 4.22
N LYS D 347 37.75 16.45 5.22
CA LYS D 347 37.21 16.90 6.49
C LYS D 347 36.41 18.20 6.30
N ASP D 348 36.74 18.93 5.23
CA ASP D 348 36.08 20.20 4.94
C ASP D 348 34.91 20.11 3.93
N VAL D 349 34.40 18.91 3.69
CA VAL D 349 33.27 18.76 2.77
C VAL D 349 31.99 18.72 3.61
N PRO D 350 31.08 19.67 3.39
CA PRO D 350 29.83 19.71 4.16
C PRO D 350 28.96 18.47 3.92
N LEU D 351 28.47 17.86 4.99
CA LEU D 351 27.61 16.69 4.85
C LEU D 351 26.20 17.19 4.55
N LEU D 352 25.60 16.61 3.51
CA LEU D 352 24.26 16.98 3.11
C LEU D 352 23.33 15.86 3.48
N GLN D 353 22.09 15.97 3.03
CA GLN D 353 21.09 14.99 3.34
C GLN D 353 20.21 14.80 2.12
N PHE D 354 20.01 13.56 1.73
CA PHE D 354 19.13 13.30 0.59
C PHE D 354 17.72 13.41 1.13
N THR D 355 16.90 14.17 0.42
CA THR D 355 15.53 14.38 0.82
C THR D 355 14.55 13.69 -0.11
N ASP D 356 15.00 13.34 -1.32
CA ASP D 356 14.09 12.72 -2.25
C ASP D 356 14.75 11.98 -3.41
N ILE D 357 14.18 10.82 -3.75
CA ILE D 357 14.68 10.01 -4.85
C ILE D 357 13.52 9.71 -5.79
N THR D 358 13.39 10.49 -6.85
CA THR D 358 12.29 10.29 -7.79
C THR D 358 12.75 9.80 -9.15
N GLN D 359 12.09 8.78 -9.68
CA GLN D 359 12.43 8.26 -10.99
C GLN D 359 11.57 9.00 -11.99
N ILE D 360 12.19 9.51 -13.04
CA ILE D 360 11.46 10.24 -14.07
C ILE D 360 11.93 9.75 -15.43
N GLY D 361 11.03 9.11 -16.16
CA GLY D 361 11.43 8.57 -17.45
C GLY D 361 12.55 7.58 -17.17
N ARG D 362 13.52 7.50 -18.06
CA ARG D 362 14.64 6.60 -17.87
C ARG D 362 15.64 7.18 -16.85
N ASP D 363 15.42 8.41 -16.41
CA ASP D 363 16.36 9.05 -15.49
C ASP D 363 15.98 9.06 -14.01
N ILE D 364 16.99 9.17 -13.14
CA ILE D 364 16.75 9.24 -11.70
C ILE D 364 17.09 10.65 -11.29
N LYS D 365 16.20 11.27 -10.53
CA LYS D 365 16.41 12.64 -10.11
C LYS D 365 16.68 12.61 -8.61
N LEU D 366 17.83 13.15 -8.21
CA LEU D 366 18.21 13.17 -6.81
C LEU D 366 18.19 14.57 -6.23
N THR D 367 17.56 14.75 -5.08
CA THR D 367 17.56 16.06 -4.46
C THR D 367 18.16 15.94 -3.06
N ALA D 368 19.02 16.88 -2.71
CA ALA D 368 19.69 16.87 -1.41
C ALA D 368 19.66 18.25 -0.76
N LYS D 369 19.74 18.29 0.57
CA LYS D 369 19.74 19.56 1.30
C LYS D 369 20.84 19.52 2.35
N PRO D 370 21.32 20.69 2.78
CA PRO D 370 22.37 20.81 3.79
C PRO D 370 21.96 20.33 5.17
N THR D 371 22.91 19.71 5.88
CA THR D 371 22.71 19.22 7.24
C THR D 371 21.24 19.13 7.67
ZN ZN E . 9.78 -38.14 14.45
ZN ZN F . -28.58 31.93 -4.98
ZN ZN G . 22.79 -33.44 -12.12
ZN ZN H . -2.90 40.99 8.15
#